data_6Y06
#
_entry.id   6Y06
#
_entity_poly.entity_id   1
_entity_poly.type   'polypeptide(L)'
_entity_poly.pdbx_seq_one_letter_code
;MGSSHHHHHHSSGLVPRGSHMEAAAAARDESAYLKLQEQMRKIDADAAALSETRTIEELDTFKLDVADFVTTVVQLAEEL
EHRFGRNRRGRTEIYKIVKEVDRKLLDLTDAVLAKEKKGEDILNMVAEIKALLINIYK
;
_entity_poly.pdbx_strand_id   A
#
# COMPACT_ATOMS: atom_id res chain seq x y z
N GLU A 22 30.75 0.20 -13.48
CA GLU A 22 29.50 -0.09 -12.79
C GLU A 22 28.88 1.20 -12.23
N ALA A 23 27.57 1.34 -12.40
CA ALA A 23 26.88 2.52 -11.91
C ALA A 23 26.99 2.62 -10.39
N ALA A 24 27.05 3.85 -9.88
CA ALA A 24 27.17 4.06 -8.45
C ALA A 24 25.98 3.45 -7.72
N ALA A 25 26.23 2.92 -6.52
CA ALA A 25 25.19 2.28 -5.73
C ALA A 25 24.75 3.19 -4.59
N ALA A 26 23.48 3.10 -4.21
CA ALA A 26 22.95 3.91 -3.12
C ALA A 26 22.85 3.09 -1.85
N ALA A 27 22.83 3.77 -0.71
CA ALA A 27 22.73 3.10 0.58
C ALA A 27 21.50 2.19 0.63
N ARG A 28 21.59 1.12 1.42
CA ARG A 28 20.51 0.14 1.50
C ARG A 28 19.19 0.82 1.86
N ASP A 29 19.24 1.78 2.78
CA ASP A 29 18.03 2.49 3.19
C ASP A 29 17.44 3.26 2.03
N GLU A 30 18.30 3.88 1.23
CA GLU A 30 17.85 4.64 0.07
C GLU A 30 17.40 3.71 -1.05
N SER A 31 18.12 2.60 -1.24
CA SER A 31 17.81 1.67 -2.31
C SER A 31 16.41 1.09 -2.13
N ALA A 32 16.05 0.79 -0.90
CA ALA A 32 14.72 0.26 -0.61
C ALA A 32 13.65 1.32 -0.85
N TYR A 33 13.95 2.56 -0.47
CA TYR A 33 13.00 3.66 -0.64
C TYR A 33 12.62 3.83 -2.11
N LEU A 34 13.63 3.82 -2.98
CA LEU A 34 13.38 4.05 -4.40
C LEU A 34 12.44 3.01 -5.00
N LYS A 35 12.71 1.74 -4.73
CA LYS A 35 11.91 0.67 -5.31
C LYS A 35 10.47 0.71 -4.83
N LEU A 36 10.27 1.10 -3.57
CA LEU A 36 8.93 1.20 -3.03
C LEU A 36 8.08 2.16 -3.87
N GLN A 37 8.69 3.25 -4.33
CA GLN A 37 7.99 4.18 -5.20
C GLN A 37 7.49 3.48 -6.46
N GLU A 38 8.32 2.61 -7.02
CA GLU A 38 7.94 1.87 -8.21
C GLU A 38 6.74 0.96 -7.95
N GLN A 39 6.70 0.36 -6.76
CA GLN A 39 5.57 -0.49 -6.40
C GLN A 39 4.26 0.27 -6.46
N MET A 40 4.29 1.54 -6.03
CA MET A 40 3.09 2.35 -6.00
C MET A 40 2.49 2.51 -7.40
N ARG A 41 3.35 2.67 -8.39
CA ARG A 41 2.88 2.86 -9.76
C ARG A 41 2.00 1.70 -10.20
N LYS A 42 2.40 0.49 -9.83
CA LYS A 42 1.61 -0.70 -10.16
C LYS A 42 0.25 -0.62 -9.49
N ILE A 43 0.23 -0.20 -8.23
CA ILE A 43 -1.03 -0.02 -7.51
C ILE A 43 -1.88 1.03 -8.21
N ASP A 44 -1.24 2.13 -8.60
CA ASP A 44 -1.92 3.20 -9.33
C ASP A 44 -2.49 2.66 -10.65
N ALA A 45 -1.72 1.82 -11.33
CA ALA A 45 -2.16 1.22 -12.57
C ALA A 45 -3.32 0.26 -12.29
N ASP A 46 -3.18 -0.53 -11.23
CA ASP A 46 -4.25 -1.44 -10.83
C ASP A 46 -5.53 -0.66 -10.49
N ALA A 47 -5.36 0.50 -9.85
CA ALA A 47 -6.50 1.33 -9.50
C ALA A 47 -7.30 1.71 -10.74
N ALA A 48 -6.58 2.01 -11.82
CA ALA A 48 -7.24 2.32 -13.09
C ALA A 48 -7.99 1.09 -13.61
N ALA A 49 -7.37 -0.08 -13.49
CA ALA A 49 -7.99 -1.32 -13.92
C ALA A 49 -9.22 -1.62 -13.06
N LEU A 50 -9.08 -1.42 -11.76
CA LEU A 50 -10.21 -1.64 -10.85
C LEU A 50 -11.40 -0.76 -11.24
N SER A 51 -11.11 0.49 -11.62
CA SER A 51 -12.16 1.37 -12.13
C SER A 51 -12.69 0.84 -13.47
N GLU A 52 -11.77 0.37 -14.32
CA GLU A 52 -12.14 -0.10 -15.65
C GLU A 52 -12.99 -1.37 -15.60
N THR A 53 -12.72 -2.25 -14.64
CA THR A 53 -13.42 -3.54 -14.57
C THR A 53 -14.03 -3.77 -13.19
N ARG A 54 -15.09 -4.57 -13.15
CA ARG A 54 -15.78 -4.86 -11.89
C ARG A 54 -15.40 -6.23 -11.30
N THR A 55 -14.52 -6.98 -11.96
CA THR A 55 -14.18 -8.32 -11.50
C THR A 55 -13.41 -8.29 -10.18
N ILE A 56 -13.88 -9.08 -9.22
CA ILE A 56 -13.19 -9.20 -7.93
C ILE A 56 -11.83 -9.88 -8.05
N GLU A 57 -11.66 -10.72 -9.08
CA GLU A 57 -10.44 -11.51 -9.22
C GLU A 57 -9.21 -10.60 -9.21
N GLU A 58 -9.31 -9.45 -9.87
CA GLU A 58 -8.22 -8.49 -9.87
C GLU A 58 -7.99 -7.92 -8.46
N LEU A 59 -9.09 -7.68 -7.74
CA LEU A 59 -9.01 -7.16 -6.38
C LEU A 59 -8.27 -8.14 -5.46
N ASP A 60 -8.48 -9.43 -5.67
CA ASP A 60 -7.86 -10.45 -4.82
C ASP A 60 -6.35 -10.29 -4.80
N THR A 61 -5.77 -9.99 -5.95
CA THR A 61 -4.33 -9.75 -6.03
C THR A 61 -3.96 -8.40 -5.41
N PHE A 62 -4.82 -7.40 -5.60
CA PHE A 62 -4.55 -6.07 -5.07
C PHE A 62 -4.40 -6.10 -3.56
N LYS A 63 -5.33 -6.77 -2.88
CA LYS A 63 -5.29 -6.82 -1.42
C LYS A 63 -3.98 -7.45 -0.96
N LEU A 64 -3.55 -8.51 -1.64
CA LEU A 64 -2.30 -9.18 -1.30
C LEU A 64 -1.10 -8.30 -1.65
N ASP A 65 -1.18 -7.61 -2.80
CA ASP A 65 -0.08 -6.78 -3.26
C ASP A 65 0.24 -5.70 -2.25
N VAL A 66 -0.79 -5.10 -1.67
CA VAL A 66 -0.59 -4.06 -0.66
C VAL A 66 0.15 -4.63 0.55
N ALA A 67 -0.18 -5.87 0.93
CA ALA A 67 0.46 -6.51 2.07
C ALA A 67 1.98 -6.57 1.86
N ASP A 68 2.40 -6.87 0.64
CA ASP A 68 3.82 -6.91 0.32
C ASP A 68 4.43 -5.52 0.50
N PHE A 69 3.73 -4.51 0.03
CA PHE A 69 4.20 -3.13 0.19
C PHE A 69 4.24 -2.75 1.68
N VAL A 70 3.18 -3.09 2.40
CA VAL A 70 3.10 -2.77 3.82
C VAL A 70 4.19 -3.53 4.57
N THR A 71 4.33 -4.83 4.29
CA THR A 71 5.31 -5.65 4.99
C THR A 71 6.72 -5.10 4.77
N THR A 72 7.01 -4.69 3.54
CA THR A 72 8.31 -4.14 3.22
C THR A 72 8.55 -2.84 3.99
N VAL A 73 7.53 -1.98 4.04
CA VAL A 73 7.65 -0.72 4.74
C VAL A 73 7.74 -0.97 6.25
N VAL A 74 6.89 -1.85 6.77
CA VAL A 74 6.90 -2.17 8.19
C VAL A 74 8.22 -2.83 8.55
N GLN A 75 8.64 -3.80 7.75
CA GLN A 75 9.92 -4.47 7.98
C GLN A 75 11.06 -3.47 7.85
N LEU A 76 10.98 -2.60 6.85
CA LEU A 76 11.99 -1.56 6.68
C LEU A 76 12.04 -0.67 7.92
N ALA A 77 10.87 -0.33 8.45
CA ALA A 77 10.80 0.49 9.66
C ALA A 77 11.47 -0.24 10.83
N GLU A 78 11.25 -1.54 10.92
CA GLU A 78 11.84 -2.35 11.98
C GLU A 78 13.36 -2.34 11.89
N GLU A 79 13.87 -2.43 10.66
CA GLU A 79 15.32 -2.45 10.46
C GLU A 79 15.95 -1.11 10.82
N LEU A 80 15.24 -0.01 10.56
CA LEU A 80 15.78 1.32 10.84
C LEU A 80 16.17 1.45 12.30
N GLU A 81 15.32 0.96 13.21
CA GLU A 81 15.61 1.04 14.63
C GLU A 81 16.75 0.09 15.00
N HIS A 82 16.74 -1.10 14.43
CA HIS A 82 17.72 -2.12 14.78
C HIS A 82 19.10 -1.82 14.21
N ARG A 83 19.14 -1.41 12.94
CA ARG A 83 20.42 -1.29 12.24
C ARG A 83 20.99 0.14 12.33
N PHE A 84 20.50 1.04 11.48
CA PHE A 84 21.05 2.40 11.43
C PHE A 84 20.76 3.19 12.71
N GLY A 85 19.61 2.92 13.31
CA GLY A 85 19.18 3.66 14.50
C GLY A 85 18.51 4.99 14.14
N ARG A 86 17.92 5.07 12.94
CA ARG A 86 17.21 6.29 12.53
C ARG A 86 15.78 5.95 12.12
N ASN A 87 14.85 6.06 13.06
CA ASN A 87 13.44 5.81 12.76
C ASN A 87 12.62 7.09 12.94
N ARG A 88 11.95 7.51 11.88
CA ARG A 88 11.19 8.75 11.90
C ARG A 88 10.09 8.72 12.98
N ARG A 89 9.51 7.55 13.19
CA ARG A 89 8.40 7.46 14.16
C ARG A 89 8.41 6.09 14.86
N GLY A 90 7.65 6.00 15.94
CA GLY A 90 7.60 4.77 16.73
C GLY A 90 6.77 3.69 16.04
N ARG A 91 6.90 2.46 16.52
CA ARG A 91 6.19 1.33 15.94
C ARG A 91 4.68 1.50 16.06
N THR A 92 4.22 2.06 17.17
CA THR A 92 2.79 2.17 17.43
C THR A 92 2.10 3.02 16.37
N GLU A 93 2.72 4.12 15.98
CA GLU A 93 2.14 4.99 14.98
C GLU A 93 2.05 4.28 13.62
N ILE A 94 3.06 3.48 13.31
CA ILE A 94 3.07 2.74 12.04
C ILE A 94 1.92 1.74 12.02
N TYR A 95 1.70 1.05 13.13
CA TYR A 95 0.67 0.02 13.21
C TYR A 95 -0.71 0.63 13.02
N LYS A 96 -0.93 1.81 13.60
CA LYS A 96 -2.23 2.48 13.49
C LYS A 96 -2.61 2.67 12.03
N ILE A 97 -1.63 3.06 11.22
CA ILE A 97 -1.86 3.30 9.80
C ILE A 97 -2.23 2.01 9.08
N VAL A 98 -1.56 0.91 9.45
CA VAL A 98 -1.77 -0.36 8.77
C VAL A 98 -3.23 -0.83 8.96
N LYS A 99 -3.73 -0.73 10.18
CA LYS A 99 -5.08 -1.19 10.46
C LYS A 99 -6.11 -0.46 9.60
N GLU A 100 -5.89 0.84 9.39
CA GLU A 100 -6.81 1.63 8.57
C GLU A 100 -6.78 1.17 7.11
N VAL A 101 -5.60 0.79 6.63
CA VAL A 101 -5.47 0.37 5.24
C VAL A 101 -6.29 -0.90 4.99
N ASP A 102 -6.23 -1.83 5.94
CA ASP A 102 -6.90 -3.11 5.78
C ASP A 102 -8.41 -2.91 5.60
N ARG A 103 -8.98 -2.00 6.37
CA ARG A 103 -10.43 -1.77 6.32
C ARG A 103 -10.85 -1.29 4.94
N LYS A 104 -10.07 -0.41 4.34
CA LYS A 104 -10.41 0.15 3.04
C LYS A 104 -10.50 -0.93 1.97
N LEU A 105 -9.50 -1.81 1.93
CA LEU A 105 -9.51 -2.91 0.98
C LEU A 105 -10.67 -3.86 1.27
N LEU A 106 -10.93 -4.10 2.55
CA LEU A 106 -12.04 -4.97 2.95
C LEU A 106 -13.37 -4.36 2.53
N ASP A 107 -13.51 -3.05 2.74
CA ASP A 107 -14.73 -2.35 2.35
C ASP A 107 -14.92 -2.40 0.85
N LEU A 108 -13.83 -2.22 0.10
CA LEU A 108 -13.89 -2.25 -1.35
C LEU A 108 -14.38 -3.62 -1.84
N THR A 109 -13.94 -4.68 -1.17
CA THR A 109 -14.36 -6.03 -1.54
C THR A 109 -15.88 -6.13 -1.45
N ASP A 110 -16.46 -5.55 -0.40
CA ASP A 110 -17.90 -5.58 -0.22
C ASP A 110 -18.61 -4.89 -1.38
N ALA A 111 -18.04 -3.79 -1.85
CA ALA A 111 -18.62 -3.05 -2.96
C ALA A 111 -18.67 -3.90 -4.22
N VAL A 112 -17.60 -4.66 -4.45
CA VAL A 112 -17.53 -5.51 -5.64
C VAL A 112 -18.63 -6.58 -5.56
N LEU A 113 -18.78 -7.17 -4.38
CA LEU A 113 -19.84 -8.16 -4.17
C LEU A 113 -21.23 -7.53 -4.29
N ALA A 114 -21.35 -6.26 -3.90
CA ALA A 114 -22.64 -5.58 -3.92
C ALA A 114 -23.25 -5.62 -5.31
N LYS A 115 -24.57 -5.75 -5.36
CA LYS A 115 -25.28 -5.86 -6.64
C LYS A 115 -25.05 -4.63 -7.51
N GLU A 116 -25.03 -3.45 -6.89
CA GLU A 116 -24.85 -2.20 -7.64
C GLU A 116 -23.47 -1.61 -7.40
N LYS A 117 -22.88 -1.05 -8.46
CA LYS A 117 -21.56 -0.45 -8.36
C LYS A 117 -21.21 0.29 -9.65
N LYS A 118 -20.37 1.33 -9.54
CA LYS A 118 -19.93 2.08 -10.71
C LYS A 118 -18.43 2.39 -10.61
N GLY A 119 -17.83 2.74 -11.75
CA GLY A 119 -16.39 2.92 -11.82
C GLY A 119 -15.87 3.92 -10.80
N GLU A 120 -16.58 5.04 -10.65
CA GLU A 120 -16.12 6.09 -9.75
C GLU A 120 -16.08 5.62 -8.30
N ASP A 121 -17.07 4.82 -7.91
CA ASP A 121 -17.10 4.29 -6.55
C ASP A 121 -15.86 3.46 -6.25
N ILE A 122 -15.44 2.67 -7.24
CA ILE A 122 -14.27 1.81 -7.06
C ILE A 122 -13.01 2.66 -6.85
N LEU A 123 -12.82 3.63 -7.74
CA LEU A 123 -11.60 4.44 -7.71
C LEU A 123 -11.52 5.28 -6.44
N ASN A 124 -12.64 5.84 -6.01
CA ASN A 124 -12.65 6.69 -4.84
C ASN A 124 -12.10 5.97 -3.62
N MET A 125 -12.47 4.69 -3.49
CA MET A 125 -11.99 3.89 -2.37
C MET A 125 -10.47 3.70 -2.46
N VAL A 126 -9.99 3.46 -3.67
CA VAL A 126 -8.56 3.22 -3.89
C VAL A 126 -7.75 4.50 -3.66
N ALA A 127 -8.30 5.63 -4.05
CA ALA A 127 -7.60 6.90 -3.94
C ALA A 127 -7.14 7.15 -2.50
N GLU A 128 -7.98 6.77 -1.54
CA GLU A 128 -7.62 6.99 -0.13
C GLU A 128 -6.64 5.93 0.36
N ILE A 129 -6.65 4.72 -0.21
CA ILE A 129 -5.67 3.71 0.14
C ILE A 129 -4.25 4.24 -0.13
N LYS A 130 -4.09 4.95 -1.25
CA LYS A 130 -2.79 5.51 -1.61
C LYS A 130 -2.28 6.43 -0.51
N ALA A 131 -3.16 7.27 0.01
CA ALA A 131 -2.76 8.26 1.00
C ALA A 131 -2.16 7.58 2.22
N LEU A 132 -2.77 6.47 2.64
CA LEU A 132 -2.27 5.73 3.79
C LEU A 132 -0.88 5.16 3.52
N LEU A 133 -0.63 4.74 2.28
CA LEU A 133 0.66 4.19 1.92
C LEU A 133 1.75 5.27 1.84
N ILE A 134 1.36 6.50 1.49
CA ILE A 134 2.34 7.58 1.35
C ILE A 134 2.95 7.90 2.73
N ASN A 135 2.12 8.18 3.72
CA ASN A 135 2.64 8.63 5.01
C ASN A 135 3.49 7.57 5.72
N ILE A 136 3.34 6.30 5.33
CA ILE A 136 4.26 5.27 5.82
C ILE A 136 5.54 5.20 4.98
N TYR A 137 5.44 5.54 3.69
CA TYR A 137 6.59 5.58 2.81
C TYR A 137 7.63 6.58 3.33
N LYS A 138 7.16 7.72 3.83
CA LYS A 138 8.03 8.73 4.41
C LYS A 138 7.64 9.06 5.85
N GLU A 22 31.67 -2.14 -9.38
CA GLU A 22 31.63 -0.98 -10.26
C GLU A 22 30.82 0.15 -9.64
N ALA A 23 29.61 -0.18 -9.20
CA ALA A 23 28.74 0.81 -8.57
C ALA A 23 28.77 0.68 -7.05
N ALA A 24 28.69 1.80 -6.35
CA ALA A 24 28.72 1.79 -4.90
C ALA A 24 27.54 1.00 -4.34
N ALA A 25 27.78 0.26 -3.27
CA ALA A 25 26.73 -0.53 -2.64
C ALA A 25 25.65 0.37 -2.07
N ALA A 26 24.41 -0.09 -2.12
CA ALA A 26 23.29 0.70 -1.61
C ALA A 26 22.91 0.23 -0.21
N ALA A 27 22.62 1.20 0.67
CA ALA A 27 22.23 0.88 2.04
C ALA A 27 20.89 0.16 2.05
N ARG A 28 20.68 -0.69 3.05
CA ARG A 28 19.44 -1.46 3.15
C ARG A 28 18.23 -0.54 3.16
N ASP A 29 18.35 0.57 3.89
CA ASP A 29 17.24 1.52 3.97
C ASP A 29 17.01 2.22 2.63
N GLU A 30 18.09 2.56 1.94
CA GLU A 30 17.97 3.25 0.66
C GLU A 30 17.40 2.33 -0.40
N SER A 31 17.83 1.07 -0.40
CA SER A 31 17.38 0.11 -1.40
C SER A 31 15.88 -0.09 -1.33
N ALA A 32 15.35 -0.16 -0.12
CA ALA A 32 13.92 -0.38 0.07
C ALA A 32 13.11 0.86 -0.29
N TYR A 33 13.58 2.03 0.13
CA TYR A 33 12.85 3.27 -0.09
C TYR A 33 12.60 3.51 -1.58
N LEU A 34 13.64 3.36 -2.38
CA LEU A 34 13.52 3.57 -3.82
C LEU A 34 12.54 2.59 -4.45
N LYS A 35 12.54 1.36 -3.95
CA LYS A 35 11.66 0.32 -4.49
C LYS A 35 10.20 0.74 -4.37
N LEU A 36 9.85 1.34 -3.25
CA LEU A 36 8.45 1.71 -3.01
C LEU A 36 7.96 2.69 -4.05
N GLN A 37 8.73 3.74 -4.32
CA GLN A 37 8.30 4.75 -5.28
C GLN A 37 8.01 4.14 -6.64
N GLU A 38 8.85 3.20 -7.06
CA GLU A 38 8.64 2.52 -8.32
C GLU A 38 7.34 1.72 -8.33
N GLN A 39 6.98 1.15 -7.19
CA GLN A 39 5.77 0.34 -7.08
C GLN A 39 4.50 1.18 -7.15
N MET A 40 4.50 2.34 -6.48
CA MET A 40 3.26 3.09 -6.29
C MET A 40 2.53 3.35 -7.60
N ARG A 41 3.27 3.69 -8.66
CA ARG A 41 2.64 3.96 -9.94
C ARG A 41 1.90 2.72 -10.46
N LYS A 42 2.52 1.55 -10.28
CA LYS A 42 1.91 0.30 -10.71
C LYS A 42 0.62 0.03 -9.94
N ILE A 43 0.63 0.33 -8.64
CA ILE A 43 -0.55 0.09 -7.80
C ILE A 43 -1.74 0.87 -8.36
N ASP A 44 -1.52 2.16 -8.66
CA ASP A 44 -2.58 2.99 -9.19
C ASP A 44 -3.11 2.42 -10.50
N ALA A 45 -2.21 1.95 -11.34
CA ALA A 45 -2.60 1.39 -12.64
C ALA A 45 -3.43 0.13 -12.44
N ASP A 46 -2.99 -0.74 -11.55
CA ASP A 46 -3.71 -1.98 -11.28
C ASP A 46 -5.08 -1.68 -10.69
N ALA A 47 -5.16 -0.70 -9.80
CA ALA A 47 -6.41 -0.33 -9.18
C ALA A 47 -7.38 0.25 -10.20
N ALA A 48 -6.86 1.05 -11.12
CA ALA A 48 -7.69 1.65 -12.15
C ALA A 48 -8.22 0.59 -13.11
N ALA A 49 -7.40 -0.41 -13.42
CA ALA A 49 -7.78 -1.43 -14.38
C ALA A 49 -8.95 -2.28 -13.85
N LEU A 50 -8.83 -2.73 -12.61
CA LEU A 50 -9.87 -3.58 -12.02
C LEU A 50 -11.14 -2.79 -11.69
N SER A 51 -10.98 -1.51 -11.34
CA SER A 51 -12.13 -0.70 -10.95
C SER A 51 -13.13 -0.57 -12.09
N GLU A 52 -12.64 -0.50 -13.32
CA GLU A 52 -13.53 -0.35 -14.48
C GLU A 52 -14.39 -1.60 -14.66
N THR A 53 -13.80 -2.77 -14.48
CA THR A 53 -14.53 -4.02 -14.64
C THR A 53 -15.19 -4.51 -13.34
N ARG A 54 -14.76 -3.99 -12.20
CA ARG A 54 -15.33 -4.40 -10.91
C ARG A 54 -15.17 -5.91 -10.73
N THR A 55 -14.02 -6.45 -11.14
CA THR A 55 -13.78 -7.88 -11.03
C THR A 55 -13.09 -8.22 -9.72
N ILE A 56 -13.64 -9.20 -9.00
CA ILE A 56 -13.07 -9.63 -7.73
C ILE A 56 -11.82 -10.50 -7.92
N GLU A 57 -11.77 -11.25 -9.03
CA GLU A 57 -10.66 -12.17 -9.26
C GLU A 57 -9.33 -11.43 -9.24
N GLU A 58 -9.30 -10.25 -9.84
CA GLU A 58 -8.10 -9.42 -9.82
C GLU A 58 -7.82 -8.88 -8.42
N LEU A 59 -8.88 -8.55 -7.69
CA LEU A 59 -8.73 -8.01 -6.34
C LEU A 59 -7.91 -8.95 -5.45
N ASP A 60 -8.13 -10.26 -5.61
CA ASP A 60 -7.38 -11.23 -4.83
C ASP A 60 -5.88 -11.07 -5.07
N THR A 61 -5.50 -10.87 -6.32
CA THR A 61 -4.11 -10.63 -6.67
C THR A 61 -3.63 -9.30 -6.09
N PHE A 62 -4.50 -8.29 -6.13
CA PHE A 62 -4.16 -6.97 -5.61
C PHE A 62 -3.74 -7.06 -4.15
N LYS A 63 -4.52 -7.79 -3.35
CA LYS A 63 -4.20 -7.93 -1.93
C LYS A 63 -2.81 -8.53 -1.75
N LEU A 64 -2.48 -9.50 -2.58
CA LEU A 64 -1.15 -10.11 -2.52
C LEU A 64 -0.08 -9.08 -2.87
N ASP A 65 -0.36 -8.26 -3.89
CA ASP A 65 0.58 -7.22 -4.30
C ASP A 65 0.74 -6.18 -3.19
N VAL A 66 -0.39 -5.81 -2.58
CA VAL A 66 -0.36 -4.85 -1.48
C VAL A 66 0.36 -5.46 -0.28
N ALA A 67 0.12 -6.74 -0.01
CA ALA A 67 0.75 -7.42 1.11
C ALA A 67 2.27 -7.33 1.00
N ASP A 68 2.78 -7.54 -0.20
CA ASP A 68 4.21 -7.40 -0.45
C ASP A 68 4.65 -5.97 -0.16
N PHE A 69 3.84 -5.00 -0.59
CA PHE A 69 4.13 -3.60 -0.37
C PHE A 69 4.15 -3.28 1.12
N VAL A 70 3.13 -3.76 1.84
CA VAL A 70 3.04 -3.50 3.27
C VAL A 70 4.23 -4.13 3.99
N THR A 71 4.57 -5.36 3.62
CA THR A 71 5.70 -6.04 4.25
C THR A 71 7.00 -5.29 4.01
N THR A 72 7.15 -4.74 2.82
CA THR A 72 8.38 -4.03 2.47
C THR A 72 8.56 -2.78 3.33
N VAL A 73 7.50 -1.99 3.46
CA VAL A 73 7.59 -0.74 4.22
C VAL A 73 7.71 -1.02 5.72
N VAL A 74 7.04 -2.08 6.20
CA VAL A 74 7.17 -2.47 7.60
C VAL A 74 8.63 -2.81 7.89
N GLN A 75 9.26 -3.54 6.97
CA GLN A 75 10.68 -3.85 7.10
C GLN A 75 11.51 -2.56 7.07
N LEU A 76 11.10 -1.60 6.24
CA LEU A 76 11.80 -0.32 6.18
C LEU A 76 11.79 0.36 7.55
N ALA A 77 10.68 0.25 8.26
CA ALA A 77 10.58 0.84 9.59
C ALA A 77 11.67 0.28 10.50
N GLU A 78 11.93 -1.03 10.39
CA GLU A 78 13.00 -1.65 11.14
C GLU A 78 14.36 -1.10 10.70
N GLU A 79 14.51 -0.86 9.40
CA GLU A 79 15.77 -0.35 8.87
C GLU A 79 16.06 1.03 9.43
N LEU A 80 15.02 1.87 9.54
CA LEU A 80 15.18 3.20 10.10
C LEU A 80 15.58 3.12 11.57
N GLU A 81 15.00 2.16 12.30
CA GLU A 81 15.31 2.00 13.71
C GLU A 81 16.79 1.73 13.92
N HIS A 82 17.35 0.88 13.07
CA HIS A 82 18.77 0.53 13.17
C HIS A 82 19.64 1.75 12.88
N ARG A 83 19.32 2.45 11.80
CA ARG A 83 20.12 3.60 11.38
C ARG A 83 20.13 4.68 12.46
N PHE A 84 18.97 4.94 13.05
CA PHE A 84 18.84 6.00 14.05
C PHE A 84 18.78 5.47 15.49
N GLY A 85 19.02 4.17 15.69
CA GLY A 85 18.88 3.58 17.01
C GLY A 85 17.40 3.39 17.33
N ARG A 86 16.66 4.49 17.29
CA ARG A 86 15.21 4.45 17.42
C ARG A 86 14.57 5.15 16.22
N ASN A 87 13.46 4.61 15.75
CA ASN A 87 12.78 5.19 14.59
C ASN A 87 11.98 6.42 14.99
N ARG A 88 12.20 7.51 14.26
CA ARG A 88 11.50 8.77 14.56
C ARG A 88 9.99 8.57 14.63
N ARG A 89 9.47 7.63 13.84
CA ARG A 89 8.07 7.20 13.99
C ARG A 89 8.03 5.79 14.58
N GLY A 90 7.27 5.63 15.67
CA GLY A 90 7.29 4.37 16.40
C GLY A 90 6.54 3.27 15.67
N ARG A 91 6.67 2.05 16.18
CA ARG A 91 6.03 0.89 15.57
C ARG A 91 4.51 1.06 15.55
N THR A 92 3.96 1.64 16.62
CA THR A 92 2.52 1.82 16.73
C THR A 92 1.97 2.61 15.54
N GLU A 93 2.67 3.68 15.18
CA GLU A 93 2.22 4.51 14.07
C GLU A 93 2.23 3.72 12.76
N ILE A 94 3.25 2.90 12.57
CA ILE A 94 3.38 2.11 11.34
C ILE A 94 2.24 1.11 11.22
N TYR A 95 1.95 0.42 12.32
CA TYR A 95 0.92 -0.63 12.30
C TYR A 95 -0.47 -0.03 12.05
N LYS A 96 -0.74 1.12 12.65
CA LYS A 96 -2.06 1.72 12.56
C LYS A 96 -2.43 1.98 11.10
N ILE A 97 -1.48 2.50 10.32
CA ILE A 97 -1.74 2.76 8.91
C ILE A 97 -2.11 1.48 8.19
N VAL A 98 -1.38 0.40 8.50
CA VAL A 98 -1.65 -0.88 7.87
C VAL A 98 -3.07 -1.33 8.20
N LYS A 99 -3.47 -1.15 9.47
CA LYS A 99 -4.81 -1.53 9.89
C LYS A 99 -5.86 -0.77 9.07
N GLU A 100 -5.61 0.53 8.86
CA GLU A 100 -6.55 1.34 8.10
C GLU A 100 -6.64 0.87 6.65
N VAL A 101 -5.50 0.49 6.08
CA VAL A 101 -5.46 0.02 4.70
C VAL A 101 -6.32 -1.23 4.56
N ASP A 102 -6.23 -2.13 5.53
CA ASP A 102 -7.00 -3.36 5.49
C ASP A 102 -8.50 -3.06 5.47
N ARG A 103 -8.92 -2.07 6.26
CA ARG A 103 -10.33 -1.71 6.32
C ARG A 103 -10.82 -1.17 4.98
N LYS A 104 -10.04 -0.27 4.39
CA LYS A 104 -10.41 0.31 3.11
C LYS A 104 -10.41 -0.76 2.02
N LEU A 105 -9.39 -1.61 2.02
CA LEU A 105 -9.33 -2.71 1.07
C LEU A 105 -10.47 -3.68 1.31
N LEU A 106 -10.77 -3.96 2.58
CA LEU A 106 -11.87 -4.83 2.92
C LEU A 106 -13.19 -4.21 2.49
N ASP A 107 -13.33 -2.90 2.73
CA ASP A 107 -14.53 -2.18 2.33
C ASP A 107 -14.70 -2.23 0.81
N LEU A 108 -13.59 -2.06 0.09
CA LEU A 108 -13.61 -2.12 -1.36
C LEU A 108 -14.08 -3.50 -1.83
N THR A 109 -13.63 -4.55 -1.15
CA THR A 109 -14.04 -5.90 -1.49
C THR A 109 -15.56 -6.04 -1.42
N ASP A 110 -16.15 -5.47 -0.38
CA ASP A 110 -17.59 -5.50 -0.22
C ASP A 110 -18.28 -4.84 -1.40
N ALA A 111 -17.71 -3.74 -1.88
CA ALA A 111 -18.27 -3.02 -3.03
C ALA A 111 -18.18 -3.88 -4.29
N VAL A 112 -17.06 -4.58 -4.45
CA VAL A 112 -16.88 -5.43 -5.62
C VAL A 112 -17.92 -6.54 -5.62
N LEU A 113 -18.14 -7.14 -4.45
CA LEU A 113 -19.15 -8.19 -4.33
C LEU A 113 -20.54 -7.63 -4.64
N ALA A 114 -20.81 -6.43 -4.13
CA ALA A 114 -22.09 -5.77 -4.36
C ALA A 114 -22.21 -5.19 -5.77
N LYS A 115 -21.08 -5.02 -6.48
CA LYS A 115 -21.10 -4.42 -7.81
C LYS A 115 -21.61 -2.98 -7.72
N GLU A 116 -20.96 -2.19 -6.87
CA GLU A 116 -21.39 -0.82 -6.61
C GLU A 116 -21.50 -0.03 -7.91
N LYS A 117 -22.74 0.23 -8.33
CA LYS A 117 -22.98 0.99 -9.55
C LYS A 117 -22.38 2.39 -9.45
N LYS A 118 -22.43 2.98 -8.26
CA LYS A 118 -21.91 4.33 -8.07
C LYS A 118 -20.41 4.37 -8.34
N GLY A 119 -20.04 4.92 -9.49
CA GLY A 119 -18.63 5.02 -9.86
C GLY A 119 -17.85 5.86 -8.85
N GLU A 120 -18.49 6.89 -8.31
CA GLU A 120 -17.81 7.79 -7.39
C GLU A 120 -17.35 7.04 -6.13
N ASP A 121 -18.15 6.08 -5.68
CA ASP A 121 -17.80 5.33 -4.48
C ASP A 121 -16.46 4.64 -4.63
N ILE A 122 -16.24 4.00 -5.77
CA ILE A 122 -14.98 3.32 -6.02
C ILE A 122 -13.82 4.31 -6.11
N LEU A 123 -14.08 5.46 -6.72
CA LEU A 123 -13.03 6.45 -6.94
C LEU A 123 -12.42 6.93 -5.62
N ASN A 124 -13.25 7.16 -4.61
CA ASN A 124 -12.75 7.71 -3.35
C ASN A 124 -12.15 6.63 -2.47
N MET A 125 -12.71 5.42 -2.51
CA MET A 125 -12.19 4.32 -1.71
C MET A 125 -10.76 3.99 -2.13
N VAL A 126 -10.51 4.02 -3.43
CA VAL A 126 -9.16 3.77 -3.94
C VAL A 126 -8.22 4.90 -3.52
N ALA A 127 -8.72 6.14 -3.56
CA ALA A 127 -7.89 7.30 -3.24
C ALA A 127 -7.41 7.24 -1.80
N GLU A 128 -8.31 6.85 -0.89
CA GLU A 128 -7.95 6.76 0.53
C GLU A 128 -6.88 5.69 0.74
N ILE A 129 -7.01 4.57 0.04
CA ILE A 129 -6.03 3.50 0.14
C ILE A 129 -4.66 4.02 -0.31
N LYS A 130 -4.64 4.73 -1.43
CA LYS A 130 -3.38 5.26 -1.96
C LYS A 130 -2.73 6.21 -0.94
N ALA A 131 -3.55 7.01 -0.27
CA ALA A 131 -3.03 8.00 0.66
C ALA A 131 -2.25 7.32 1.79
N LEU A 132 -2.78 6.21 2.28
CA LEU A 132 -2.13 5.49 3.39
C LEU A 132 -0.79 4.90 2.94
N LEU A 133 -0.76 4.39 1.72
CA LEU A 133 0.47 3.78 1.21
C LEU A 133 1.58 4.81 1.06
N ILE A 134 1.22 6.01 0.62
CA ILE A 134 2.20 7.08 0.46
C ILE A 134 2.74 7.51 1.82
N ASN A 135 1.82 7.79 2.75
CA ASN A 135 2.19 8.32 4.05
C ASN A 135 3.03 7.32 4.86
N ILE A 136 2.77 6.04 4.68
CA ILE A 136 3.39 5.02 5.53
C ILE A 136 4.92 5.04 5.46
N TYR A 137 5.48 5.50 4.34
CA TYR A 137 6.94 5.55 4.18
C TYR A 137 7.49 6.99 4.23
N LYS A 138 6.73 7.92 4.80
CA LYS A 138 7.21 9.29 4.93
C LYS A 138 7.98 9.47 6.24
N GLU A 22 24.24 -9.25 -8.81
CA GLU A 22 23.54 -10.25 -8.01
C GLU A 22 23.19 -9.69 -6.63
N ALA A 23 24.21 -9.23 -5.91
CA ALA A 23 24.00 -8.68 -4.58
C ALA A 23 24.05 -7.15 -4.63
N ALA A 24 23.19 -6.52 -3.83
CA ALA A 24 23.15 -5.06 -3.79
C ALA A 24 24.42 -4.50 -3.17
N ALA A 25 24.87 -3.35 -3.67
CA ALA A 25 26.07 -2.71 -3.17
C ALA A 25 25.74 -1.52 -2.27
N ALA A 26 24.64 -1.61 -1.53
CA ALA A 26 24.22 -0.53 -0.65
C ALA A 26 23.49 -1.09 0.56
N ALA A 27 23.38 -0.27 1.61
CA ALA A 27 22.69 -0.70 2.83
C ALA A 27 21.26 -1.12 2.51
N ARG A 28 20.76 -2.10 3.25
CA ARG A 28 19.43 -2.63 3.00
C ARG A 28 18.38 -1.52 3.06
N ASP A 29 18.56 -0.58 3.99
CA ASP A 29 17.62 0.53 4.12
C ASP A 29 17.58 1.36 2.84
N GLU A 30 18.76 1.58 2.25
CA GLU A 30 18.83 2.33 1.00
C GLU A 30 18.24 1.52 -0.14
N SER A 31 18.52 0.22 -0.16
CA SER A 31 18.03 -0.66 -1.21
C SER A 31 16.51 -0.73 -1.18
N ALA A 32 15.94 -0.81 0.02
CA ALA A 32 14.50 -0.93 0.17
C ALA A 32 13.78 0.28 -0.41
N TYR A 33 14.36 1.46 -0.21
CA TYR A 33 13.76 2.69 -0.71
C TYR A 33 13.62 2.64 -2.23
N LEU A 34 14.66 2.16 -2.90
CA LEU A 34 14.65 2.10 -4.36
C LEU A 34 13.56 1.15 -4.85
N LYS A 35 13.45 -0.02 -4.23
CA LYS A 35 12.45 -0.99 -4.63
C LYS A 35 11.04 -0.45 -4.42
N LEU A 36 10.84 0.30 -3.34
CA LEU A 36 9.52 0.83 -3.03
C LEU A 36 8.99 1.70 -4.16
N GLN A 37 9.88 2.48 -4.77
CA GLN A 37 9.48 3.38 -5.85
C GLN A 37 8.91 2.59 -7.03
N GLU A 38 9.57 1.48 -7.37
CA GLU A 38 9.11 0.65 -8.47
C GLU A 38 7.80 -0.06 -8.11
N GLN A 39 7.75 -0.56 -6.87
CA GLN A 39 6.57 -1.27 -6.40
C GLN A 39 5.33 -0.37 -6.42
N MET A 40 5.53 0.90 -6.05
CA MET A 40 4.43 1.85 -6.00
C MET A 40 3.74 1.98 -7.37
N ARG A 41 4.54 1.94 -8.43
CA ARG A 41 4.01 2.12 -9.78
C ARG A 41 2.97 1.04 -10.10
N LYS A 42 3.23 -0.18 -9.65
CA LYS A 42 2.32 -1.28 -9.91
C LYS A 42 0.94 -1.00 -9.31
N ILE A 43 0.92 -0.53 -8.07
CA ILE A 43 -0.33 -0.20 -7.41
C ILE A 43 -1.00 0.97 -8.11
N ASP A 44 -0.20 1.99 -8.45
CA ASP A 44 -0.73 3.17 -9.12
C ASP A 44 -1.38 2.81 -10.45
N ALA A 45 -0.77 1.87 -11.17
CA ALA A 45 -1.32 1.45 -12.46
C ALA A 45 -2.67 0.77 -12.27
N ASP A 46 -2.75 -0.11 -11.28
CA ASP A 46 -4.00 -0.80 -10.99
C ASP A 46 -5.09 0.18 -10.56
N ALA A 47 -4.70 1.18 -9.77
CA ALA A 47 -5.65 2.17 -9.29
C ALA A 47 -6.27 2.97 -10.44
N ALA A 48 -5.48 3.20 -11.50
CA ALA A 48 -5.97 3.98 -12.63
C ALA A 48 -7.21 3.33 -13.26
N ALA A 49 -7.22 2.00 -13.31
CA ALA A 49 -8.35 1.27 -13.88
C ALA A 49 -9.13 0.48 -12.83
N LEU A 50 -9.07 0.92 -11.57
CA LEU A 50 -9.81 0.24 -10.50
C LEU A 50 -11.31 0.30 -10.78
N SER A 51 -11.78 1.45 -11.27
CA SER A 51 -13.19 1.61 -11.59
C SER A 51 -13.65 0.58 -12.62
N GLU A 52 -12.78 0.28 -13.58
CA GLU A 52 -13.11 -0.70 -14.62
C GLU A 52 -13.35 -2.08 -14.02
N THR A 53 -12.61 -2.42 -12.98
CA THR A 53 -12.75 -3.74 -12.34
C THR A 53 -13.95 -3.74 -11.39
N ARG A 54 -14.76 -4.78 -11.48
CA ARG A 54 -15.93 -4.91 -10.61
C ARG A 54 -16.07 -6.33 -10.04
N THR A 55 -14.94 -7.00 -9.84
CA THR A 55 -14.96 -8.37 -9.33
C THR A 55 -13.91 -8.57 -8.24
N ILE A 56 -14.15 -9.54 -7.36
CA ILE A 56 -13.24 -9.81 -6.23
C ILE A 56 -12.07 -10.69 -6.64
N GLU A 57 -12.24 -11.53 -7.67
CA GLU A 57 -11.19 -12.44 -8.08
C GLU A 57 -9.95 -11.70 -8.57
N GLU A 58 -10.17 -10.58 -9.26
CA GLU A 58 -9.05 -9.77 -9.74
C GLU A 58 -8.29 -9.11 -8.60
N LEU A 59 -9.01 -8.73 -7.54
CA LEU A 59 -8.40 -8.05 -6.40
C LEU A 59 -7.26 -8.87 -5.79
N ASP A 60 -7.33 -10.20 -5.89
CA ASP A 60 -6.31 -11.06 -5.30
C ASP A 60 -4.91 -10.65 -5.74
N THR A 61 -4.77 -10.27 -7.00
CA THR A 61 -3.48 -9.81 -7.51
C THR A 61 -3.09 -8.48 -6.85
N PHE A 62 -4.07 -7.61 -6.67
CA PHE A 62 -3.83 -6.31 -6.04
C PHE A 62 -3.36 -6.49 -4.60
N LYS A 63 -4.01 -7.38 -3.86
CA LYS A 63 -3.70 -7.56 -2.45
C LYS A 63 -2.22 -7.91 -2.26
N LEU A 64 -1.70 -8.75 -3.14
CA LEU A 64 -0.29 -9.14 -3.05
C LEU A 64 0.62 -7.94 -3.31
N ASP A 65 0.24 -7.09 -4.25
CA ASP A 65 1.03 -5.90 -4.56
C ASP A 65 1.11 -4.98 -3.35
N VAL A 66 0.00 -4.84 -2.64
CA VAL A 66 -0.04 -4.01 -1.44
C VAL A 66 0.88 -4.61 -0.37
N ALA A 67 0.86 -5.93 -0.23
CA ALA A 67 1.68 -6.60 0.77
C ALA A 67 3.15 -6.27 0.55
N ASP A 68 3.58 -6.26 -0.71
CA ASP A 68 4.95 -5.90 -1.03
C ASP A 68 5.26 -4.48 -0.58
N PHE A 69 4.31 -3.57 -0.81
CA PHE A 69 4.48 -2.19 -0.39
C PHE A 69 4.59 -2.09 1.13
N VAL A 70 3.68 -2.78 1.83
CA VAL A 70 3.69 -2.78 3.29
C VAL A 70 4.97 -3.44 3.80
N THR A 71 5.35 -4.56 3.18
CA THR A 71 6.55 -5.27 3.59
C THR A 71 7.78 -4.39 3.37
N THR A 72 7.83 -3.71 2.23
CA THR A 72 8.97 -2.88 1.89
C THR A 72 9.07 -1.65 2.79
N VAL A 73 7.95 -0.96 2.98
CA VAL A 73 7.95 0.27 3.77
C VAL A 73 8.26 -0.02 5.23
N VAL A 74 7.67 -1.09 5.77
CA VAL A 74 7.93 -1.47 7.15
C VAL A 74 9.38 -1.91 7.30
N GLN A 75 9.89 -2.66 6.32
CA GLN A 75 11.27 -3.11 6.34
C GLN A 75 12.22 -1.92 6.45
N LEU A 76 11.91 -0.85 5.72
CA LEU A 76 12.70 0.37 5.80
C LEU A 76 12.73 0.91 7.23
N ALA A 77 11.60 0.83 7.91
CA ALA A 77 11.50 1.32 9.28
C ALA A 77 12.41 0.53 10.22
N GLU A 78 12.49 -0.78 10.00
CA GLU A 78 13.25 -1.65 10.88
C GLU A 78 14.74 -1.30 10.87
N GLU A 79 15.28 -1.01 9.69
CA GLU A 79 16.71 -0.75 9.55
C GLU A 79 17.08 0.60 10.15
N LEU A 80 16.24 1.61 9.92
CA LEU A 80 16.55 2.96 10.37
C LEU A 80 16.55 3.07 11.89
N GLU A 81 15.59 2.41 12.54
CA GLU A 81 15.50 2.47 14.00
C GLU A 81 16.72 1.84 14.68
N HIS A 82 17.30 0.84 14.06
CA HIS A 82 18.47 0.16 14.64
C HIS A 82 19.58 1.17 14.94
N ARG A 83 19.78 2.11 14.02
CA ARG A 83 20.80 3.14 14.21
C ARG A 83 20.18 4.43 14.73
N PHE A 84 19.39 5.10 13.90
CA PHE A 84 18.78 6.38 14.27
C PHE A 84 17.93 6.25 15.54
N GLY A 85 17.29 5.09 15.71
CA GLY A 85 16.41 4.89 16.86
C GLY A 85 14.95 4.93 16.44
N ARG A 86 14.45 6.15 16.21
CA ARG A 86 13.06 6.32 15.78
C ARG A 86 12.99 7.27 14.59
N ASN A 87 12.00 7.05 13.72
CA ASN A 87 11.86 7.85 12.50
C ASN A 87 10.53 8.59 12.51
N ARG A 88 10.25 9.31 11.42
CA ARG A 88 8.98 10.01 11.27
C ARG A 88 7.80 9.05 11.45
N ARG A 89 7.97 7.81 10.96
CA ARG A 89 6.99 6.77 11.20
C ARG A 89 7.66 5.60 11.93
N GLY A 90 7.15 5.28 13.12
CA GLY A 90 7.72 4.19 13.91
C GLY A 90 7.28 2.84 13.35
N ARG A 91 8.11 1.82 13.53
CA ARG A 91 7.79 0.49 13.01
C ARG A 91 6.42 0.02 13.47
N THR A 92 6.11 0.27 14.73
CA THR A 92 4.81 -0.10 15.27
C THR A 92 3.70 0.73 14.63
N GLU A 93 3.97 2.03 14.45
CA GLU A 93 2.96 2.94 13.92
C GLU A 93 2.49 2.49 12.54
N ILE A 94 3.40 1.97 11.73
CA ILE A 94 3.04 1.54 10.38
C ILE A 94 1.98 0.43 10.45
N TYR A 95 2.18 -0.51 11.36
CA TYR A 95 1.23 -1.62 11.49
C TYR A 95 -0.16 -1.11 11.89
N LYS A 96 -0.21 -0.10 12.75
CA LYS A 96 -1.49 0.44 13.19
C LYS A 96 -2.29 1.01 12.02
N ILE A 97 -1.64 1.83 11.20
CA ILE A 97 -2.35 2.49 10.10
C ILE A 97 -2.68 1.50 8.98
N VAL A 98 -1.80 0.53 8.74
CA VAL A 98 -2.05 -0.45 7.69
C VAL A 98 -3.34 -1.21 7.97
N LYS A 99 -3.59 -1.54 9.23
CA LYS A 99 -4.83 -2.21 9.59
C LYS A 99 -6.04 -1.38 9.18
N GLU A 100 -5.94 -0.06 9.32
CA GLU A 100 -7.02 0.82 8.89
C GLU A 100 -7.17 0.79 7.37
N VAL A 101 -6.05 0.75 6.66
CA VAL A 101 -6.07 0.64 5.21
C VAL A 101 -6.67 -0.70 4.79
N ASP A 102 -6.33 -1.76 5.51
CA ASP A 102 -6.84 -3.09 5.20
C ASP A 102 -8.36 -3.09 5.17
N ARG A 103 -8.96 -2.40 6.14
CA ARG A 103 -10.42 -2.29 6.18
C ARG A 103 -10.93 -1.61 4.91
N LYS A 104 -10.21 -0.61 4.43
CA LYS A 104 -10.60 0.07 3.20
C LYS A 104 -10.58 -0.91 2.03
N LEU A 105 -9.56 -1.76 1.98
CA LEU A 105 -9.44 -2.75 0.91
C LEU A 105 -10.53 -3.81 1.03
N LEU A 106 -10.77 -4.27 2.25
CA LEU A 106 -11.82 -5.26 2.48
C LEU A 106 -13.20 -4.65 2.21
N ASP A 107 -13.39 -3.42 2.66
CA ASP A 107 -14.63 -2.71 2.35
C ASP A 107 -14.79 -2.56 0.85
N LEU A 108 -13.69 -2.25 0.17
CA LEU A 108 -13.70 -2.17 -1.29
C LEU A 108 -14.10 -3.52 -1.87
N THR A 109 -13.53 -4.59 -1.32
CA THR A 109 -13.87 -5.94 -1.77
C THR A 109 -15.37 -6.18 -1.59
N ASP A 110 -15.91 -5.75 -0.46
CA ASP A 110 -17.33 -5.89 -0.19
C ASP A 110 -18.14 -5.03 -1.16
N ALA A 111 -17.66 -3.83 -1.44
CA ALA A 111 -18.35 -2.92 -2.35
C ALA A 111 -18.35 -3.45 -3.77
N VAL A 112 -17.21 -4.01 -4.19
CA VAL A 112 -17.11 -4.55 -5.54
C VAL A 112 -18.14 -5.66 -5.74
N LEU A 113 -18.25 -6.55 -4.77
CA LEU A 113 -19.23 -7.63 -4.84
C LEU A 113 -20.64 -7.11 -4.61
N ALA A 114 -20.77 -6.21 -3.64
CA ALA A 114 -22.08 -5.72 -3.23
C ALA A 114 -22.72 -4.82 -4.28
N LYS A 115 -21.92 -3.98 -4.91
CA LYS A 115 -22.46 -2.99 -5.84
C LYS A 115 -22.59 -3.55 -7.25
N GLU A 116 -23.82 -3.88 -7.64
CA GLU A 116 -24.09 -4.34 -8.99
C GLU A 116 -23.97 -3.20 -10.01
N LYS A 117 -24.40 -2.00 -9.60
CA LYS A 117 -24.35 -0.84 -10.48
C LYS A 117 -23.15 0.04 -10.13
N LYS A 118 -22.56 0.66 -11.16
CA LYS A 118 -21.41 1.54 -10.96
C LYS A 118 -21.84 2.84 -10.32
N GLY A 119 -21.00 3.38 -9.44
CA GLY A 119 -21.31 4.64 -8.77
C GLY A 119 -20.07 5.28 -8.16
N GLU A 120 -20.24 6.46 -7.57
CA GLU A 120 -19.14 7.19 -6.96
C GLU A 120 -18.58 6.44 -5.75
N ASP A 121 -19.40 5.64 -5.08
CA ASP A 121 -18.98 4.98 -3.85
C ASP A 121 -17.68 4.19 -4.04
N ILE A 122 -17.56 3.51 -5.18
CA ILE A 122 -16.34 2.77 -5.47
C ILE A 122 -15.17 3.74 -5.66
N LEU A 123 -15.39 4.76 -6.48
CA LEU A 123 -14.33 5.71 -6.80
C LEU A 123 -13.84 6.45 -5.56
N ASN A 124 -14.77 6.82 -4.69
CA ASN A 124 -14.42 7.58 -3.49
C ASN A 124 -13.42 6.81 -2.62
N MET A 125 -13.66 5.53 -2.46
CA MET A 125 -12.80 4.70 -1.63
C MET A 125 -11.43 4.51 -2.27
N VAL A 126 -11.40 4.33 -3.59
CA VAL A 126 -10.15 4.09 -4.29
C VAL A 126 -9.18 5.25 -4.06
N ALA A 127 -9.71 6.47 -4.07
CA ALA A 127 -8.86 7.64 -3.82
C ALA A 127 -8.30 7.59 -2.41
N GLU A 128 -9.12 7.19 -1.45
CA GLU A 128 -8.68 7.12 -0.05
C GLU A 128 -7.61 6.05 0.14
N ILE A 129 -7.83 4.89 -0.48
CA ILE A 129 -6.86 3.80 -0.38
C ILE A 129 -5.51 4.26 -0.93
N LYS A 130 -5.54 4.88 -2.10
CA LYS A 130 -4.32 5.41 -2.71
C LYS A 130 -3.68 6.47 -1.81
N ALA A 131 -4.51 7.31 -1.21
CA ALA A 131 -4.02 8.39 -0.37
C ALA A 131 -3.34 7.86 0.89
N LEU A 132 -3.93 6.83 1.49
CA LEU A 132 -3.38 6.28 2.72
C LEU A 132 -1.97 5.75 2.51
N LEU A 133 -1.73 5.12 1.37
CA LEU A 133 -0.41 4.62 1.05
C LEU A 133 0.60 5.77 1.00
N ILE A 134 0.19 6.89 0.44
CA ILE A 134 1.04 8.08 0.39
C ILE A 134 1.36 8.56 1.81
N ASN A 135 0.33 8.55 2.67
CA ASN A 135 0.51 8.98 4.05
C ASN A 135 1.61 8.18 4.72
N ILE A 136 1.63 6.88 4.48
CA ILE A 136 2.67 6.02 5.03
C ILE A 136 4.03 6.42 4.47
N TYR A 137 4.07 6.74 3.17
CA TYR A 137 5.32 7.14 2.54
C TYR A 137 5.91 8.35 3.26
N LYS A 138 5.05 9.32 3.60
CA LYS A 138 5.47 10.46 4.40
C LYS A 138 5.58 10.05 5.87
N GLU A 22 38.20 3.73 -2.67
CA GLU A 22 37.17 3.47 -1.65
C GLU A 22 36.00 4.42 -1.83
N ALA A 23 34.81 3.98 -1.41
CA ALA A 23 33.62 4.79 -1.52
C ALA A 23 32.68 4.55 -0.34
N ALA A 24 31.81 5.51 -0.06
CA ALA A 24 30.88 5.37 1.05
C ALA A 24 30.02 4.13 0.88
N ALA A 25 29.71 3.48 1.99
CA ALA A 25 28.90 2.27 1.95
C ALA A 25 27.50 2.58 1.42
N ALA A 26 26.96 1.66 0.62
CA ALA A 26 25.63 1.85 0.06
C ALA A 26 24.58 1.75 1.16
N ALA A 27 23.51 2.54 1.03
CA ALA A 27 22.43 2.51 2.01
C ALA A 27 21.48 1.34 1.73
N ARG A 28 21.52 0.35 2.61
CA ARG A 28 20.69 -0.83 2.43
C ARG A 28 19.21 -0.45 2.39
N ASP A 29 18.80 0.46 3.28
CA ASP A 29 17.41 0.91 3.31
C ASP A 29 17.04 1.66 2.04
N GLU A 30 17.98 2.43 1.50
CA GLU A 30 17.73 3.20 0.29
C GLU A 30 17.37 2.28 -0.87
N SER A 31 18.03 1.13 -0.96
CA SER A 31 17.77 0.19 -2.04
C SER A 31 16.33 -0.31 -1.99
N ALA A 32 15.82 -0.54 -0.78
CA ALA A 32 14.44 -0.99 -0.62
C ALA A 32 13.46 0.11 -1.00
N TYR A 33 13.78 1.34 -0.60
CA TYR A 33 12.91 2.48 -0.89
C TYR A 33 12.70 2.64 -2.40
N LEU A 34 13.79 2.51 -3.15
CA LEU A 34 13.73 2.66 -4.60
C LEU A 34 12.84 1.56 -5.21
N LYS A 35 12.97 0.35 -4.69
CA LYS A 35 12.20 -0.78 -5.21
C LYS A 35 10.70 -0.54 -5.00
N LEU A 36 10.34 -0.02 -3.84
CA LEU A 36 8.94 0.22 -3.53
C LEU A 36 8.32 1.20 -4.52
N GLN A 37 9.08 2.23 -4.90
CA GLN A 37 8.61 3.20 -5.87
C GLN A 37 8.33 2.53 -7.20
N GLU A 38 9.21 1.61 -7.61
CA GLU A 38 9.00 0.85 -8.83
C GLU A 38 7.80 -0.09 -8.66
N GLN A 39 7.70 -0.71 -7.50
CA GLN A 39 6.57 -1.58 -7.19
C GLN A 39 5.25 -0.80 -7.24
N MET A 40 5.29 0.45 -6.79
CA MET A 40 4.10 1.30 -6.78
C MET A 40 3.47 1.39 -8.17
N ARG A 41 4.32 1.45 -9.20
CA ARG A 41 3.83 1.50 -10.57
C ARG A 41 2.96 0.29 -10.86
N LYS A 42 3.36 -0.88 -10.36
CA LYS A 42 2.59 -2.09 -10.54
C LYS A 42 1.21 -1.95 -9.90
N ILE A 43 1.20 -1.46 -8.66
CA ILE A 43 -0.06 -1.24 -7.95
C ILE A 43 -0.89 -0.19 -8.68
N ASP A 44 -0.23 0.88 -9.11
CA ASP A 44 -0.91 1.95 -9.83
C ASP A 44 -1.56 1.41 -11.11
N ALA A 45 -0.86 0.53 -11.80
CA ALA A 45 -1.39 -0.06 -13.02
C ALA A 45 -2.63 -0.90 -12.72
N ASP A 46 -2.53 -1.74 -11.69
CA ASP A 46 -3.65 -2.55 -11.26
C ASP A 46 -4.80 -1.67 -10.78
N ALA A 47 -4.46 -0.62 -10.04
CA ALA A 47 -5.47 0.31 -9.54
C ALA A 47 -6.13 1.06 -10.70
N ALA A 48 -5.32 1.45 -11.69
CA ALA A 48 -5.83 2.15 -12.86
C ALA A 48 -6.81 1.26 -13.63
N ALA A 49 -6.48 -0.03 -13.74
CA ALA A 49 -7.35 -0.97 -14.43
C ALA A 49 -8.67 -1.12 -13.69
N LEU A 50 -8.60 -1.20 -12.37
CA LEU A 50 -9.81 -1.31 -11.56
C LEU A 50 -10.69 -0.08 -11.73
N SER A 51 -10.07 1.09 -11.74
CA SER A 51 -10.82 2.34 -11.88
C SER A 51 -11.28 2.55 -13.33
N GLU A 52 -10.45 2.16 -14.28
CA GLU A 52 -10.76 2.37 -15.69
C GLU A 52 -11.95 1.52 -16.11
N THR A 53 -11.94 0.25 -15.71
CA THR A 53 -13.01 -0.67 -16.10
C THR A 53 -14.08 -0.81 -15.00
N ARG A 54 -13.74 -0.49 -13.76
CA ARG A 54 -14.69 -0.65 -12.66
C ARG A 54 -15.18 -2.09 -12.57
N THR A 55 -14.26 -3.03 -12.74
CA THR A 55 -14.59 -4.45 -12.70
C THR A 55 -14.51 -4.98 -11.26
N ILE A 56 -15.04 -6.18 -11.07
CA ILE A 56 -15.08 -6.78 -9.72
C ILE A 56 -14.30 -8.09 -9.63
N GLU A 57 -14.06 -8.75 -10.76
CA GLU A 57 -13.44 -10.06 -10.77
C GLU A 57 -12.00 -10.04 -10.25
N GLU A 58 -11.26 -8.99 -10.59
CA GLU A 58 -9.83 -8.95 -10.28
C GLU A 58 -9.52 -8.31 -8.92
N LEU A 59 -10.53 -8.12 -8.07
CA LEU A 59 -10.30 -7.54 -6.75
C LEU A 59 -9.47 -8.48 -5.87
N ASP A 60 -9.72 -9.77 -6.00
CA ASP A 60 -9.08 -10.76 -5.11
C ASP A 60 -7.57 -10.73 -5.24
N THR A 61 -7.06 -10.56 -6.46
CA THR A 61 -5.62 -10.58 -6.69
C THR A 61 -4.93 -9.35 -6.11
N PHE A 62 -5.62 -8.21 -6.10
CA PHE A 62 -5.04 -6.97 -5.61
C PHE A 62 -4.63 -7.10 -4.14
N LYS A 63 -5.51 -7.68 -3.33
CA LYS A 63 -5.26 -7.77 -1.89
C LYS A 63 -3.95 -8.49 -1.61
N LEU A 64 -3.67 -9.53 -2.38
CA LEU A 64 -2.44 -10.30 -2.18
C LEU A 64 -1.22 -9.45 -2.49
N ASP A 65 -1.30 -8.64 -3.54
CA ASP A 65 -0.19 -7.79 -3.94
C ASP A 65 0.15 -6.79 -2.84
N VAL A 66 -0.89 -6.21 -2.24
CA VAL A 66 -0.70 -5.23 -1.18
C VAL A 66 -0.08 -5.89 0.05
N ALA A 67 -0.50 -7.13 0.35
CA ALA A 67 0.03 -7.84 1.51
C ALA A 67 1.55 -7.97 1.40
N ASP A 68 2.03 -8.30 0.21
CA ASP A 68 3.47 -8.35 -0.03
C ASP A 68 4.08 -6.96 0.11
N PHE A 69 3.39 -5.95 -0.39
CA PHE A 69 3.87 -4.58 -0.31
C PHE A 69 4.08 -4.16 1.15
N VAL A 70 3.10 -4.46 1.99
CA VAL A 70 3.16 -4.08 3.40
C VAL A 70 4.33 -4.78 4.08
N THR A 71 4.53 -6.06 3.76
CA THR A 71 5.57 -6.85 4.41
C THR A 71 6.93 -6.17 4.30
N THR A 72 7.23 -5.63 3.12
CA THR A 72 8.48 -4.92 2.90
C THR A 72 8.53 -3.65 3.75
N VAL A 73 7.40 -2.96 3.85
CA VAL A 73 7.34 -1.70 4.57
C VAL A 73 7.68 -1.91 6.05
N VAL A 74 7.17 -3.00 6.63
CA VAL A 74 7.41 -3.27 8.04
C VAL A 74 8.90 -3.36 8.32
N GLN A 75 9.63 -4.08 7.47
CA GLN A 75 11.07 -4.21 7.62
C GLN A 75 11.74 -2.84 7.47
N LEU A 76 11.26 -2.05 6.51
CA LEU A 76 11.82 -0.72 6.27
C LEU A 76 11.53 0.21 7.44
N ALA A 77 10.35 0.08 8.03
CA ALA A 77 9.93 1.01 9.09
C ALA A 77 10.95 1.06 10.22
N GLU A 78 11.44 -0.11 10.63
CA GLU A 78 12.41 -0.16 11.71
C GLU A 78 13.73 0.49 11.31
N GLU A 79 14.14 0.29 10.05
CA GLU A 79 15.42 0.80 9.57
C GLU A 79 15.44 2.33 9.56
N LEU A 80 14.34 2.95 9.16
CA LEU A 80 14.28 4.40 9.05
C LEU A 80 14.44 5.07 10.41
N GLU A 81 13.87 4.46 11.44
CA GLU A 81 13.91 5.04 12.77
C GLU A 81 15.35 5.13 13.28
N HIS A 82 16.15 4.11 12.99
CA HIS A 82 17.53 4.08 13.44
C HIS A 82 18.32 5.27 12.87
N ARG A 83 18.08 5.59 11.61
CA ARG A 83 18.78 6.69 10.96
C ARG A 83 18.53 8.00 11.70
N PHE A 84 17.29 8.22 12.10
CA PHE A 84 16.92 9.44 12.82
C PHE A 84 17.67 9.58 14.13
N GLY A 85 17.98 8.44 14.77
CA GLY A 85 18.58 8.46 16.11
C GLY A 85 17.54 8.25 17.24
N ARG A 86 16.26 8.12 16.89
CA ARG A 86 15.21 7.88 17.88
C ARG A 86 14.12 7.01 17.28
N ASN A 87 13.39 6.30 18.13
CA ASN A 87 12.36 5.37 17.67
C ASN A 87 10.96 5.94 17.94
N ARG A 88 10.38 6.59 16.93
CA ARG A 88 9.06 7.18 17.08
C ARG A 88 8.00 6.11 17.33
N ARG A 89 8.13 4.97 16.66
CA ARG A 89 7.16 3.89 16.80
C ARG A 89 7.86 2.57 17.12
N GLY A 90 7.22 1.74 17.93
CA GLY A 90 7.79 0.45 18.29
C GLY A 90 7.44 -0.62 17.26
N ARG A 91 8.02 -1.80 17.41
CA ARG A 91 7.75 -2.91 16.50
C ARG A 91 6.27 -3.29 16.52
N THR A 92 5.64 -3.20 17.68
CA THR A 92 4.22 -3.54 17.80
C THR A 92 3.35 -2.42 17.23
N GLU A 93 3.78 -1.17 17.40
CA GLU A 93 2.97 -0.03 16.97
C GLU A 93 2.82 0.03 15.46
N ILE A 94 3.84 -0.39 14.72
CA ILE A 94 3.82 -0.30 13.27
C ILE A 94 2.71 -1.16 12.66
N TYR A 95 2.40 -2.28 13.30
CA TYR A 95 1.46 -3.25 12.74
C TYR A 95 0.04 -2.69 12.60
N LYS A 96 -0.44 -1.98 13.62
CA LYS A 96 -1.80 -1.44 13.58
C LYS A 96 -1.92 -0.33 12.54
N ILE A 97 -0.87 0.48 12.41
CA ILE A 97 -0.87 1.57 11.44
C ILE A 97 -1.03 1.01 10.03
N VAL A 98 -0.26 -0.02 9.71
CA VAL A 98 -0.36 -0.67 8.40
C VAL A 98 -1.67 -1.47 8.27
N LYS A 99 -2.18 -1.98 9.39
CA LYS A 99 -3.45 -2.70 9.38
C LYS A 99 -4.56 -1.85 8.77
N GLU A 100 -4.52 -0.54 9.04
CA GLU A 100 -5.51 0.38 8.47
C GLU A 100 -5.51 0.30 6.94
N VAL A 101 -4.35 0.04 6.34
CA VAL A 101 -4.27 -0.08 4.89
C VAL A 101 -5.20 -1.18 4.40
N ASP A 102 -5.19 -2.31 5.09
CA ASP A 102 -6.11 -3.41 4.79
C ASP A 102 -7.56 -2.98 5.03
N ARG A 103 -7.77 -2.23 6.11
CA ARG A 103 -9.12 -1.80 6.49
C ARG A 103 -9.78 -1.06 5.33
N LYS A 104 -9.04 -0.15 4.70
CA LYS A 104 -9.57 0.59 3.57
C LYS A 104 -9.90 -0.35 2.41
N LEU A 105 -9.00 -1.32 2.17
CA LEU A 105 -9.25 -2.32 1.15
C LEU A 105 -10.48 -3.16 1.49
N LEU A 106 -10.64 -3.48 2.78
CA LEU A 106 -11.79 -4.24 3.23
C LEU A 106 -13.09 -3.49 2.87
N ASP A 107 -13.07 -2.17 3.07
CA ASP A 107 -14.23 -1.36 2.71
C ASP A 107 -14.49 -1.43 1.21
N LEU A 108 -13.42 -1.42 0.42
CA LEU A 108 -13.55 -1.54 -1.03
C LEU A 108 -14.24 -2.85 -1.40
N THR A 109 -13.90 -3.92 -0.69
CA THR A 109 -14.51 -5.21 -0.94
C THR A 109 -16.03 -5.13 -0.79
N ASP A 110 -16.48 -4.40 0.22
CA ASP A 110 -17.91 -4.25 0.44
C ASP A 110 -18.59 -3.63 -0.77
N ALA A 111 -17.93 -2.64 -1.37
CA ALA A 111 -18.47 -1.99 -2.56
C ALA A 111 -18.48 -2.94 -3.74
N VAL A 112 -17.40 -3.69 -3.90
CA VAL A 112 -17.29 -4.65 -4.99
C VAL A 112 -18.33 -5.75 -4.81
N LEU A 113 -18.53 -6.20 -3.58
CA LEU A 113 -19.50 -7.27 -3.31
C LEU A 113 -20.92 -6.75 -3.09
N ALA A 114 -21.14 -5.43 -3.16
CA ALA A 114 -22.47 -4.87 -2.96
C ALA A 114 -23.46 -5.46 -3.95
N LYS A 115 -24.72 -5.57 -3.54
CA LYS A 115 -25.76 -6.13 -4.40
C LYS A 115 -25.84 -5.36 -5.72
N GLU A 116 -25.71 -4.04 -5.63
CA GLU A 116 -25.70 -3.20 -6.83
C GLU A 116 -24.35 -2.53 -6.98
N LYS A 117 -23.92 -2.35 -8.23
CA LYS A 117 -22.63 -1.72 -8.49
C LYS A 117 -22.82 -0.22 -8.71
N LYS A 118 -22.01 0.59 -8.03
CA LYS A 118 -22.11 2.03 -8.13
C LYS A 118 -20.74 2.64 -8.41
N GLY A 119 -20.66 3.45 -9.45
CA GLY A 119 -19.38 4.04 -9.87
C GLY A 119 -18.75 4.89 -8.78
N GLU A 120 -19.57 5.62 -8.04
CA GLU A 120 -19.05 6.55 -7.04
C GLU A 120 -18.25 5.82 -5.97
N ASP A 121 -18.72 4.64 -5.59
CA ASP A 121 -18.04 3.88 -4.54
C ASP A 121 -16.63 3.46 -4.96
N ILE A 122 -16.49 3.09 -6.23
CA ILE A 122 -15.21 2.58 -6.72
C ILE A 122 -14.13 3.66 -6.67
N LEU A 123 -14.39 4.79 -7.29
CA LEU A 123 -13.37 5.81 -7.47
C LEU A 123 -12.90 6.37 -6.12
N ASN A 124 -13.84 6.62 -5.22
CA ASN A 124 -13.51 7.28 -3.95
C ASN A 124 -12.57 6.43 -3.10
N MET A 125 -12.88 5.14 -2.98
CA MET A 125 -12.09 4.26 -2.11
C MET A 125 -10.70 4.02 -2.67
N VAL A 126 -10.60 3.89 -4.00
CA VAL A 126 -9.33 3.59 -4.64
C VAL A 126 -8.31 4.71 -4.38
N ALA A 127 -8.78 5.96 -4.36
CA ALA A 127 -7.89 7.09 -4.13
C ALA A 127 -7.29 7.05 -2.73
N GLU A 128 -8.08 6.61 -1.75
CA GLU A 128 -7.64 6.63 -0.36
C GLU A 128 -6.49 5.67 -0.11
N ILE A 129 -6.61 4.44 -0.62
CA ILE A 129 -5.60 3.42 -0.37
C ILE A 129 -4.27 3.77 -1.04
N LYS A 130 -4.33 4.41 -2.20
CA LYS A 130 -3.12 4.71 -2.96
C LYS A 130 -2.20 5.65 -2.18
N ALA A 131 -2.79 6.70 -1.61
CA ALA A 131 -2.00 7.71 -0.89
C ALA A 131 -1.51 7.20 0.47
N LEU A 132 -2.29 6.34 1.11
CA LEU A 132 -1.95 5.89 2.46
C LEU A 132 -0.62 5.13 2.50
N LEU A 133 -0.36 4.33 1.47
CA LEU A 133 0.83 3.48 1.48
C LEU A 133 2.10 4.30 1.69
N ILE A 134 2.28 5.34 0.89
CA ILE A 134 3.49 6.16 0.98
C ILE A 134 3.55 6.93 2.30
N ASN A 135 2.39 7.30 2.84
CA ASN A 135 2.35 8.06 4.08
C ASN A 135 3.03 7.32 5.23
N ILE A 136 2.92 5.99 5.23
CA ILE A 136 3.48 5.20 6.31
C ILE A 136 4.98 5.47 6.47
N TYR A 137 5.69 5.57 5.35
CA TYR A 137 7.14 5.78 5.37
C TYR A 137 7.52 7.12 4.73
N LYS A 138 6.68 8.13 4.94
CA LYS A 138 6.96 9.47 4.41
C LYS A 138 6.86 10.50 5.54
N GLU A 22 31.72 -1.30 -5.93
CA GLU A 22 32.09 -1.08 -4.54
C GLU A 22 31.86 -2.34 -3.71
N ALA A 23 30.59 -2.73 -3.58
CA ALA A 23 30.25 -3.93 -2.81
C ALA A 23 30.02 -5.11 -3.75
N ALA A 24 30.58 -6.26 -3.38
CA ALA A 24 30.44 -7.46 -4.21
C ALA A 24 28.99 -7.90 -4.28
N ALA A 25 28.28 -7.81 -3.15
CA ALA A 25 26.88 -8.22 -3.09
C ALA A 25 25.97 -7.01 -2.95
N ALA A 26 24.80 -7.06 -3.58
CA ALA A 26 23.85 -5.97 -3.50
C ALA A 26 23.11 -6.00 -2.17
N ALA A 27 22.90 -4.82 -1.59
CA ALA A 27 22.19 -4.72 -0.32
C ALA A 27 20.70 -4.52 -0.55
N ARG A 28 19.89 -5.48 -0.07
CA ARG A 28 18.45 -5.41 -0.27
C ARG A 28 17.84 -4.20 0.47
N ASP A 29 18.32 -3.95 1.68
CA ASP A 29 17.77 -2.86 2.48
C ASP A 29 18.04 -1.51 1.82
N GLU A 30 19.24 -1.37 1.25
CA GLU A 30 19.59 -0.14 0.55
C GLU A 30 18.82 -0.03 -0.77
N SER A 31 18.71 -1.14 -1.48
CA SER A 31 17.99 -1.17 -2.75
C SER A 31 16.49 -0.95 -2.57
N ALA A 32 15.94 -1.34 -1.41
CA ALA A 32 14.51 -1.23 -1.17
C ALA A 32 14.04 0.21 -1.30
N TYR A 33 14.80 1.14 -0.74
CA TYR A 33 14.41 2.54 -0.78
C TYR A 33 14.33 3.05 -2.22
N LEU A 34 15.28 2.63 -3.04
CA LEU A 34 15.33 3.07 -4.42
C LEU A 34 14.13 2.57 -5.22
N LYS A 35 13.71 1.34 -4.94
CA LYS A 35 12.57 0.76 -5.64
C LYS A 35 11.24 1.39 -5.22
N LEU A 36 11.13 1.78 -3.95
CA LEU A 36 9.86 2.25 -3.42
C LEU A 36 9.29 3.44 -4.20
N GLN A 37 10.13 4.41 -4.55
CA GLN A 37 9.65 5.60 -5.25
C GLN A 37 9.03 5.22 -6.60
N GLU A 38 9.69 4.31 -7.31
CA GLU A 38 9.16 3.84 -8.59
C GLU A 38 7.99 2.89 -8.38
N GLN A 39 8.11 2.01 -7.38
CA GLN A 39 7.08 1.03 -7.08
C GLN A 39 5.75 1.71 -6.76
N MET A 40 5.80 2.84 -6.07
CA MET A 40 4.58 3.56 -5.69
C MET A 40 3.72 3.85 -6.90
N ARG A 41 4.36 4.23 -8.00
CA ARG A 41 3.63 4.52 -9.23
C ARG A 41 2.88 3.29 -9.74
N LYS A 42 3.48 2.11 -9.57
CA LYS A 42 2.87 0.89 -10.07
C LYS A 42 1.50 0.67 -9.45
N ILE A 43 1.39 0.85 -8.14
CA ILE A 43 0.10 0.72 -7.47
C ILE A 43 -0.87 1.78 -7.97
N ASP A 44 -0.37 3.00 -8.16
CA ASP A 44 -1.20 4.08 -8.68
C ASP A 44 -1.80 3.69 -10.03
N ALA A 45 -0.99 3.07 -10.88
CA ALA A 45 -1.45 2.62 -12.19
C ALA A 45 -2.42 1.46 -12.04
N ASP A 46 -2.05 0.48 -11.21
CA ASP A 46 -2.89 -0.69 -10.99
C ASP A 46 -4.24 -0.28 -10.39
N ALA A 47 -4.21 0.67 -9.47
CA ALA A 47 -5.43 1.14 -8.83
C ALA A 47 -6.39 1.75 -9.84
N ALA A 48 -5.83 2.50 -10.80
CA ALA A 48 -6.65 3.13 -11.83
C ALA A 48 -7.37 2.09 -12.68
N ALA A 49 -6.68 0.99 -12.98
CA ALA A 49 -7.26 -0.07 -13.80
C ALA A 49 -8.45 -0.71 -13.09
N LEU A 50 -8.30 -0.97 -11.80
CA LEU A 50 -9.36 -1.62 -11.04
C LEU A 50 -10.64 -0.78 -11.09
N SER A 51 -10.48 0.54 -10.95
CA SER A 51 -11.63 1.43 -10.99
C SER A 51 -12.34 1.35 -12.33
N GLU A 52 -11.56 1.28 -13.42
CA GLU A 52 -12.13 1.23 -14.76
C GLU A 52 -12.77 -0.13 -15.03
N THR A 53 -12.09 -1.20 -14.63
CA THR A 53 -12.58 -2.54 -14.92
C THR A 53 -13.70 -2.95 -13.97
N ARG A 54 -13.58 -2.55 -12.70
CA ARG A 54 -14.58 -2.92 -11.70
C ARG A 54 -14.74 -4.45 -11.64
N THR A 55 -13.61 -5.16 -11.63
CA THR A 55 -13.64 -6.62 -11.59
C THR A 55 -12.77 -7.16 -10.46
N ILE A 56 -13.22 -8.25 -9.85
CA ILE A 56 -12.49 -8.85 -8.74
C ILE A 56 -11.15 -9.47 -9.20
N GLU A 57 -11.09 -9.91 -10.46
CA GLU A 57 -9.88 -10.58 -10.95
C GLU A 57 -8.66 -9.68 -10.78
N GLU A 58 -8.82 -8.39 -11.04
CA GLU A 58 -7.75 -7.44 -10.85
C GLU A 58 -7.45 -7.26 -9.36
N LEU A 59 -8.51 -7.24 -8.55
CA LEU A 59 -8.36 -7.04 -7.11
C LEU A 59 -7.55 -8.17 -6.49
N ASP A 60 -7.80 -9.39 -6.94
CA ASP A 60 -7.11 -10.56 -6.40
C ASP A 60 -5.60 -10.41 -6.56
N THR A 61 -5.18 -10.02 -7.76
CA THR A 61 -3.76 -9.78 -8.02
C THR A 61 -3.27 -8.55 -7.25
N PHE A 62 -4.13 -7.53 -7.16
CA PHE A 62 -3.76 -6.29 -6.50
C PHE A 62 -3.30 -6.54 -5.06
N LYS A 63 -4.05 -7.33 -4.30
CA LYS A 63 -3.73 -7.55 -2.90
C LYS A 63 -2.32 -8.11 -2.74
N LEU A 64 -1.90 -8.98 -3.66
CA LEU A 64 -0.58 -9.57 -3.59
C LEU A 64 0.49 -8.48 -3.65
N ASP A 65 0.31 -7.51 -4.53
CA ASP A 65 1.27 -6.42 -4.67
C ASP A 65 1.25 -5.51 -3.45
N VAL A 66 0.05 -5.25 -2.93
CA VAL A 66 -0.09 -4.37 -1.78
C VAL A 66 0.62 -4.96 -0.56
N ALA A 67 0.51 -6.28 -0.38
CA ALA A 67 1.10 -6.94 0.77
C ALA A 67 2.61 -6.68 0.81
N ASP A 68 3.24 -6.76 -0.36
CA ASP A 68 4.68 -6.52 -0.44
C ASP A 68 5.01 -5.09 -0.03
N PHE A 69 4.18 -4.15 -0.46
CA PHE A 69 4.41 -2.74 -0.15
C PHE A 69 4.38 -2.51 1.36
N VAL A 70 3.38 -3.08 2.03
CA VAL A 70 3.25 -2.91 3.47
C VAL A 70 4.43 -3.57 4.18
N THR A 71 4.77 -4.79 3.78
CA THR A 71 5.86 -5.51 4.41
C THR A 71 7.17 -4.75 4.23
N THR A 72 7.38 -4.21 3.03
CA THR A 72 8.62 -3.52 2.71
C THR A 72 8.73 -2.20 3.47
N VAL A 73 7.65 -1.42 3.48
CA VAL A 73 7.68 -0.08 4.07
C VAL A 73 7.66 -0.14 5.60
N VAL A 74 6.82 -1.01 6.16
CA VAL A 74 6.67 -1.08 7.61
C VAL A 74 7.97 -1.54 8.26
N GLN A 75 8.62 -2.53 7.66
CA GLN A 75 9.82 -3.11 8.23
C GLN A 75 10.90 -2.03 8.39
N LEU A 76 11.01 -1.16 7.39
CA LEU A 76 12.02 -0.09 7.43
C LEU A 76 11.72 0.91 8.55
N ALA A 77 10.44 1.22 8.73
CA ALA A 77 10.03 2.18 9.75
C ALA A 77 10.43 1.70 11.14
N GLU A 78 10.28 0.41 11.39
CA GLU A 78 10.52 -0.16 12.71
C GLU A 78 12.01 -0.23 13.05
N GLU A 79 12.84 -0.64 12.10
CA GLU A 79 14.24 -0.93 12.40
C GLU A 79 15.19 0.20 11.97
N LEU A 80 15.50 0.28 10.68
CA LEU A 80 16.56 1.19 10.22
C LEU A 80 16.24 2.64 10.58
N GLU A 81 15.00 3.05 10.35
CA GLU A 81 14.60 4.42 10.64
C GLU A 81 14.62 4.71 12.13
N HIS A 82 14.23 3.72 12.93
CA HIS A 82 14.13 3.90 14.37
C HIS A 82 15.46 4.23 15.01
N ARG A 83 16.52 3.52 14.63
CA ARG A 83 17.82 3.66 15.29
C ARG A 83 18.28 5.11 15.27
N PHE A 84 18.33 5.70 14.08
CA PHE A 84 18.74 7.10 13.95
C PHE A 84 17.67 8.05 14.48
N GLY A 85 16.40 7.69 14.30
CA GLY A 85 15.30 8.55 14.73
C GLY A 85 14.82 9.50 13.62
N ARG A 86 15.22 9.26 12.38
CA ARG A 86 14.80 10.09 11.27
C ARG A 86 13.28 10.09 11.09
N ASN A 87 12.65 8.96 11.40
CA ASN A 87 11.21 8.82 11.22
C ASN A 87 10.45 9.92 11.95
N ARG A 88 9.58 10.61 11.22
CA ARG A 88 8.72 11.63 11.83
C ARG A 88 7.32 11.09 12.17
N ARG A 89 7.12 9.78 12.09
CA ARG A 89 5.84 9.17 12.45
C ARG A 89 6.01 8.31 13.69
N GLY A 90 5.06 8.42 14.61
CA GLY A 90 5.11 7.62 15.84
C GLY A 90 5.04 6.13 15.50
N ARG A 91 5.76 5.32 16.27
CA ARG A 91 5.76 3.88 16.03
C ARG A 91 4.34 3.32 16.06
N THR A 92 3.52 3.84 16.97
CA THR A 92 2.12 3.42 17.05
C THR A 92 1.40 3.72 15.74
N GLU A 93 1.70 4.87 15.15
CA GLU A 93 1.08 5.25 13.89
C GLU A 93 1.45 4.27 12.78
N ILE A 94 2.69 3.79 12.80
CA ILE A 94 3.15 2.85 11.78
C ILE A 94 2.24 1.61 11.75
N TYR A 95 1.99 1.05 12.93
CA TYR A 95 1.14 -0.14 13.02
C TYR A 95 -0.31 0.17 12.67
N LYS A 96 -0.77 1.36 13.07
CA LYS A 96 -2.16 1.74 12.84
C LYS A 96 -2.49 1.68 11.35
N ILE A 97 -1.58 2.18 10.52
CA ILE A 97 -1.79 2.19 9.08
C ILE A 97 -1.95 0.75 8.57
N VAL A 98 -1.10 -0.14 9.04
CA VAL A 98 -1.13 -1.53 8.57
C VAL A 98 -2.52 -2.13 8.78
N LYS A 99 -3.10 -1.87 9.94
CA LYS A 99 -4.46 -2.33 10.22
C LYS A 99 -5.43 -1.72 9.21
N GLU A 100 -5.24 -0.43 8.91
CA GLU A 100 -6.13 0.26 7.97
C GLU A 100 -5.98 -0.30 6.56
N VAL A 101 -4.75 -0.63 6.17
CA VAL A 101 -4.52 -1.15 4.82
C VAL A 101 -5.35 -2.42 4.60
N ASP A 102 -5.23 -3.38 5.52
CA ASP A 102 -6.01 -4.60 5.43
C ASP A 102 -7.50 -4.31 5.52
N ARG A 103 -7.87 -3.38 6.39
CA ARG A 103 -9.28 -3.06 6.63
C ARG A 103 -9.95 -2.54 5.37
N LYS A 104 -9.35 -1.53 4.74
CA LYS A 104 -9.97 -0.89 3.58
C LYS A 104 -9.94 -1.79 2.35
N LEU A 105 -8.81 -2.45 2.10
CA LEU A 105 -8.68 -3.31 0.93
C LEU A 105 -9.76 -4.40 0.96
N LEU A 106 -9.99 -4.97 2.14
CA LEU A 106 -11.04 -5.96 2.31
C LEU A 106 -12.41 -5.32 2.02
N ASP A 107 -12.61 -4.10 2.50
CA ASP A 107 -13.85 -3.39 2.26
C ASP A 107 -14.07 -3.16 0.76
N LEU A 108 -12.99 -2.82 0.06
CA LEU A 108 -13.06 -2.62 -1.39
C LEU A 108 -13.58 -3.88 -2.08
N THR A 109 -13.13 -5.04 -1.60
CA THR A 109 -13.59 -6.31 -2.15
C THR A 109 -15.10 -6.44 -2.00
N ASP A 110 -15.60 -6.06 -0.83
CA ASP A 110 -17.04 -6.11 -0.57
C ASP A 110 -17.79 -5.22 -1.55
N ALA A 111 -17.22 -4.07 -1.87
CA ALA A 111 -17.87 -3.15 -2.81
C ALA A 111 -18.04 -3.79 -4.18
N VAL A 112 -17.02 -4.52 -4.62
CA VAL A 112 -17.09 -5.20 -5.90
C VAL A 112 -18.17 -6.28 -5.87
N LEU A 113 -18.24 -7.02 -4.76
CA LEU A 113 -19.24 -8.07 -4.61
C LEU A 113 -20.53 -7.57 -3.94
N ALA A 114 -20.71 -6.26 -3.81
CA ALA A 114 -21.90 -5.72 -3.16
C ALA A 114 -23.16 -6.17 -3.87
N LYS A 115 -24.22 -6.41 -3.10
CA LYS A 115 -25.49 -6.86 -3.67
C LYS A 115 -26.02 -5.84 -4.68
N GLU A 116 -25.82 -4.56 -4.39
CA GLU A 116 -26.29 -3.51 -5.28
C GLU A 116 -25.14 -2.95 -6.11
N LYS A 117 -25.46 -2.28 -7.21
CA LYS A 117 -24.44 -1.72 -8.08
C LYS A 117 -23.79 -0.50 -7.42
N LYS A 118 -22.47 -0.41 -7.53
CA LYS A 118 -21.72 0.68 -6.94
C LYS A 118 -21.03 1.50 -8.02
N GLY A 119 -20.85 2.80 -7.75
CA GLY A 119 -20.20 3.68 -8.71
C GLY A 119 -19.15 4.55 -8.04
N GLU A 120 -19.55 5.76 -7.64
CA GLU A 120 -18.63 6.68 -6.98
C GLU A 120 -18.09 6.10 -5.67
N ASP A 121 -18.89 5.29 -4.98
CA ASP A 121 -18.49 4.72 -3.70
C ASP A 121 -17.17 3.98 -3.83
N ILE A 122 -17.00 3.22 -4.90
CA ILE A 122 -15.77 2.48 -5.13
C ILE A 122 -14.60 3.47 -5.29
N LEU A 123 -14.84 4.51 -6.08
CA LEU A 123 -13.80 5.51 -6.33
C LEU A 123 -13.37 6.17 -5.02
N ASN A 124 -14.33 6.43 -4.14
CA ASN A 124 -14.02 7.04 -2.85
C ASN A 124 -13.07 6.15 -2.06
N MET A 125 -13.31 4.84 -2.10
CA MET A 125 -12.45 3.89 -1.39
C MET A 125 -11.04 3.90 -1.98
N VAL A 126 -10.96 3.96 -3.30
CA VAL A 126 -9.67 3.97 -3.97
C VAL A 126 -8.86 5.19 -3.54
N ALA A 127 -9.53 6.34 -3.44
CA ALA A 127 -8.85 7.57 -3.05
C ALA A 127 -8.33 7.46 -1.62
N GLU A 128 -9.15 6.90 -0.72
CA GLU A 128 -8.75 6.78 0.67
C GLU A 128 -7.61 5.78 0.85
N ILE A 129 -7.75 4.61 0.22
CA ILE A 129 -6.70 3.60 0.29
C ILE A 129 -5.39 4.17 -0.27
N LYS A 130 -5.49 4.92 -1.37
CA LYS A 130 -4.32 5.53 -1.97
C LYS A 130 -3.61 6.43 -0.96
N ALA A 131 -4.39 7.19 -0.20
CA ALA A 131 -3.82 8.10 0.78
C ALA A 131 -3.03 7.35 1.86
N LEU A 132 -3.52 6.17 2.25
CA LEU A 132 -2.86 5.39 3.28
C LEU A 132 -1.43 5.04 2.87
N LEU A 133 -1.22 4.75 1.59
CA LEU A 133 0.10 4.34 1.12
C LEU A 133 1.09 5.50 1.12
N ILE A 134 0.60 6.71 0.81
CA ILE A 134 1.49 7.87 0.69
C ILE A 134 2.05 8.30 2.04
N ASN A 135 1.18 8.47 3.04
CA ASN A 135 1.64 8.96 4.35
C ASN A 135 2.66 8.01 4.95
N ILE A 136 2.44 6.71 4.79
CA ILE A 136 3.39 5.72 5.31
C ILE A 136 4.69 5.72 4.50
N TYR A 137 4.62 6.04 3.21
CA TYR A 137 5.79 6.03 2.35
C TYR A 137 6.89 6.92 2.92
N LYS A 138 6.52 8.08 3.44
CA LYS A 138 7.50 9.01 4.00
C LYS A 138 6.81 10.10 4.80
N GLU A 22 27.85 -1.11 5.16
CA GLU A 22 28.08 -1.36 3.75
C GLU A 22 29.07 -0.35 3.17
N ALA A 23 29.76 -0.73 2.10
CA ALA A 23 30.73 0.15 1.47
C ALA A 23 30.17 0.84 0.22
N ALA A 24 28.86 1.11 0.23
CA ALA A 24 28.23 1.78 -0.89
C ALA A 24 27.99 3.26 -0.59
N ALA A 25 28.19 4.11 -1.59
CA ALA A 25 28.01 5.54 -1.41
C ALA A 25 26.56 5.86 -1.06
N ALA A 26 25.63 5.18 -1.72
CA ALA A 26 24.21 5.39 -1.46
C ALA A 26 23.82 4.78 -0.11
N ALA A 27 22.87 5.42 0.57
CA ALA A 27 22.40 4.91 1.85
C ALA A 27 21.16 4.03 1.65
N ARG A 28 21.07 2.96 2.43
CA ARG A 28 19.97 2.02 2.27
C ARG A 28 18.62 2.71 2.40
N ASP A 29 18.52 3.67 3.32
CA ASP A 29 17.26 4.36 3.55
C ASP A 29 16.78 5.03 2.26
N GLU A 30 17.71 5.62 1.51
CA GLU A 30 17.37 6.24 0.25
C GLU A 30 17.11 5.18 -0.83
N SER A 31 17.93 4.13 -0.82
CA SER A 31 17.82 3.07 -1.81
C SER A 31 16.46 2.39 -1.73
N ALA A 32 15.98 2.16 -0.52
CA ALA A 32 14.69 1.51 -0.31
C ALA A 32 13.55 2.37 -0.87
N TYR A 33 13.66 3.67 -0.69
CA TYR A 33 12.63 4.60 -1.16
C TYR A 33 12.43 4.46 -2.67
N LEU A 34 13.53 4.33 -3.40
CA LEU A 34 13.47 4.29 -4.86
C LEU A 34 12.65 3.10 -5.35
N LYS A 35 12.81 1.95 -4.70
CA LYS A 35 12.10 0.75 -5.13
C LYS A 35 10.62 0.80 -4.78
N LEU A 36 10.30 1.25 -3.58
CA LEU A 36 8.93 1.21 -3.10
C LEU A 36 8.01 2.10 -3.95
N GLN A 37 8.50 3.27 -4.34
CA GLN A 37 7.70 4.17 -5.15
C GLN A 37 7.40 3.56 -6.53
N GLU A 38 8.36 2.84 -7.08
CA GLU A 38 8.15 2.17 -8.36
C GLU A 38 7.10 1.07 -8.23
N GLN A 39 7.16 0.34 -7.11
CA GLN A 39 6.17 -0.70 -6.84
C GLN A 39 4.77 -0.11 -6.75
N MET A 40 4.65 1.08 -6.17
CA MET A 40 3.35 1.72 -6.01
C MET A 40 2.66 1.88 -7.37
N ARG A 41 3.43 2.20 -8.40
CA ARG A 41 2.87 2.35 -9.74
C ARG A 41 2.23 1.03 -10.18
N LYS A 42 2.88 -0.09 -9.87
CA LYS A 42 2.31 -1.39 -10.19
C LYS A 42 0.98 -1.58 -9.46
N ILE A 43 0.95 -1.18 -8.20
CA ILE A 43 -0.29 -1.26 -7.42
C ILE A 43 -1.36 -0.37 -8.05
N ASP A 44 -0.97 0.85 -8.40
CA ASP A 44 -1.89 1.80 -9.01
C ASP A 44 -2.41 1.26 -10.34
N ALA A 45 -1.52 0.64 -11.11
CA ALA A 45 -1.91 0.10 -12.41
C ALA A 45 -2.94 -1.01 -12.23
N ASP A 46 -2.67 -1.91 -11.28
CA ASP A 46 -3.59 -2.99 -10.98
C ASP A 46 -4.91 -2.44 -10.44
N ALA A 47 -4.80 -1.41 -9.58
CA ALA A 47 -5.99 -0.80 -8.99
C ALA A 47 -6.87 -0.19 -10.06
N ALA A 48 -6.25 0.46 -11.04
CA ALA A 48 -7.00 1.07 -12.14
C ALA A 48 -7.66 0.00 -13.00
N ALA A 49 -6.97 -1.12 -13.21
CA ALA A 49 -7.48 -2.18 -14.06
C ALA A 49 -8.71 -2.84 -13.46
N LEU A 50 -8.62 -3.20 -12.17
CA LEU A 50 -9.73 -3.86 -11.51
C LEU A 50 -10.91 -2.91 -11.27
N SER A 51 -10.62 -1.63 -11.06
CA SER A 51 -11.67 -0.65 -10.80
C SER A 51 -12.71 -0.64 -11.92
N GLU A 52 -12.25 -0.81 -13.15
CA GLU A 52 -13.17 -0.87 -14.29
C GLU A 52 -13.95 -2.17 -14.28
N THR A 53 -13.28 -3.27 -13.92
CA THR A 53 -13.92 -4.58 -13.90
C THR A 53 -14.92 -4.69 -12.75
N ARG A 54 -14.58 -4.08 -11.61
CA ARG A 54 -15.46 -4.14 -10.46
C ARG A 54 -15.74 -5.59 -10.07
N THR A 55 -14.71 -6.44 -10.11
CA THR A 55 -14.87 -7.86 -9.81
C THR A 55 -13.88 -8.31 -8.74
N ILE A 56 -14.31 -9.26 -7.92
CA ILE A 56 -13.49 -9.76 -6.81
C ILE A 56 -12.32 -10.63 -7.30
N GLU A 57 -12.51 -11.33 -8.42
CA GLU A 57 -11.51 -12.27 -8.89
C GLU A 57 -10.16 -11.58 -9.09
N GLU A 58 -10.19 -10.38 -9.67
CA GLU A 58 -8.97 -9.59 -9.82
C GLU A 58 -8.52 -9.02 -8.48
N LEU A 59 -9.47 -8.63 -7.64
CA LEU A 59 -9.16 -8.07 -6.33
C LEU A 59 -8.38 -9.07 -5.49
N ASP A 60 -8.70 -10.35 -5.62
CA ASP A 60 -8.03 -11.39 -4.82
C ASP A 60 -6.52 -11.31 -5.00
N THR A 61 -6.08 -11.11 -6.25
CA THR A 61 -4.65 -10.95 -6.53
C THR A 61 -4.13 -9.61 -6.00
N PHE A 62 -4.96 -8.58 -6.08
CA PHE A 62 -4.57 -7.26 -5.63
C PHE A 62 -4.22 -7.26 -4.14
N LYS A 63 -5.12 -7.83 -3.32
CA LYS A 63 -4.90 -7.84 -1.88
C LYS A 63 -3.58 -8.54 -1.53
N LEU A 64 -3.28 -9.62 -2.23
CA LEU A 64 -2.03 -10.32 -2.01
C LEU A 64 -0.86 -9.44 -2.40
N ASP A 65 -1.00 -8.72 -3.52
CA ASP A 65 0.04 -7.79 -3.95
C ASP A 65 0.21 -6.67 -2.94
N VAL A 66 -0.90 -6.17 -2.42
CA VAL A 66 -0.86 -5.13 -1.41
C VAL A 66 -0.19 -5.65 -0.14
N ALA A 67 -0.51 -6.89 0.24
CA ALA A 67 0.07 -7.49 1.43
C ALA A 67 1.59 -7.51 1.34
N ASP A 68 2.11 -8.02 0.23
CA ASP A 68 3.54 -8.01 0.00
C ASP A 68 4.07 -6.58 -0.05
N PHE A 69 3.32 -5.70 -0.69
CA PHE A 69 3.70 -4.29 -0.78
C PHE A 69 3.84 -3.69 0.62
N VAL A 70 2.91 -4.04 1.51
CA VAL A 70 2.97 -3.58 2.89
C VAL A 70 4.10 -4.29 3.64
N THR A 71 4.28 -5.59 3.36
CA THR A 71 5.25 -6.39 4.10
C THR A 71 6.65 -5.76 4.03
N THR A 72 7.04 -5.30 2.84
CA THR A 72 8.36 -4.69 2.68
C THR A 72 8.48 -3.43 3.52
N VAL A 73 7.40 -2.65 3.60
CA VAL A 73 7.41 -1.43 4.39
C VAL A 73 7.55 -1.76 5.87
N VAL A 74 6.80 -2.76 6.33
CA VAL A 74 6.85 -3.16 7.73
C VAL A 74 8.25 -3.66 8.09
N GLN A 75 8.80 -4.53 7.25
CA GLN A 75 10.15 -5.04 7.48
C GLN A 75 11.16 -3.90 7.47
N LEU A 76 10.98 -2.95 6.57
CA LEU A 76 11.87 -1.80 6.48
C LEU A 76 11.85 -0.99 7.77
N ALA A 77 10.67 -0.88 8.38
CA ALA A 77 10.53 -0.12 9.62
C ALA A 77 11.46 -0.68 10.69
N GLU A 78 11.50 -2.00 10.81
CA GLU A 78 12.34 -2.65 11.81
C GLU A 78 13.81 -2.58 11.43
N GLU A 79 14.10 -2.75 10.14
CA GLU A 79 15.49 -2.80 9.68
C GLU A 79 16.18 -1.46 9.88
N LEU A 80 15.51 -0.37 9.51
CA LEU A 80 16.09 0.96 9.68
C LEU A 80 16.34 1.27 11.15
N GLU A 81 15.41 0.85 12.01
CA GLU A 81 15.54 1.08 13.44
C GLU A 81 16.77 0.35 14.00
N HIS A 82 17.07 -0.82 13.46
CA HIS A 82 18.20 -1.62 13.94
C HIS A 82 19.53 -0.92 13.67
N ARG A 83 19.71 -0.43 12.45
CA ARG A 83 20.99 0.15 12.04
C ARG A 83 21.36 1.34 12.91
N PHE A 84 20.41 2.24 13.13
CA PHE A 84 20.68 3.46 13.89
C PHE A 84 20.25 3.36 15.37
N GLY A 85 19.48 2.33 15.71
CA GLY A 85 18.92 2.22 17.05
C GLY A 85 17.65 3.08 17.26
N ARG A 86 17.13 3.67 16.18
CA ARG A 86 15.94 4.50 16.28
C ARG A 86 15.27 4.63 14.91
N ASN A 87 13.98 4.96 14.90
CA ASN A 87 13.25 5.14 13.66
C ASN A 87 12.44 6.44 13.70
N ARG A 88 12.56 7.23 12.65
CA ARG A 88 11.83 8.50 12.57
C ARG A 88 10.32 8.28 12.77
N ARG A 89 9.81 7.13 12.34
CA ARG A 89 8.42 6.74 12.65
C ARG A 89 8.43 5.64 13.70
N GLY A 90 7.54 5.76 14.68
CA GLY A 90 7.45 4.76 15.74
C GLY A 90 6.74 3.51 15.24
N ARG A 91 7.04 2.36 15.86
CA ARG A 91 6.43 1.10 15.45
C ARG A 91 4.91 1.19 15.48
N THR A 92 4.38 1.91 16.45
CA THR A 92 2.92 2.05 16.58
C THR A 92 2.33 2.74 15.36
N GLU A 93 3.06 3.70 14.80
CA GLU A 93 2.56 4.46 13.66
C GLU A 93 2.38 3.57 12.43
N ILE A 94 3.34 2.69 12.17
CA ILE A 94 3.23 1.79 11.03
C ILE A 94 2.05 0.83 11.22
N TYR A 95 1.86 0.35 12.44
CA TYR A 95 0.78 -0.60 12.72
C TYR A 95 -0.58 0.04 12.49
N LYS A 96 -0.75 1.28 12.93
CA LYS A 96 -2.04 1.96 12.84
C LYS A 96 -2.43 2.23 11.39
N ILE A 97 -1.50 2.79 10.63
CA ILE A 97 -1.79 3.20 9.26
C ILE A 97 -2.17 1.99 8.40
N VAL A 98 -1.49 0.87 8.62
CA VAL A 98 -1.77 -0.34 7.84
C VAL A 98 -3.24 -0.74 8.00
N LYS A 99 -3.75 -0.64 9.22
CA LYS A 99 -5.15 -0.94 9.47
C LYS A 99 -6.05 0.04 8.73
N GLU A 100 -5.67 1.32 8.72
CA GLU A 100 -6.48 2.35 8.08
C GLU A 100 -6.63 2.08 6.58
N VAL A 101 -5.52 1.76 5.93
CA VAL A 101 -5.57 1.41 4.51
C VAL A 101 -6.23 0.05 4.30
N ASP A 102 -5.98 -0.88 5.21
CA ASP A 102 -6.59 -2.21 5.13
C ASP A 102 -8.10 -2.09 5.17
N ARG A 103 -8.60 -1.20 6.03
CA ARG A 103 -10.05 -1.01 6.16
C ARG A 103 -10.65 -0.59 4.82
N LYS A 104 -9.96 0.31 4.14
CA LYS A 104 -10.41 0.76 2.82
C LYS A 104 -10.41 -0.41 1.83
N LEU A 105 -9.38 -1.24 1.89
CA LEU A 105 -9.31 -2.41 1.03
C LEU A 105 -10.49 -3.33 1.28
N LEU A 106 -10.83 -3.52 2.55
CA LEU A 106 -12.00 -4.32 2.92
C LEU A 106 -13.28 -3.63 2.46
N ASP A 107 -13.33 -2.32 2.63
CA ASP A 107 -14.50 -1.55 2.19
C ASP A 107 -14.70 -1.72 0.68
N LEU A 108 -13.60 -1.70 -0.06
CA LEU A 108 -13.67 -1.90 -1.51
C LEU A 108 -14.21 -3.30 -1.82
N THR A 109 -13.76 -4.29 -1.04
CA THR A 109 -14.23 -5.66 -1.24
C THR A 109 -15.74 -5.74 -1.13
N ASP A 110 -16.29 -5.05 -0.14
CA ASP A 110 -17.74 -4.99 0.03
C ASP A 110 -18.40 -4.38 -1.21
N ALA A 111 -17.77 -3.33 -1.74
CA ALA A 111 -18.29 -2.67 -2.93
C ALA A 111 -18.23 -3.60 -4.14
N VAL A 112 -17.14 -4.37 -4.25
CA VAL A 112 -16.99 -5.29 -5.36
C VAL A 112 -18.07 -6.37 -5.27
N LEU A 113 -18.26 -6.93 -4.08
CA LEU A 113 -19.32 -7.92 -3.88
C LEU A 113 -20.69 -7.29 -4.11
N ALA A 114 -20.86 -6.08 -3.60
CA ALA A 114 -22.12 -5.35 -3.76
C ALA A 114 -22.37 -4.87 -5.18
N LYS A 115 -21.31 -4.77 -5.99
CA LYS A 115 -21.43 -4.25 -7.35
C LYS A 115 -21.94 -2.80 -7.30
N GLU A 116 -21.18 -1.96 -6.59
CA GLU A 116 -21.60 -0.58 -6.36
C GLU A 116 -21.92 0.13 -7.67
N LYS A 117 -23.17 0.61 -7.78
CA LYS A 117 -23.61 1.31 -8.97
C LYS A 117 -22.84 2.62 -9.16
N LYS A 118 -22.52 3.29 -8.07
CA LYS A 118 -21.84 4.58 -8.14
C LYS A 118 -20.38 4.39 -8.55
N GLY A 119 -20.07 4.79 -9.78
CA GLY A 119 -18.70 4.72 -10.27
C GLY A 119 -17.79 5.68 -9.51
N GLU A 120 -18.33 6.85 -9.14
CA GLU A 120 -17.54 7.86 -8.46
C GLU A 120 -16.94 7.31 -7.18
N ASP A 121 -17.68 6.47 -6.47
CA ASP A 121 -17.19 5.87 -5.24
C ASP A 121 -15.92 5.07 -5.49
N ILE A 122 -15.88 4.35 -6.62
CA ILE A 122 -14.70 3.58 -6.97
C ILE A 122 -13.48 4.49 -7.07
N LEU A 123 -13.61 5.56 -7.83
CA LEU A 123 -12.49 6.48 -8.05
C LEU A 123 -12.04 7.12 -6.75
N ASN A 124 -13.00 7.59 -5.96
CA ASN A 124 -12.67 8.25 -4.69
C ASN A 124 -12.07 7.26 -3.70
N MET A 125 -12.62 6.06 -3.65
CA MET A 125 -12.14 5.06 -2.69
C MET A 125 -10.72 4.63 -3.01
N VAL A 126 -10.44 4.38 -4.28
CA VAL A 126 -9.11 3.94 -4.68
C VAL A 126 -8.06 4.98 -4.31
N ALA A 127 -8.40 6.25 -4.50
CA ALA A 127 -7.46 7.34 -4.22
C ALA A 127 -7.06 7.32 -2.75
N GLU A 128 -8.02 7.06 -1.87
CA GLU A 128 -7.74 7.03 -0.44
C GLU A 128 -6.78 5.88 -0.10
N ILE A 129 -6.95 4.74 -0.75
CA ILE A 129 -6.10 3.58 -0.49
C ILE A 129 -4.65 3.95 -0.77
N LYS A 130 -4.40 4.55 -1.93
CA LYS A 130 -3.05 4.94 -2.29
C LYS A 130 -2.50 6.00 -1.34
N ALA A 131 -3.37 6.93 -0.93
CA ALA A 131 -2.94 8.04 -0.09
C ALA A 131 -2.50 7.56 1.30
N LEU A 132 -3.27 6.66 1.89
CA LEU A 132 -2.95 6.16 3.22
C LEU A 132 -1.72 5.26 3.20
N LEU A 133 -1.59 4.45 2.15
CA LEU A 133 -0.51 3.47 2.08
C LEU A 133 0.84 4.16 1.80
N ILE A 134 0.83 5.13 0.90
CA ILE A 134 2.07 5.76 0.46
C ILE A 134 2.80 6.46 1.61
N ASN A 135 2.06 6.96 2.59
CA ASN A 135 2.67 7.75 3.66
C ASN A 135 3.24 6.90 4.81
N ILE A 136 3.14 5.57 4.72
CA ILE A 136 3.68 4.70 5.76
C ILE A 136 5.19 4.84 5.82
N TYR A 137 5.84 4.85 4.66
CA TYR A 137 7.30 4.94 4.60
C TYR A 137 7.80 6.39 4.51
N LYS A 138 6.95 7.32 4.10
CA LYS A 138 7.34 8.73 4.02
C LYS A 138 6.31 9.62 4.70
N GLU A 22 29.86 5.33 -9.46
CA GLU A 22 28.74 5.63 -8.58
C GLU A 22 27.41 5.35 -9.28
N ALA A 23 26.33 5.33 -8.51
CA ALA A 23 25.01 5.05 -9.08
C ALA A 23 23.94 5.88 -8.36
N ALA A 24 22.88 6.22 -9.09
CA ALA A 24 21.79 7.01 -8.51
C ALA A 24 21.02 6.17 -7.50
N ALA A 25 20.58 6.82 -6.42
CA ALA A 25 19.82 6.14 -5.38
C ALA A 25 20.63 5.00 -4.76
N ALA A 26 21.94 5.22 -4.61
CA ALA A 26 22.82 4.20 -4.03
C ALA A 26 22.42 3.89 -2.60
N ALA A 27 22.00 4.91 -1.85
CA ALA A 27 21.61 4.72 -0.46
C ALA A 27 20.45 3.73 -0.36
N ARG A 28 20.47 2.89 0.67
CA ARG A 28 19.43 1.88 0.85
C ARG A 28 18.05 2.53 0.95
N ASP A 29 17.97 3.66 1.65
CA ASP A 29 16.69 4.32 1.85
C ASP A 29 16.09 4.73 0.50
N GLU A 30 16.93 5.22 -0.39
CA GLU A 30 16.47 5.61 -1.73
C GLU A 30 16.31 4.38 -2.61
N SER A 31 17.26 3.44 -2.51
CA SER A 31 17.22 2.24 -3.33
C SER A 31 15.98 1.40 -3.02
N ALA A 32 15.72 1.21 -1.73
CA ALA A 32 14.55 0.45 -1.31
C ALA A 32 13.27 1.20 -1.65
N TYR A 33 13.27 2.50 -1.38
CA TYR A 33 12.10 3.33 -1.68
C TYR A 33 11.84 3.34 -3.18
N LEU A 34 12.89 3.44 -3.98
CA LEU A 34 12.74 3.44 -5.43
C LEU A 34 12.06 2.16 -5.88
N LYS A 35 12.52 1.03 -5.37
CA LYS A 35 11.88 -0.25 -5.66
C LYS A 35 10.46 -0.29 -5.09
N LEU A 36 10.28 0.27 -3.90
CA LEU A 36 8.96 0.30 -3.28
C LEU A 36 8.00 1.12 -4.13
N GLN A 37 8.48 2.24 -4.66
CA GLN A 37 7.64 3.09 -5.50
C GLN A 37 7.13 2.33 -6.72
N GLU A 38 8.00 1.51 -7.31
CA GLU A 38 7.58 0.69 -8.45
C GLU A 38 6.44 -0.23 -8.06
N GLN A 39 6.51 -0.78 -6.86
CA GLN A 39 5.42 -1.62 -6.34
C GLN A 39 4.12 -0.80 -6.28
N MET A 40 4.22 0.45 -5.87
CA MET A 40 3.04 1.31 -5.77
C MET A 40 2.41 1.50 -7.15
N ARG A 41 3.24 1.68 -8.17
CA ARG A 41 2.74 1.83 -9.53
C ARG A 41 1.93 0.60 -9.95
N LYS A 42 2.40 -0.59 -9.54
CA LYS A 42 1.67 -1.82 -9.82
C LYS A 42 0.27 -1.74 -9.21
N ILE A 43 0.20 -1.23 -7.97
CA ILE A 43 -1.09 -1.06 -7.31
C ILE A 43 -1.92 -0.02 -8.06
N ASP A 44 -1.29 1.07 -8.44
CA ASP A 44 -1.98 2.12 -9.18
C ASP A 44 -2.49 1.60 -10.52
N ALA A 45 -1.66 0.78 -11.19
CA ALA A 45 -2.07 0.19 -12.45
C ALA A 45 -3.21 -0.79 -12.24
N ASP A 46 -3.09 -1.60 -11.20
CA ASP A 46 -4.16 -2.55 -10.86
C ASP A 46 -5.45 -1.81 -10.53
N ALA A 47 -5.34 -0.68 -9.84
CA ALA A 47 -6.50 0.10 -9.48
C ALA A 47 -7.21 0.60 -10.74
N ALA A 48 -6.44 1.11 -11.69
CA ALA A 48 -7.01 1.58 -12.95
C ALA A 48 -7.59 0.42 -13.75
N ALA A 49 -6.88 -0.72 -13.75
CA ALA A 49 -7.33 -1.89 -14.49
C ALA A 49 -8.58 -2.49 -13.87
N LEU A 50 -8.58 -2.64 -12.54
CA LEU A 50 -9.72 -3.24 -11.86
C LEU A 50 -10.92 -2.29 -11.81
N SER A 51 -10.67 -0.98 -11.82
CA SER A 51 -11.75 0.00 -11.77
C SER A 51 -12.76 -0.23 -12.90
N GLU A 52 -12.30 -0.72 -14.04
CA GLU A 52 -13.19 -0.96 -15.18
C GLU A 52 -14.02 -2.22 -14.97
N THR A 53 -13.37 -3.32 -14.62
CA THR A 53 -14.07 -4.60 -14.47
C THR A 53 -14.88 -4.63 -13.17
N ARG A 54 -14.31 -4.08 -12.11
CA ARG A 54 -14.97 -4.05 -10.81
C ARG A 54 -15.37 -5.47 -10.39
N THR A 55 -14.38 -6.36 -10.29
CA THR A 55 -14.65 -7.74 -9.90
C THR A 55 -13.61 -8.26 -8.92
N ILE A 56 -14.01 -9.22 -8.09
CA ILE A 56 -13.12 -9.80 -7.10
C ILE A 56 -12.04 -10.68 -7.76
N GLU A 57 -12.34 -11.26 -8.93
CA GLU A 57 -11.38 -12.16 -9.58
C GLU A 57 -10.06 -11.44 -9.81
N GLU A 58 -10.12 -10.19 -10.26
CA GLU A 58 -8.91 -9.38 -10.40
C GLU A 58 -8.42 -8.88 -9.04
N LEU A 59 -9.36 -8.59 -8.13
CA LEU A 59 -9.01 -8.06 -6.82
C LEU A 59 -8.00 -8.96 -6.10
N ASP A 60 -8.09 -10.26 -6.33
CA ASP A 60 -7.20 -11.21 -5.64
C ASP A 60 -5.73 -10.82 -5.84
N THR A 61 -5.40 -10.37 -7.04
CA THR A 61 -4.04 -9.92 -7.33
C THR A 61 -3.70 -8.69 -6.49
N PHE A 62 -4.66 -7.78 -6.36
CA PHE A 62 -4.44 -6.56 -5.60
C PHE A 62 -4.06 -6.86 -4.16
N LYS A 63 -4.81 -7.75 -3.52
CA LYS A 63 -4.57 -8.06 -2.12
C LYS A 63 -3.15 -8.58 -1.91
N LEU A 64 -2.69 -9.43 -2.82
CA LEU A 64 -1.35 -9.98 -2.71
C LEU A 64 -0.30 -8.87 -2.84
N ASP A 65 -0.55 -7.92 -3.72
CA ASP A 65 0.38 -6.80 -3.92
C ASP A 65 0.50 -5.98 -2.64
N VAL A 66 -0.64 -5.72 -2.00
CA VAL A 66 -0.65 -4.95 -0.76
C VAL A 66 0.00 -5.76 0.37
N ALA A 67 -0.32 -7.04 0.43
CA ALA A 67 0.19 -7.90 1.49
C ALA A 67 1.72 -7.90 1.47
N ASP A 68 2.29 -7.98 0.27
CA ASP A 68 3.74 -7.91 0.13
C ASP A 68 4.26 -6.56 0.59
N PHE A 69 3.52 -5.49 0.27
CA PHE A 69 3.93 -4.15 0.66
C PHE A 69 4.03 -4.01 2.17
N VAL A 70 3.02 -4.51 2.88
CA VAL A 70 3.00 -4.40 4.34
C VAL A 70 4.22 -5.10 4.94
N THR A 71 4.52 -6.30 4.44
CA THR A 71 5.65 -7.06 4.95
C THR A 71 6.96 -6.29 4.71
N THR A 72 7.08 -5.71 3.52
CA THR A 72 8.30 -5.00 3.15
C THR A 72 8.40 -3.65 3.86
N VAL A 73 7.30 -2.88 3.86
CA VAL A 73 7.33 -1.53 4.42
C VAL A 73 7.53 -1.56 5.93
N VAL A 74 6.85 -2.47 6.62
CA VAL A 74 6.97 -2.57 8.06
C VAL A 74 8.42 -2.93 8.43
N GLN A 75 9.01 -3.85 7.67
CA GLN A 75 10.42 -4.19 7.87
C GLN A 75 11.28 -2.95 7.66
N LEU A 76 10.95 -2.16 6.64
CA LEU A 76 11.65 -0.90 6.42
C LEU A 76 11.44 0.05 7.59
N ALA A 77 10.22 0.07 8.13
CA ALA A 77 9.92 0.88 9.30
C ALA A 77 10.78 0.44 10.48
N GLU A 78 10.90 -0.87 10.66
CA GLU A 78 11.72 -1.42 11.74
C GLU A 78 13.19 -1.18 11.49
N GLU A 79 13.63 -1.42 10.24
CA GLU A 79 15.02 -1.24 9.87
C GLU A 79 15.42 0.23 9.97
N LEU A 80 14.53 1.12 9.55
CA LEU A 80 14.82 2.55 9.55
C LEU A 80 15.18 3.02 10.95
N GLU A 81 14.45 2.52 11.95
CA GLU A 81 14.74 2.89 13.33
C GLU A 81 16.07 2.33 13.79
N HIS A 82 16.32 1.07 13.46
CA HIS A 82 17.53 0.40 13.92
C HIS A 82 18.79 1.05 13.36
N ARG A 83 18.75 1.42 12.08
CA ARG A 83 19.96 1.92 11.41
C ARG A 83 20.03 3.45 11.45
N PHE A 84 19.26 4.12 10.60
CA PHE A 84 19.31 5.58 10.52
C PHE A 84 18.70 6.24 11.76
N GLY A 85 17.61 5.66 12.26
CA GLY A 85 16.91 6.23 13.40
C GLY A 85 16.10 7.47 12.99
N ARG A 86 15.51 7.42 11.81
CA ARG A 86 14.76 8.57 11.28
C ARG A 86 13.25 8.35 11.24
N ASN A 87 12.74 7.34 11.96
CA ASN A 87 11.30 7.06 11.96
C ASN A 87 10.61 7.82 13.09
N ARG A 88 9.56 8.55 12.75
CA ARG A 88 8.80 9.29 13.76
C ARG A 88 7.58 8.50 14.27
N ARG A 89 7.59 7.18 14.11
CA ARG A 89 6.45 6.35 14.50
C ARG A 89 6.89 5.24 15.46
N GLY A 90 6.08 4.99 16.48
CA GLY A 90 6.36 3.90 17.41
C GLY A 90 5.85 2.58 16.86
N ARG A 91 6.38 1.46 17.36
CA ARG A 91 5.98 0.15 16.87
C ARG A 91 4.47 -0.04 16.96
N THR A 92 3.87 0.46 18.03
CA THR A 92 2.42 0.39 18.19
C THR A 92 1.74 1.18 17.07
N GLU A 93 2.29 2.35 16.74
CA GLU A 93 1.72 3.18 15.69
C GLU A 93 1.79 2.49 14.34
N ILE A 94 2.88 1.78 14.07
CA ILE A 94 3.02 1.06 12.81
C ILE A 94 1.87 0.05 12.66
N TYR A 95 1.59 -0.69 13.73
CA TYR A 95 0.57 -1.73 13.68
C TYR A 95 -0.82 -1.14 13.51
N LYS A 96 -1.10 -0.04 14.20
CA LYS A 96 -2.43 0.56 14.17
C LYS A 96 -2.83 0.90 12.74
N ILE A 97 -1.90 1.49 11.99
CA ILE A 97 -2.17 1.84 10.60
C ILE A 97 -2.47 0.61 9.75
N VAL A 98 -1.86 -0.54 10.08
CA VAL A 98 -2.13 -1.76 9.35
C VAL A 98 -3.62 -2.09 9.42
N LYS A 99 -4.18 -1.97 10.62
CA LYS A 99 -5.61 -2.18 10.81
C LYS A 99 -6.41 -1.13 10.03
N GLU A 100 -5.91 0.10 10.01
CA GLU A 100 -6.57 1.16 9.24
C GLU A 100 -6.60 0.81 7.76
N VAL A 101 -5.48 0.27 7.26
CA VAL A 101 -5.41 -0.11 5.85
C VAL A 101 -6.36 -1.28 5.57
N ASP A 102 -6.38 -2.24 6.48
CA ASP A 102 -7.17 -3.45 6.27
C ASP A 102 -8.65 -3.15 6.11
N ARG A 103 -9.20 -2.33 7.01
CA ARG A 103 -10.62 -2.03 6.96
C ARG A 103 -11.01 -1.26 5.71
N LYS A 104 -10.17 -0.30 5.31
CA LYS A 104 -10.41 0.43 4.07
C LYS A 104 -10.38 -0.52 2.88
N LEU A 105 -9.45 -1.47 2.91
CA LEU A 105 -9.40 -2.50 1.86
C LEU A 105 -10.65 -3.37 1.92
N LEU A 106 -11.12 -3.67 3.13
CA LEU A 106 -12.37 -4.40 3.28
C LEU A 106 -13.51 -3.63 2.63
N ASP A 107 -13.52 -2.31 2.84
CA ASP A 107 -14.52 -1.46 2.22
C ASP A 107 -14.41 -1.53 0.70
N LEU A 108 -13.19 -1.59 0.19
CA LEU A 108 -12.97 -1.70 -1.25
C LEU A 108 -13.64 -2.96 -1.77
N THR A 109 -13.51 -4.06 -1.03
CA THR A 109 -14.19 -5.30 -1.39
C THR A 109 -15.71 -5.08 -1.36
N ASP A 110 -16.18 -4.41 -0.32
CA ASP A 110 -17.59 -4.11 -0.18
C ASP A 110 -18.09 -3.26 -1.34
N ALA A 111 -17.26 -2.33 -1.80
CA ALA A 111 -17.64 -1.44 -2.90
C ALA A 111 -17.94 -2.24 -4.17
N VAL A 112 -17.08 -3.21 -4.47
CA VAL A 112 -17.28 -4.05 -5.65
C VAL A 112 -18.55 -4.89 -5.47
N LEU A 113 -18.72 -5.45 -4.27
CA LEU A 113 -19.93 -6.20 -3.96
C LEU A 113 -21.17 -5.31 -4.06
N ALA A 114 -21.03 -4.05 -3.66
CA ALA A 114 -22.12 -3.08 -3.79
C ALA A 114 -22.49 -2.81 -5.25
N LYS A 115 -21.59 -3.16 -6.18
CA LYS A 115 -21.83 -2.96 -7.61
C LYS A 115 -21.82 -1.47 -7.96
N GLU A 116 -20.80 -0.77 -7.49
CA GLU A 116 -20.65 0.64 -7.81
C GLU A 116 -20.35 0.81 -9.30
N LYS A 117 -21.31 1.36 -10.03
CA LYS A 117 -21.19 1.47 -11.48
C LYS A 117 -20.05 2.41 -11.88
N LYS A 118 -19.86 3.48 -11.12
CA LYS A 118 -18.87 4.48 -11.49
C LYS A 118 -17.47 4.04 -11.08
N GLY A 119 -16.55 4.02 -12.05
CA GLY A 119 -15.18 3.60 -11.80
C GLY A 119 -14.48 4.53 -10.81
N GLU A 120 -14.79 5.82 -10.89
CA GLU A 120 -14.16 6.81 -10.02
C GLU A 120 -14.32 6.44 -8.55
N ASP A 121 -15.43 5.80 -8.20
CA ASP A 121 -15.68 5.40 -6.82
C ASP A 121 -14.52 4.57 -6.26
N ILE A 122 -14.01 3.66 -7.09
CA ILE A 122 -12.86 2.86 -6.69
C ILE A 122 -11.63 3.75 -6.54
N LEU A 123 -11.35 4.55 -7.56
CA LEU A 123 -10.14 5.38 -7.56
C LEU A 123 -10.10 6.29 -6.33
N ASN A 124 -11.25 6.85 -5.98
CA ASN A 124 -11.32 7.73 -4.82
C ASN A 124 -10.95 7.00 -3.55
N MET A 125 -11.43 5.77 -3.41
CA MET A 125 -11.13 4.97 -2.22
C MET A 125 -9.67 4.53 -2.20
N VAL A 126 -9.15 4.16 -3.37
CA VAL A 126 -7.77 3.72 -3.47
C VAL A 126 -6.83 4.81 -2.96
N ALA A 127 -7.15 6.07 -3.25
CA ALA A 127 -6.33 7.18 -2.78
C ALA A 127 -6.20 7.15 -1.26
N GLU A 128 -7.28 6.80 -0.57
CA GLU A 128 -7.25 6.67 0.88
C GLU A 128 -6.32 5.53 1.30
N ILE A 129 -6.35 4.43 0.55
CA ILE A 129 -5.51 3.29 0.86
C ILE A 129 -4.04 3.70 0.81
N LYS A 130 -3.64 4.36 -0.26
CA LYS A 130 -2.26 4.80 -0.43
C LYS A 130 -1.85 5.76 0.68
N ALA A 131 -2.78 6.62 1.11
CA ALA A 131 -2.49 7.57 2.18
C ALA A 131 -2.09 6.85 3.46
N LEU A 132 -2.76 5.73 3.75
CA LEU A 132 -2.44 4.94 4.93
C LEU A 132 -1.09 4.24 4.76
N LEU A 133 -0.81 3.77 3.56
CA LEU A 133 0.44 3.04 3.30
C LEU A 133 1.65 3.95 3.46
N ILE A 134 1.56 5.16 2.90
CA ILE A 134 2.67 6.10 3.00
C ILE A 134 2.94 6.52 4.45
N ASN A 135 1.90 6.53 5.28
CA ASN A 135 2.07 6.86 6.70
C ASN A 135 3.08 5.93 7.36
N ILE A 136 3.11 4.67 6.95
CA ILE A 136 4.03 3.70 7.53
C ILE A 136 5.47 4.19 7.34
N TYR A 137 5.80 4.55 6.10
CA TYR A 137 7.14 5.02 5.78
C TYR A 137 7.46 6.30 6.55
N LYS A 138 6.47 7.18 6.65
CA LYS A 138 6.66 8.46 7.32
C LYS A 138 5.57 8.69 8.36
N GLU A 22 17.30 -1.71 -14.68
CA GLU A 22 18.72 -1.67 -14.36
C GLU A 22 18.94 -1.81 -12.85
N ALA A 23 20.17 -2.16 -12.47
CA ALA A 23 20.50 -2.31 -11.06
C ALA A 23 21.28 -1.10 -10.56
N ALA A 24 21.09 -0.76 -9.29
CA ALA A 24 21.77 0.38 -8.70
C ALA A 24 22.24 0.05 -7.29
N ALA A 25 23.30 0.72 -6.84
CA ALA A 25 23.84 0.49 -5.51
C ALA A 25 23.43 1.61 -4.55
N ALA A 26 23.11 1.23 -3.32
CA ALA A 26 22.70 2.20 -2.31
C ALA A 26 22.82 1.61 -0.92
N ALA A 27 22.75 2.45 0.10
CA ALA A 27 22.79 1.98 1.49
C ALA A 27 21.67 0.97 1.73
N ARG A 28 21.84 0.12 2.74
CA ARG A 28 20.87 -0.93 3.02
C ARG A 28 19.46 -0.34 3.17
N ASP A 29 19.37 0.82 3.80
CA ASP A 29 18.09 1.50 3.94
C ASP A 29 17.56 1.93 2.58
N GLU A 30 18.45 2.47 1.76
CA GLU A 30 18.07 2.98 0.44
C GLU A 30 17.73 1.85 -0.52
N SER A 31 18.49 0.76 -0.46
CA SER A 31 18.30 -0.34 -1.40
C SER A 31 16.90 -0.92 -1.24
N ALA A 32 16.45 -1.07 0.00
CA ALA A 32 15.09 -1.52 0.26
C ALA A 32 14.08 -0.46 -0.16
N TYR A 33 14.41 0.79 0.13
CA TYR A 33 13.52 1.90 -0.20
C TYR A 33 13.27 1.98 -1.71
N LEU A 34 14.32 1.73 -2.49
CA LEU A 34 14.19 1.77 -3.94
C LEU A 34 13.18 0.73 -4.44
N LYS A 35 13.20 -0.44 -3.83
CA LYS A 35 12.25 -1.50 -4.20
C LYS A 35 10.81 -1.02 -4.00
N LEU A 36 10.58 -0.29 -2.93
CA LEU A 36 9.24 0.21 -2.63
C LEU A 36 8.75 1.14 -3.74
N GLN A 37 9.65 1.98 -4.25
CA GLN A 37 9.29 2.96 -5.26
C GLN A 37 8.82 2.29 -6.55
N GLU A 38 9.56 1.28 -6.99
CA GLU A 38 9.24 0.62 -8.25
C GLU A 38 7.90 -0.09 -8.18
N GLN A 39 7.65 -0.76 -7.06
CA GLN A 39 6.39 -1.48 -6.88
C GLN A 39 5.23 -0.51 -6.75
N MET A 40 5.45 0.59 -6.02
CA MET A 40 4.38 1.55 -5.79
C MET A 40 3.85 2.10 -7.10
N ARG A 41 4.74 2.34 -8.06
CA ARG A 41 4.32 2.82 -9.38
C ARG A 41 3.34 1.83 -10.01
N LYS A 42 3.65 0.55 -9.89
CA LYS A 42 2.78 -0.49 -10.43
C LYS A 42 1.40 -0.41 -9.78
N ILE A 43 1.38 -0.21 -8.46
CA ILE A 43 0.12 -0.06 -7.74
C ILE A 43 -0.65 1.16 -8.25
N ASP A 44 0.07 2.25 -8.47
CA ASP A 44 -0.56 3.48 -8.94
C ASP A 44 -1.27 3.24 -10.27
N ALA A 45 -0.63 2.48 -11.15
CA ALA A 45 -1.21 2.16 -12.45
C ALA A 45 -2.37 1.19 -12.28
N ASP A 46 -2.16 0.15 -11.48
CA ASP A 46 -3.19 -0.86 -11.25
C ASP A 46 -4.42 -0.24 -10.59
N ALA A 47 -4.19 0.71 -9.67
CA ALA A 47 -5.29 1.34 -8.97
C ALA A 47 -6.23 2.04 -9.93
N ALA A 48 -5.66 2.70 -10.94
CA ALA A 48 -6.46 3.38 -11.95
C ALA A 48 -7.24 2.37 -12.78
N ALA A 49 -6.59 1.25 -13.12
CA ALA A 49 -7.23 0.22 -13.92
C ALA A 49 -8.38 -0.43 -13.16
N LEU A 50 -8.20 -0.62 -11.86
CA LEU A 50 -9.22 -1.28 -11.05
C LEU A 50 -10.54 -0.51 -11.13
N SER A 51 -10.46 0.81 -11.09
CA SER A 51 -11.66 1.64 -11.16
C SER A 51 -12.36 1.47 -12.51
N GLU A 52 -11.57 1.37 -13.57
CA GLU A 52 -12.13 1.21 -14.92
C GLU A 52 -12.70 -0.18 -15.12
N THR A 53 -11.95 -1.19 -14.67
CA THR A 53 -12.36 -2.58 -14.88
C THR A 53 -13.50 -2.99 -13.94
N ARG A 54 -13.47 -2.47 -12.72
CA ARG A 54 -14.47 -2.84 -11.72
C ARG A 54 -14.50 -4.36 -11.53
N THR A 55 -13.33 -4.97 -11.52
CA THR A 55 -13.23 -6.43 -11.43
C THR A 55 -13.03 -6.88 -9.99
N ILE A 56 -13.20 -8.17 -9.75
CA ILE A 56 -13.09 -8.73 -8.40
C ILE A 56 -12.12 -9.90 -8.36
N GLU A 57 -12.16 -10.76 -9.39
CA GLU A 57 -11.29 -11.92 -9.43
C GLU A 57 -9.83 -11.49 -9.51
N GLU A 58 -9.56 -10.47 -10.31
CA GLU A 58 -8.21 -9.92 -10.41
C GLU A 58 -7.78 -9.25 -9.10
N LEU A 59 -8.74 -8.69 -8.36
CA LEU A 59 -8.44 -7.98 -7.12
C LEU A 59 -7.58 -8.84 -6.17
N ASP A 60 -7.77 -10.15 -6.20
CA ASP A 60 -7.01 -11.05 -5.34
C ASP A 60 -5.50 -10.83 -5.54
N THR A 61 -5.10 -10.64 -6.79
CA THR A 61 -3.69 -10.37 -7.09
C THR A 61 -3.25 -9.05 -6.47
N PHE A 62 -4.12 -8.04 -6.55
CA PHE A 62 -3.82 -6.73 -6.01
C PHE A 62 -3.53 -6.81 -4.50
N LYS A 63 -4.33 -7.60 -3.79
CA LYS A 63 -4.18 -7.71 -2.34
C LYS A 63 -2.76 -8.16 -1.98
N LEU A 64 -2.23 -9.10 -2.76
CA LEU A 64 -0.87 -9.60 -2.51
C LEU A 64 0.16 -8.50 -2.75
N ASP A 65 -0.04 -7.72 -3.80
CA ASP A 65 0.89 -6.65 -4.13
C ASP A 65 0.93 -5.59 -3.04
N VAL A 66 -0.25 -5.21 -2.54
CA VAL A 66 -0.34 -4.19 -1.50
C VAL A 66 0.23 -4.73 -0.19
N ALA A 67 -0.08 -5.99 0.12
CA ALA A 67 0.37 -6.58 1.37
C ALA A 67 1.89 -6.53 1.48
N ASP A 68 2.57 -6.81 0.38
CA ASP A 68 4.03 -6.72 0.35
C ASP A 68 4.48 -5.29 0.59
N PHE A 69 3.78 -4.33 -0.03
CA PHE A 69 4.09 -2.92 0.17
C PHE A 69 3.97 -2.56 1.64
N VAL A 70 2.91 -3.04 2.27
CA VAL A 70 2.71 -2.83 3.70
C VAL A 70 3.83 -3.51 4.49
N THR A 71 4.23 -4.71 4.06
CA THR A 71 5.30 -5.43 4.72
C THR A 71 6.63 -4.67 4.59
N THR A 72 6.89 -4.15 3.39
CA THR A 72 8.15 -3.45 3.14
C THR A 72 8.28 -2.20 4.01
N VAL A 73 7.19 -1.44 4.13
CA VAL A 73 7.23 -0.20 4.90
C VAL A 73 7.44 -0.47 6.39
N VAL A 74 6.89 -1.58 6.88
CA VAL A 74 7.04 -1.94 8.29
C VAL A 74 8.51 -2.24 8.59
N GLN A 75 9.15 -2.98 7.68
CA GLN A 75 10.57 -3.31 7.87
C GLN A 75 11.41 -2.04 7.96
N LEU A 76 11.08 -1.05 7.14
CA LEU A 76 11.80 0.22 7.19
C LEU A 76 11.63 0.89 8.55
N ALA A 77 10.42 0.86 9.07
CA ALA A 77 10.12 1.51 10.34
C ALA A 77 10.77 0.78 11.50
N GLU A 78 10.48 -0.51 11.62
CA GLU A 78 10.92 -1.28 12.78
C GLU A 78 12.40 -1.62 12.75
N GLU A 79 12.93 -1.99 11.58
CA GLU A 79 14.29 -2.52 11.51
C GLU A 79 15.29 -1.53 10.92
N LEU A 80 15.27 -1.35 9.60
CA LEU A 80 16.34 -0.63 8.93
C LEU A 80 16.54 0.77 9.50
N GLU A 81 15.47 1.58 9.52
CA GLU A 81 15.58 2.95 10.02
C GLU A 81 15.84 2.97 11.53
N HIS A 82 15.25 2.02 12.25
CA HIS A 82 15.34 2.01 13.71
C HIS A 82 16.78 1.89 14.19
N ARG A 83 17.54 0.97 13.60
CA ARG A 83 18.92 0.75 14.03
C ARG A 83 19.74 2.04 13.83
N PHE A 84 19.58 2.66 12.67
CA PHE A 84 20.24 3.94 12.40
C PHE A 84 19.74 5.03 13.33
N GLY A 85 18.48 4.94 13.77
CA GLY A 85 17.87 5.99 14.57
C GLY A 85 17.08 6.98 13.71
N ARG A 86 16.52 6.50 12.61
CA ARG A 86 15.72 7.35 11.72
C ARG A 86 14.23 7.02 11.79
N ASN A 87 13.77 6.50 12.94
CA ASN A 87 12.38 6.09 13.07
C ASN A 87 11.49 7.28 13.43
N ARG A 88 10.94 7.92 12.41
CA ARG A 88 10.08 9.09 12.61
C ARG A 88 8.80 8.73 13.36
N ARG A 89 8.26 7.53 13.09
CA ARG A 89 6.98 7.13 13.66
C ARG A 89 7.17 5.91 14.56
N GLY A 90 6.43 5.88 15.68
CA GLY A 90 6.56 4.79 16.63
C GLY A 90 5.94 3.49 16.09
N ARG A 91 6.37 2.36 16.64
CA ARG A 91 5.91 1.06 16.17
C ARG A 91 4.39 0.98 16.17
N THR A 92 3.77 1.50 17.22
CA THR A 92 2.32 1.45 17.33
C THR A 92 1.65 2.13 16.14
N GLU A 93 2.24 3.25 15.70
CA GLU A 93 1.65 4.03 14.61
C GLU A 93 1.64 3.24 13.31
N ILE A 94 2.72 2.49 13.03
CA ILE A 94 2.76 1.67 11.83
C ILE A 94 1.62 0.64 11.87
N TYR A 95 1.39 0.05 13.05
CA TYR A 95 0.36 -0.98 13.17
C TYR A 95 -1.01 -0.42 12.78
N LYS A 96 -1.28 0.83 13.14
CA LYS A 96 -2.52 1.47 12.76
C LYS A 96 -2.63 1.54 11.23
N ILE A 97 -1.54 1.89 10.57
CA ILE A 97 -1.53 1.97 9.12
C ILE A 97 -1.77 0.59 8.50
N VAL A 98 -1.10 -0.42 9.04
CA VAL A 98 -1.20 -1.77 8.48
C VAL A 98 -2.65 -2.24 8.51
N LYS A 99 -3.31 -2.06 9.65
CA LYS A 99 -4.68 -2.52 9.80
C LYS A 99 -5.65 -1.71 8.91
N GLU A 100 -5.51 -0.39 8.93
CA GLU A 100 -6.43 0.47 8.19
C GLU A 100 -6.30 0.28 6.68
N VAL A 101 -5.07 0.12 6.19
CA VAL A 101 -4.84 -0.09 4.76
C VAL A 101 -5.56 -1.36 4.32
N ASP A 102 -5.43 -2.41 5.12
CA ASP A 102 -6.17 -3.65 4.85
C ASP A 102 -7.68 -3.38 4.87
N ARG A 103 -8.12 -2.53 5.81
CA ARG A 103 -9.52 -2.18 5.93
C ARG A 103 -10.05 -1.61 4.62
N LYS A 104 -9.32 -0.63 4.06
CA LYS A 104 -9.72 -0.02 2.81
C LYS A 104 -9.75 -1.06 1.68
N LEU A 105 -8.72 -1.90 1.63
CA LEU A 105 -8.65 -2.94 0.61
C LEU A 105 -9.81 -3.91 0.75
N LEU A 106 -10.13 -4.28 1.99
CA LEU A 106 -11.22 -5.20 2.26
C LEU A 106 -12.55 -4.59 1.83
N ASP A 107 -12.72 -3.30 2.11
CA ASP A 107 -13.95 -2.60 1.74
C ASP A 107 -14.13 -2.61 0.22
N LEU A 108 -13.03 -2.45 -0.51
CA LEU A 108 -13.08 -2.44 -1.97
C LEU A 108 -13.73 -3.72 -2.49
N THR A 109 -13.36 -4.85 -1.89
CA THR A 109 -13.96 -6.12 -2.26
C THR A 109 -15.45 -6.12 -1.98
N ASP A 110 -15.82 -5.59 -0.82
CA ASP A 110 -17.23 -5.52 -0.42
C ASP A 110 -18.03 -4.66 -1.38
N ALA A 111 -17.43 -3.57 -1.86
CA ALA A 111 -18.13 -2.64 -2.73
C ALA A 111 -18.55 -3.32 -4.03
N VAL A 112 -17.63 -4.07 -4.64
CA VAL A 112 -17.92 -4.76 -5.88
C VAL A 112 -18.98 -5.84 -5.64
N LEU A 113 -18.80 -6.60 -4.57
CA LEU A 113 -19.75 -7.66 -4.22
C LEU A 113 -21.11 -7.10 -3.79
N ALA A 114 -21.13 -5.89 -3.24
CA ALA A 114 -22.35 -5.29 -2.71
C ALA A 114 -23.49 -5.35 -3.73
N LYS A 115 -24.69 -5.58 -3.23
CA LYS A 115 -25.87 -5.69 -4.09
C LYS A 115 -26.10 -4.39 -4.87
N GLU A 116 -25.85 -3.26 -4.22
CA GLU A 116 -26.08 -1.95 -4.83
C GLU A 116 -24.77 -1.36 -5.34
N LYS A 117 -23.97 -2.17 -6.02
CA LYS A 117 -22.69 -1.70 -6.53
C LYS A 117 -22.85 -0.45 -7.40
N LYS A 118 -22.00 0.54 -7.14
CA LYS A 118 -22.04 1.78 -7.90
C LYS A 118 -20.62 2.20 -8.28
N GLY A 119 -20.43 2.55 -9.56
CA GLY A 119 -19.09 2.87 -10.06
C GLY A 119 -18.41 3.94 -9.22
N GLU A 120 -19.17 4.94 -8.79
CA GLU A 120 -18.60 6.03 -8.00
C GLU A 120 -18.00 5.51 -6.70
N ASP A 121 -18.59 4.47 -6.12
CA ASP A 121 -18.12 3.94 -4.85
C ASP A 121 -16.64 3.56 -4.92
N ILE A 122 -16.24 2.95 -6.04
CA ILE A 122 -14.84 2.54 -6.20
C ILE A 122 -13.93 3.76 -6.20
N LEU A 123 -14.32 4.79 -6.94
CA LEU A 123 -13.49 5.99 -7.05
C LEU A 123 -13.22 6.60 -5.67
N ASN A 124 -14.26 6.63 -4.83
CA ASN A 124 -14.12 7.23 -3.51
C ASN A 124 -13.15 6.43 -2.64
N MET A 125 -13.27 5.11 -2.68
CA MET A 125 -12.44 4.25 -1.85
C MET A 125 -11.01 4.20 -2.36
N VAL A 126 -10.84 4.03 -3.67
CA VAL A 126 -9.51 3.88 -4.25
C VAL A 126 -8.65 5.09 -3.92
N ALA A 127 -9.24 6.28 -3.95
CA ALA A 127 -8.49 7.50 -3.64
C ALA A 127 -7.95 7.43 -2.21
N GLU A 128 -8.75 6.91 -1.29
CA GLU A 128 -8.35 6.82 0.11
C GLU A 128 -7.20 5.82 0.29
N ILE A 129 -7.24 4.74 -0.47
CA ILE A 129 -6.20 3.71 -0.35
C ILE A 129 -4.82 4.32 -0.64
N LYS A 130 -4.69 4.99 -1.77
CA LYS A 130 -3.42 5.62 -2.14
C LYS A 130 -2.99 6.64 -1.10
N ALA A 131 -3.95 7.38 -0.56
CA ALA A 131 -3.65 8.45 0.38
C ALA A 131 -2.91 7.89 1.60
N LEU A 132 -3.30 6.72 2.06
CA LEU A 132 -2.65 6.09 3.21
C LEU A 132 -1.24 5.63 2.84
N LEU A 133 -1.10 5.07 1.65
CA LEU A 133 0.19 4.53 1.21
C LEU A 133 1.18 5.64 0.93
N ILE A 134 0.72 6.72 0.31
CA ILE A 134 1.60 7.84 -0.01
C ILE A 134 2.05 8.60 1.24
N ASN A 135 1.19 8.65 2.25
CA ASN A 135 1.52 9.37 3.47
C ASN A 135 2.79 8.81 4.09
N ILE A 136 2.87 7.49 4.20
CA ILE A 136 4.08 6.84 4.71
C ILE A 136 5.23 6.89 3.70
N TYR A 137 4.90 6.92 2.41
CA TYR A 137 5.93 6.96 1.37
C TYR A 137 6.85 8.15 1.57
N LYS A 138 6.29 9.30 1.94
CA LYS A 138 7.09 10.50 2.13
C LYS A 138 7.60 10.57 3.56
N GLU A 22 21.16 -7.61 8.18
CA GLU A 22 22.31 -7.58 7.29
C GLU A 22 23.13 -6.31 7.51
N ALA A 23 24.34 -6.28 6.94
CA ALA A 23 25.20 -5.12 7.07
C ALA A 23 24.52 -3.89 6.47
N ALA A 24 24.76 -2.73 7.07
CA ALA A 24 24.15 -1.50 6.58
C ALA A 24 25.01 -0.87 5.48
N ALA A 25 24.35 -0.45 4.41
CA ALA A 25 25.05 0.20 3.30
C ALA A 25 24.15 1.23 2.63
N ALA A 26 24.76 2.28 2.10
CA ALA A 26 23.99 3.34 1.44
C ALA A 26 23.34 2.83 0.16
N ALA A 27 24.04 1.95 -0.56
CA ALA A 27 23.54 1.45 -1.83
C ALA A 27 22.28 0.63 -1.64
N ARG A 28 22.34 -0.34 -0.73
CA ARG A 28 21.19 -1.22 -0.49
C ARG A 28 20.01 -0.45 0.07
N ASP A 29 20.28 0.54 0.93
CA ASP A 29 19.23 1.36 1.50
C ASP A 29 18.45 2.09 0.40
N GLU A 30 19.18 2.59 -0.60
CA GLU A 30 18.55 3.32 -1.70
C GLU A 30 17.64 2.41 -2.51
N SER A 31 18.05 1.16 -2.70
CA SER A 31 17.27 0.21 -3.48
C SER A 31 15.88 0.01 -2.89
N ALA A 32 15.79 0.02 -1.56
CA ALA A 32 14.51 -0.12 -0.88
C ALA A 32 13.60 1.06 -1.22
N TYR A 33 14.19 2.26 -1.24
CA TYR A 33 13.43 3.46 -1.58
C TYR A 33 12.87 3.36 -2.99
N LEU A 34 13.68 2.88 -3.91
CA LEU A 34 13.25 2.72 -5.30
C LEU A 34 12.10 1.71 -5.41
N LYS A 35 12.16 0.67 -4.60
CA LYS A 35 11.10 -0.34 -4.60
C LYS A 35 9.75 0.29 -4.31
N LEU A 36 9.73 1.23 -3.36
CA LEU A 36 8.50 1.93 -3.02
C LEU A 36 7.98 2.76 -4.20
N GLN A 37 8.90 3.32 -4.98
CA GLN A 37 8.52 4.14 -6.13
C GLN A 37 7.70 3.34 -7.13
N GLU A 38 8.12 2.11 -7.38
CA GLU A 38 7.39 1.23 -8.31
C GLU A 38 5.96 1.02 -7.82
N GLN A 39 5.82 0.82 -6.52
CA GLN A 39 4.53 0.56 -5.91
C GLN A 39 3.57 1.72 -6.10
N MET A 40 4.08 2.95 -6.03
CA MET A 40 3.23 4.13 -6.12
C MET A 40 2.45 4.12 -7.43
N ARG A 41 3.10 3.70 -8.51
CA ARG A 41 2.46 3.72 -9.82
C ARG A 41 1.88 2.34 -10.16
N LYS A 42 2.61 1.28 -9.80
CA LYS A 42 2.16 -0.07 -10.07
C LYS A 42 0.81 -0.32 -9.42
N ILE A 43 0.70 0.10 -8.16
CA ILE A 43 -0.56 -0.05 -7.40
C ILE A 43 -1.65 0.86 -7.99
N ASP A 44 -1.25 2.04 -8.46
CA ASP A 44 -2.21 2.97 -9.05
C ASP A 44 -2.80 2.41 -10.33
N ALA A 45 -1.95 1.84 -11.19
CA ALA A 45 -2.42 1.32 -12.47
C ALA A 45 -3.33 0.11 -12.28
N ASP A 46 -2.91 -0.81 -11.41
CA ASP A 46 -3.68 -2.02 -11.16
C ASP A 46 -5.06 -1.68 -10.58
N ALA A 47 -5.10 -0.68 -9.69
CA ALA A 47 -6.34 -0.31 -9.04
C ALA A 47 -7.36 0.22 -10.04
N ALA A 48 -6.90 1.04 -10.98
CA ALA A 48 -7.78 1.61 -11.99
C ALA A 48 -8.25 0.55 -12.98
N ALA A 49 -7.37 -0.39 -13.31
CA ALA A 49 -7.67 -1.38 -14.33
C ALA A 49 -8.83 -2.29 -13.90
N LEU A 50 -8.81 -2.74 -12.65
CA LEU A 50 -9.84 -3.65 -12.16
C LEU A 50 -11.19 -2.96 -12.00
N SER A 51 -11.15 -1.69 -11.61
CA SER A 51 -12.39 -0.94 -11.37
C SER A 51 -13.24 -0.87 -12.63
N GLU A 52 -12.60 -0.78 -13.80
CA GLU A 52 -13.34 -0.67 -15.06
C GLU A 52 -14.12 -1.95 -15.33
N THR A 53 -13.49 -3.09 -15.08
CA THR A 53 -14.13 -4.38 -15.32
C THR A 53 -14.99 -4.83 -14.14
N ARG A 54 -14.65 -4.39 -12.93
CA ARG A 54 -15.38 -4.80 -11.73
C ARG A 54 -15.37 -6.32 -11.59
N THR A 55 -14.21 -6.88 -11.29
CA THR A 55 -14.08 -8.31 -11.06
C THR A 55 -13.25 -8.58 -9.80
N ILE A 56 -13.68 -9.56 -9.02
CA ILE A 56 -13.00 -9.89 -7.77
C ILE A 56 -11.64 -10.56 -8.00
N GLU A 57 -11.52 -11.30 -9.11
CA GLU A 57 -10.30 -12.06 -9.36
C GLU A 57 -9.07 -11.16 -9.35
N GLU A 58 -9.17 -10.02 -10.03
CA GLU A 58 -8.05 -9.08 -10.07
C GLU A 58 -7.79 -8.45 -8.70
N LEU A 59 -8.85 -8.23 -7.94
CA LEU A 59 -8.73 -7.64 -6.61
C LEU A 59 -7.79 -8.48 -5.74
N ASP A 60 -7.84 -9.80 -5.90
CA ASP A 60 -7.03 -10.69 -5.07
C ASP A 60 -5.55 -10.34 -5.16
N THR A 61 -5.08 -10.02 -6.37
CA THR A 61 -3.67 -9.67 -6.55
C THR A 61 -3.36 -8.31 -5.93
N PHE A 62 -4.32 -7.39 -5.95
CA PHE A 62 -4.10 -6.06 -5.38
C PHE A 62 -3.68 -6.15 -3.92
N LYS A 63 -4.37 -7.01 -3.16
CA LYS A 63 -4.04 -7.17 -1.75
C LYS A 63 -2.59 -7.59 -1.58
N LEU A 64 -2.11 -8.47 -2.46
CA LEU A 64 -0.72 -8.91 -2.42
C LEU A 64 0.21 -7.73 -2.69
N ASP A 65 -0.16 -6.87 -3.64
CA ASP A 65 0.63 -5.69 -3.95
C ASP A 65 0.71 -4.76 -2.73
N VAL A 66 -0.42 -4.61 -2.04
CA VAL A 66 -0.44 -3.78 -0.84
C VAL A 66 0.41 -4.42 0.25
N ALA A 67 0.29 -5.73 0.40
CA ALA A 67 1.06 -6.45 1.41
C ALA A 67 2.54 -6.25 1.16
N ASP A 68 2.96 -6.46 -0.09
CA ASP A 68 4.35 -6.20 -0.47
C ASP A 68 4.69 -4.74 -0.21
N PHE A 69 3.76 -3.85 -0.53
CA PHE A 69 3.99 -2.41 -0.34
C PHE A 69 4.20 -2.11 1.14
N VAL A 70 3.39 -2.74 1.99
CA VAL A 70 3.52 -2.54 3.43
C VAL A 70 4.79 -3.23 3.94
N THR A 71 5.07 -4.43 3.44
CA THR A 71 6.22 -5.20 3.90
C THR A 71 7.50 -4.40 3.79
N THR A 72 7.65 -3.68 2.67
CA THR A 72 8.85 -2.88 2.46
C THR A 72 8.95 -1.75 3.49
N VAL A 73 7.81 -1.14 3.78
CA VAL A 73 7.78 -0.01 4.72
C VAL A 73 8.16 -0.48 6.12
N VAL A 74 7.56 -1.59 6.57
CA VAL A 74 7.84 -2.10 7.90
C VAL A 74 9.26 -2.63 8.03
N GLN A 75 9.79 -3.20 6.94
CA GLN A 75 11.16 -3.69 6.95
C GLN A 75 12.13 -2.56 7.31
N LEU A 76 11.90 -1.39 6.73
CA LEU A 76 12.69 -0.21 7.07
C LEU A 76 12.44 0.22 8.51
N ALA A 77 11.19 0.08 8.96
CA ALA A 77 10.85 0.46 10.33
C ALA A 77 11.61 -0.39 11.34
N GLU A 78 11.64 -1.70 11.10
CA GLU A 78 12.39 -2.60 11.97
C GLU A 78 13.89 -2.38 11.83
N GLU A 79 14.34 -2.19 10.59
CA GLU A 79 15.77 -2.03 10.33
C GLU A 79 16.34 -0.84 11.08
N LEU A 80 15.56 0.23 11.19
CA LEU A 80 16.02 1.45 11.86
C LEU A 80 16.37 1.17 13.31
N GLU A 81 15.59 0.31 13.97
CA GLU A 81 15.82 0.01 15.37
C GLU A 81 17.18 -0.64 15.60
N HIS A 82 17.56 -1.53 14.69
CA HIS A 82 18.81 -2.26 14.84
C HIS A 82 20.02 -1.31 14.85
N ARG A 83 20.07 -0.41 13.87
CA ARG A 83 21.18 0.51 13.76
C ARG A 83 21.28 1.41 15.00
N PHE A 84 20.14 1.95 15.41
CA PHE A 84 20.10 2.81 16.59
C PHE A 84 20.51 2.06 17.85
N GLY A 85 20.12 0.78 17.93
CA GLY A 85 20.39 -0.01 19.13
C GLY A 85 19.38 0.29 20.25
N ARG A 86 18.18 0.75 19.89
CA ARG A 86 17.15 1.06 20.88
C ARG A 86 15.82 0.46 20.45
N ASN A 87 14.92 0.29 21.40
CA ASN A 87 13.62 -0.33 21.10
C ASN A 87 12.55 0.72 20.84
N ARG A 88 11.62 0.38 19.96
CA ARG A 88 10.47 1.23 19.65
C ARG A 88 10.90 2.50 18.90
N ARG A 89 11.10 2.36 17.60
CA ARG A 89 11.34 3.51 16.74
C ARG A 89 10.54 3.37 15.46
N GLY A 90 9.63 4.31 15.22
CA GLY A 90 8.78 4.24 14.03
C GLY A 90 7.96 2.96 14.03
N ARG A 91 7.08 2.81 15.02
CA ARG A 91 6.24 1.62 15.13
C ARG A 91 4.77 2.00 15.22
N THR A 92 4.42 2.81 16.22
CA THR A 92 3.04 3.21 16.40
C THR A 92 2.49 3.89 15.16
N GLU A 93 3.32 4.75 14.55
CA GLU A 93 2.93 5.46 13.35
C GLU A 93 2.77 4.50 12.16
N ILE A 94 3.63 3.49 12.10
CA ILE A 94 3.59 2.54 10.99
C ILE A 94 2.29 1.75 11.00
N TYR A 95 1.93 1.24 12.17
CA TYR A 95 0.82 0.30 12.30
C TYR A 95 -0.53 0.97 12.06
N LYS A 96 -0.70 2.20 12.54
CA LYS A 96 -2.00 2.88 12.42
C LYS A 96 -2.37 3.08 10.96
N ILE A 97 -1.40 3.52 10.15
CA ILE A 97 -1.68 3.81 8.74
C ILE A 97 -2.09 2.55 7.98
N VAL A 98 -1.37 1.45 8.22
CA VAL A 98 -1.66 0.21 7.51
C VAL A 98 -3.01 -0.38 7.92
N LYS A 99 -3.42 -0.16 9.17
CA LYS A 99 -4.74 -0.58 9.62
C LYS A 99 -5.83 0.08 8.80
N GLU A 100 -5.63 1.36 8.46
CA GLU A 100 -6.62 2.07 7.67
C GLU A 100 -6.72 1.49 6.26
N VAL A 101 -5.58 1.11 5.70
CA VAL A 101 -5.56 0.60 4.32
C VAL A 101 -6.35 -0.69 4.20
N ASP A 102 -6.17 -1.60 5.16
CA ASP A 102 -6.78 -2.92 5.07
C ASP A 102 -8.30 -2.84 5.00
N ARG A 103 -8.91 -2.09 5.91
CA ARG A 103 -10.36 -2.01 5.96
C ARG A 103 -10.95 -1.44 4.68
N LYS A 104 -10.30 -0.42 4.12
CA LYS A 104 -10.77 0.15 2.86
C LYS A 104 -10.77 -0.91 1.76
N LEU A 105 -9.74 -1.76 1.75
CA LEU A 105 -9.69 -2.85 0.79
C LEU A 105 -10.82 -3.84 1.04
N LEU A 106 -11.10 -4.11 2.31
CA LEU A 106 -12.21 -4.99 2.67
C LEU A 106 -13.53 -4.35 2.23
N ASP A 107 -13.67 -3.05 2.48
CA ASP A 107 -14.84 -2.33 2.04
C ASP A 107 -14.93 -2.34 0.51
N LEU A 108 -13.78 -2.15 -0.14
CA LEU A 108 -13.71 -2.21 -1.59
C LEU A 108 -14.13 -3.60 -2.08
N THR A 109 -13.68 -4.63 -1.36
CA THR A 109 -14.05 -6.00 -1.71
C THR A 109 -15.56 -6.16 -1.64
N ASP A 110 -16.17 -5.63 -0.59
CA ASP A 110 -17.61 -5.69 -0.43
C ASP A 110 -18.31 -4.95 -1.56
N ALA A 111 -17.75 -3.84 -2.00
CA ALA A 111 -18.34 -3.04 -3.06
C ALA A 111 -18.51 -3.88 -4.33
N VAL A 112 -17.47 -4.62 -4.68
CA VAL A 112 -17.52 -5.47 -5.86
C VAL A 112 -18.59 -6.55 -5.69
N LEU A 113 -18.62 -7.14 -4.50
CA LEU A 113 -19.62 -8.17 -4.19
C LEU A 113 -21.04 -7.61 -4.18
N ALA A 114 -21.18 -6.34 -3.81
CA ALA A 114 -22.51 -5.72 -3.69
C ALA A 114 -23.34 -5.93 -4.95
N LYS A 115 -24.64 -6.10 -4.76
CA LYS A 115 -25.54 -6.34 -5.89
C LYS A 115 -25.47 -5.20 -6.89
N GLU A 116 -25.46 -3.97 -6.38
CA GLU A 116 -25.36 -2.78 -7.23
C GLU A 116 -24.32 -1.81 -6.67
N LYS A 117 -23.47 -1.30 -7.56
CA LYS A 117 -22.43 -0.37 -7.14
C LYS A 117 -22.31 0.80 -8.11
N LYS A 118 -21.84 1.94 -7.62
CA LYS A 118 -21.59 3.10 -8.47
C LYS A 118 -20.10 3.20 -8.79
N GLY A 119 -19.80 3.53 -10.04
CA GLY A 119 -18.42 3.62 -10.49
C GLY A 119 -17.62 4.59 -9.62
N GLU A 120 -18.25 5.70 -9.24
CA GLU A 120 -17.58 6.72 -8.46
C GLU A 120 -17.25 6.23 -7.06
N ASP A 121 -18.16 5.45 -6.48
CA ASP A 121 -17.96 4.94 -5.12
C ASP A 121 -16.69 4.10 -5.04
N ILE A 122 -16.46 3.28 -6.05
CA ILE A 122 -15.28 2.42 -6.07
C ILE A 122 -14.01 3.27 -6.10
N LEU A 123 -13.99 4.27 -6.96
CA LEU A 123 -12.82 5.13 -7.10
C LEU A 123 -12.53 5.87 -5.81
N ASN A 124 -13.58 6.31 -5.11
CA ASN A 124 -13.41 7.03 -3.86
C ASN A 124 -12.64 6.18 -2.85
N MET A 125 -12.98 4.90 -2.79
CA MET A 125 -12.29 3.97 -1.89
C MET A 125 -10.83 3.83 -2.29
N VAL A 126 -10.57 3.76 -3.59
CA VAL A 126 -9.22 3.63 -4.10
C VAL A 126 -8.39 4.86 -3.73
N ALA A 127 -9.02 6.04 -3.82
CA ALA A 127 -8.33 7.28 -3.50
C ALA A 127 -7.85 7.28 -2.05
N GLU A 128 -8.67 6.74 -1.15
CA GLU A 128 -8.30 6.65 0.25
C GLU A 128 -7.05 5.80 0.44
N ILE A 129 -6.94 4.72 -0.33
CA ILE A 129 -5.77 3.85 -0.25
C ILE A 129 -4.52 4.65 -0.56
N LYS A 130 -4.58 5.48 -1.60
CA LYS A 130 -3.44 6.30 -1.99
C LYS A 130 -3.10 7.32 -0.91
N ALA A 131 -4.13 7.88 -0.27
CA ALA A 131 -3.92 8.91 0.74
C ALA A 131 -3.16 8.35 1.94
N LEU A 132 -3.53 7.15 2.37
CA LEU A 132 -2.87 6.51 3.49
C LEU A 132 -1.42 6.16 3.15
N LEU A 133 -1.23 5.66 1.93
CA LEU A 133 0.07 5.12 1.52
C LEU A 133 1.12 6.20 1.29
N ILE A 134 0.74 7.29 0.62
CA ILE A 134 1.71 8.36 0.36
C ILE A 134 2.32 8.90 1.66
N ASN A 135 1.56 8.84 2.75
CA ASN A 135 2.06 9.27 4.05
C ASN A 135 3.30 8.46 4.43
N ILE A 136 3.24 7.16 4.22
CA ILE A 136 4.38 6.28 4.51
C ILE A 136 5.38 6.21 3.34
N TYR A 137 5.05 6.77 2.18
CA TYR A 137 5.98 6.80 1.05
C TYR A 137 7.28 7.49 1.44
N LYS A 138 7.16 8.59 2.19
CA LYS A 138 8.34 9.34 2.61
C LYS A 138 7.94 10.47 3.55
N GLU A 22 34.29 -1.39 -7.79
CA GLU A 22 33.03 -1.96 -7.32
C GLU A 22 32.88 -1.78 -5.81
N ALA A 23 31.66 -1.97 -5.31
CA ALA A 23 31.41 -1.83 -3.89
C ALA A 23 30.32 -2.80 -3.43
N ALA A 24 30.27 -3.05 -2.12
CA ALA A 24 29.28 -3.96 -1.57
C ALA A 24 27.87 -3.49 -1.92
N ALA A 25 26.91 -4.40 -1.80
CA ALA A 25 25.52 -4.07 -2.12
C ALA A 25 25.05 -2.86 -1.33
N ALA A 26 24.14 -2.09 -1.93
CA ALA A 26 23.63 -0.88 -1.29
C ALA A 26 23.04 -1.19 0.08
N ALA A 27 22.99 -0.17 0.93
CA ALA A 27 22.46 -0.33 2.29
C ALA A 27 21.06 -0.94 2.27
N ARG A 28 20.74 -1.71 3.31
CA ARG A 28 19.45 -2.37 3.38
C ARG A 28 18.30 -1.37 3.24
N ASP A 29 18.44 -0.22 3.88
CA ASP A 29 17.42 0.82 3.79
C ASP A 29 17.31 1.38 2.38
N GLU A 30 18.46 1.55 1.73
CA GLU A 30 18.49 2.10 0.38
C GLU A 30 17.83 1.15 -0.61
N SER A 31 18.12 -0.14 -0.46
CA SER A 31 17.54 -1.14 -1.35
C SER A 31 16.02 -1.22 -1.20
N ALA A 32 15.54 -1.05 0.03
CA ALA A 32 14.11 -1.12 0.29
C ALA A 32 13.38 0.04 -0.38
N TYR A 33 13.96 1.24 -0.26
CA TYR A 33 13.34 2.42 -0.83
C TYR A 33 13.19 2.27 -2.34
N LEU A 34 14.22 1.74 -2.99
CA LEU A 34 14.17 1.52 -4.43
C LEU A 34 13.05 0.56 -4.80
N LYS A 35 12.88 -0.49 -3.99
CA LYS A 35 11.85 -1.48 -4.26
C LYS A 35 10.46 -0.84 -4.27
N LEU A 36 10.24 0.09 -3.34
CA LEU A 36 8.95 0.76 -3.24
C LEU A 36 8.64 1.52 -4.53
N GLN A 37 9.66 2.14 -5.11
CA GLN A 37 9.46 2.88 -6.36
C GLN A 37 8.95 1.95 -7.45
N GLU A 38 9.52 0.74 -7.50
CA GLU A 38 9.06 -0.25 -8.48
C GLU A 38 7.68 -0.76 -8.12
N GLN A 39 7.42 -0.95 -6.82
CA GLN A 39 6.10 -1.37 -6.36
C GLN A 39 5.06 -0.32 -6.70
N MET A 40 5.36 0.95 -6.44
CA MET A 40 4.36 2.00 -6.52
C MET A 40 3.67 2.01 -7.89
N ARG A 41 4.44 1.86 -8.95
CA ARG A 41 3.88 1.82 -10.29
C ARG A 41 2.88 0.68 -10.42
N LYS A 42 3.18 -0.46 -9.79
CA LYS A 42 2.31 -1.63 -9.89
C LYS A 42 0.92 -1.30 -9.34
N ILE A 43 0.87 -0.69 -8.16
CA ILE A 43 -0.41 -0.27 -7.59
C ILE A 43 -1.04 0.81 -8.45
N ASP A 44 -0.22 1.74 -8.93
CA ASP A 44 -0.72 2.81 -9.79
C ASP A 44 -1.36 2.23 -11.05
N ALA A 45 -0.73 1.21 -11.61
CA ALA A 45 -1.26 0.56 -12.81
C ALA A 45 -2.55 -0.19 -12.49
N ASP A 46 -2.49 -0.98 -11.42
CA ASP A 46 -3.66 -1.74 -10.99
C ASP A 46 -4.82 -0.81 -10.62
N ALA A 47 -4.49 0.32 -10.00
CA ALA A 47 -5.52 1.28 -9.60
C ALA A 47 -6.31 1.76 -10.81
N ALA A 48 -5.65 1.91 -11.95
CA ALA A 48 -6.33 2.32 -13.17
C ALA A 48 -7.42 1.31 -13.55
N ALA A 49 -7.12 0.02 -13.37
CA ALA A 49 -8.09 -1.03 -13.64
C ALA A 49 -9.29 -0.88 -12.70
N LEU A 50 -9.02 -0.62 -11.43
CA LEU A 50 -10.09 -0.38 -10.46
C LEU A 50 -10.87 0.88 -10.80
N SER A 51 -10.16 1.91 -11.27
CA SER A 51 -10.80 3.16 -11.64
C SER A 51 -11.89 2.94 -12.70
N GLU A 52 -11.70 1.95 -13.57
CA GLU A 52 -12.71 1.63 -14.57
C GLU A 52 -14.07 1.32 -13.94
N THR A 53 -14.06 0.86 -12.69
CA THR A 53 -15.27 0.62 -11.90
C THR A 53 -16.02 -0.62 -12.39
N ARG A 54 -15.29 -1.61 -12.90
CA ARG A 54 -15.93 -2.82 -13.43
C ARG A 54 -15.16 -4.08 -13.03
N THR A 55 -13.94 -4.21 -13.54
CA THR A 55 -13.15 -5.43 -13.33
C THR A 55 -13.05 -5.78 -11.84
N ILE A 56 -13.05 -7.08 -11.56
CA ILE A 56 -12.97 -7.58 -10.18
C ILE A 56 -11.91 -8.67 -10.02
N GLU A 57 -11.61 -9.40 -11.10
CA GLU A 57 -10.64 -10.49 -11.04
C GLU A 57 -9.27 -9.98 -10.59
N GLU A 58 -8.90 -8.78 -11.02
CA GLU A 58 -7.63 -8.18 -10.63
C GLU A 58 -7.52 -8.02 -9.11
N LEU A 59 -8.66 -7.81 -8.44
CA LEU A 59 -8.67 -7.58 -7.00
C LEU A 59 -7.93 -8.70 -6.25
N ASP A 60 -8.11 -9.93 -6.70
CA ASP A 60 -7.45 -11.07 -6.05
C ASP A 60 -5.93 -10.89 -6.08
N THR A 61 -5.41 -10.46 -7.22
CA THR A 61 -3.98 -10.20 -7.34
C THR A 61 -3.58 -8.86 -6.72
N PHE A 62 -4.51 -7.90 -6.73
CA PHE A 62 -4.22 -6.57 -6.21
C PHE A 62 -3.72 -6.64 -4.76
N LYS A 63 -4.45 -7.34 -3.91
CA LYS A 63 -4.10 -7.41 -2.50
C LYS A 63 -2.70 -7.97 -2.30
N LEU A 64 -2.32 -8.96 -3.11
CA LEU A 64 -1.00 -9.57 -2.99
C LEU A 64 0.09 -8.52 -3.23
N ASP A 65 -0.11 -7.66 -4.21
CA ASP A 65 0.86 -6.61 -4.52
C ASP A 65 0.97 -5.62 -3.36
N VAL A 66 -0.16 -5.27 -2.78
CA VAL A 66 -0.18 -4.33 -1.66
C VAL A 66 0.58 -4.89 -0.46
N ALA A 67 0.42 -6.20 -0.23
CA ALA A 67 1.07 -6.84 0.91
C ALA A 67 2.59 -6.65 0.82
N ASP A 68 3.13 -6.82 -0.39
CA ASP A 68 4.56 -6.61 -0.60
C ASP A 68 4.93 -5.14 -0.37
N PHE A 69 4.07 -4.24 -0.81
CA PHE A 69 4.33 -2.80 -0.66
C PHE A 69 4.41 -2.41 0.81
N VAL A 70 3.42 -2.83 1.59
CA VAL A 70 3.38 -2.46 3.01
C VAL A 70 4.49 -3.15 3.79
N THR A 71 4.75 -4.41 3.47
CA THR A 71 5.79 -5.16 4.16
C THR A 71 7.15 -4.51 3.95
N THR A 72 7.41 -4.07 2.72
CA THR A 72 8.68 -3.42 2.40
C THR A 72 8.88 -2.18 3.26
N VAL A 73 7.82 -1.42 3.46
CA VAL A 73 7.89 -0.19 4.25
C VAL A 73 8.31 -0.53 5.69
N VAL A 74 7.73 -1.60 6.23
CA VAL A 74 8.04 -2.00 7.60
C VAL A 74 9.53 -2.30 7.72
N GLN A 75 10.07 -3.03 6.73
CA GLN A 75 11.50 -3.35 6.74
C GLN A 75 12.34 -2.08 6.71
N LEU A 76 11.91 -1.11 5.91
CA LEU A 76 12.62 0.16 5.82
C LEU A 76 12.59 0.89 7.16
N ALA A 77 11.44 0.87 7.81
CA ALA A 77 11.28 1.54 9.10
C ALA A 77 12.21 0.97 10.16
N GLU A 78 12.44 -0.35 10.11
CA GLU A 78 13.27 -1.01 11.11
C GLU A 78 14.65 -0.35 11.19
N GLU A 79 15.21 -0.01 10.04
CA GLU A 79 16.52 0.61 10.00
C GLU A 79 16.48 2.02 10.58
N LEU A 80 15.40 2.75 10.29
CA LEU A 80 15.27 4.13 10.75
C LEU A 80 15.12 4.21 12.25
N GLU A 81 14.44 3.23 12.85
CA GLU A 81 14.16 3.27 14.29
C GLU A 81 15.44 3.41 15.10
N HIS A 82 16.47 2.66 14.70
CA HIS A 82 17.75 2.71 15.40
C HIS A 82 18.55 3.95 14.97
N ARG A 83 18.56 4.21 13.67
CA ARG A 83 19.32 5.34 13.14
C ARG A 83 18.84 6.66 13.74
N PHE A 84 17.54 6.78 13.95
CA PHE A 84 16.96 8.00 14.50
C PHE A 84 16.46 7.78 15.92
N GLY A 85 16.25 8.87 16.65
CA GLY A 85 15.87 8.80 18.05
C GLY A 85 14.39 8.49 18.23
N ARG A 86 13.96 8.47 19.49
CA ARG A 86 12.57 8.14 19.82
C ARG A 86 11.56 9.09 19.17
N ASN A 87 11.98 10.33 18.90
CA ASN A 87 11.06 11.33 18.36
C ASN A 87 10.58 11.03 16.94
N ARG A 88 11.02 9.92 16.34
CA ARG A 88 10.55 9.52 15.02
C ARG A 88 9.65 8.29 15.14
N ARG A 89 8.79 8.09 14.14
CA ARG A 89 7.82 7.01 14.20
C ARG A 89 8.52 5.66 14.40
N GLY A 90 7.95 4.83 15.27
CA GLY A 90 8.50 3.51 15.53
C GLY A 90 7.85 2.47 14.64
N ARG A 91 8.42 1.27 14.62
CA ARG A 91 7.93 0.20 13.76
C ARG A 91 6.45 -0.06 14.00
N THR A 92 6.02 0.03 15.26
CA THR A 92 4.64 -0.29 15.62
C THR A 92 3.67 0.68 14.97
N GLU A 93 4.06 1.95 14.85
CA GLU A 93 3.16 2.97 14.32
C GLU A 93 2.78 2.68 12.87
N ILE A 94 3.75 2.19 12.09
CA ILE A 94 3.47 1.85 10.70
C ILE A 94 2.48 0.68 10.64
N TYR A 95 2.63 -0.28 11.55
CA TYR A 95 1.74 -1.44 11.57
C TYR A 95 0.30 -1.01 11.73
N LYS A 96 0.05 -0.04 12.61
CA LYS A 96 -1.31 0.42 12.84
C LYS A 96 -1.93 0.93 11.54
N ILE A 97 -1.14 1.61 10.73
CA ILE A 97 -1.60 2.05 9.42
C ILE A 97 -2.00 0.84 8.57
N VAL A 98 -1.17 -0.20 8.61
CA VAL A 98 -1.45 -1.40 7.82
C VAL A 98 -2.80 -2.00 8.22
N LYS A 99 -3.07 -2.03 9.52
CA LYS A 99 -4.36 -2.53 10.00
C LYS A 99 -5.51 -1.76 9.35
N GLU A 100 -5.34 -0.45 9.19
CA GLU A 100 -6.36 0.37 8.57
C GLU A 100 -6.44 0.09 7.08
N VAL A 101 -5.29 0.07 6.42
CA VAL A 101 -5.26 -0.12 4.96
C VAL A 101 -5.93 -1.45 4.60
N ASP A 102 -5.63 -2.49 5.38
CA ASP A 102 -6.19 -3.81 5.11
C ASP A 102 -7.72 -3.75 5.09
N ARG A 103 -8.29 -3.02 6.04
CA ARG A 103 -9.73 -2.90 6.12
C ARG A 103 -10.30 -2.18 4.90
N LYS A 104 -9.64 -1.10 4.49
CA LYS A 104 -10.09 -0.33 3.35
C LYS A 104 -10.09 -1.18 2.08
N LEU A 105 -9.05 -1.99 1.91
CA LEU A 105 -8.98 -2.89 0.76
C LEU A 105 -10.16 -3.85 0.79
N LEU A 106 -10.48 -4.38 1.96
CA LEU A 106 -11.64 -5.24 2.12
C LEU A 106 -12.94 -4.46 1.89
N ASP A 107 -12.97 -3.21 2.36
CA ASP A 107 -14.14 -2.36 2.18
C ASP A 107 -14.47 -2.21 0.70
N LEU A 108 -13.42 -2.04 -0.12
CA LEU A 108 -13.62 -1.97 -1.56
C LEU A 108 -14.21 -3.29 -2.08
N THR A 109 -13.73 -4.40 -1.55
CA THR A 109 -14.23 -5.71 -1.95
C THR A 109 -15.72 -5.83 -1.64
N ASP A 110 -16.10 -5.34 -0.45
CA ASP A 110 -17.50 -5.40 -0.04
C ASP A 110 -18.38 -4.63 -1.00
N ALA A 111 -17.90 -3.45 -1.43
CA ALA A 111 -18.66 -2.62 -2.35
C ALA A 111 -18.80 -3.31 -3.70
N VAL A 112 -17.72 -3.92 -4.16
CA VAL A 112 -17.73 -4.62 -5.44
C VAL A 112 -18.65 -5.83 -5.36
N LEU A 113 -18.57 -6.56 -4.25
CA LEU A 113 -19.38 -7.77 -4.08
C LEU A 113 -20.78 -7.48 -3.52
N ALA A 114 -21.05 -6.24 -3.13
CA ALA A 114 -22.37 -5.88 -2.58
C ALA A 114 -23.47 -6.23 -3.59
N LYS A 115 -24.67 -6.48 -3.08
CA LYS A 115 -25.80 -6.79 -3.95
C LYS A 115 -26.01 -5.69 -4.99
N GLU A 116 -25.89 -4.45 -4.55
CA GLU A 116 -25.91 -3.30 -5.45
C GLU A 116 -24.61 -2.52 -5.31
N LYS A 117 -24.08 -2.06 -6.45
CA LYS A 117 -22.79 -1.38 -6.45
C LYS A 117 -22.87 -0.06 -7.22
N LYS A 118 -22.18 0.95 -6.69
CA LYS A 118 -22.10 2.25 -7.36
C LYS A 118 -20.71 2.47 -7.94
N GLY A 119 -20.64 2.95 -9.17
CA GLY A 119 -19.35 3.20 -9.80
C GLY A 119 -18.54 4.22 -9.01
N GLU A 120 -19.22 5.23 -8.47
CA GLU A 120 -18.54 6.29 -7.74
C GLU A 120 -17.83 5.75 -6.50
N ASP A 121 -18.43 4.77 -5.84
CA ASP A 121 -17.86 4.23 -4.61
C ASP A 121 -16.45 3.71 -4.85
N ILE A 122 -16.25 3.03 -5.99
CA ILE A 122 -14.94 2.48 -6.30
C ILE A 122 -13.89 3.59 -6.39
N LEU A 123 -14.26 4.73 -6.97
CA LEU A 123 -13.33 5.84 -7.08
C LEU A 123 -12.99 6.41 -5.70
N ASN A 124 -14.01 6.58 -4.86
CA ASN A 124 -13.80 7.17 -3.54
C ASN A 124 -12.93 6.30 -2.65
N MET A 125 -13.22 4.99 -2.65
CA MET A 125 -12.51 4.07 -1.76
C MET A 125 -11.05 3.94 -2.18
N VAL A 126 -10.79 3.81 -3.48
CA VAL A 126 -9.42 3.63 -3.96
C VAL A 126 -8.56 4.83 -3.55
N ALA A 127 -9.12 6.03 -3.66
CA ALA A 127 -8.38 7.23 -3.30
C ALA A 127 -7.95 7.19 -1.84
N GLU A 128 -8.82 6.70 -0.97
CA GLU A 128 -8.50 6.60 0.45
C GLU A 128 -7.42 5.57 0.70
N ILE A 129 -7.51 4.43 0.01
CA ILE A 129 -6.51 3.37 0.19
C ILE A 129 -5.13 3.88 -0.22
N LYS A 130 -5.08 4.57 -1.36
CA LYS A 130 -3.81 5.09 -1.85
C LYS A 130 -3.21 6.08 -0.87
N ALA A 131 -4.04 7.01 -0.38
CA ALA A 131 -3.57 8.08 0.48
C ALA A 131 -2.78 7.54 1.67
N LEU A 132 -3.26 6.43 2.22
CA LEU A 132 -2.57 5.79 3.34
C LEU A 132 -1.18 5.31 2.92
N LEU A 133 -1.06 4.81 1.69
CA LEU A 133 0.20 4.30 1.19
C LEU A 133 1.25 5.42 1.14
N ILE A 134 0.84 6.60 0.68
CA ILE A 134 1.73 7.75 0.66
C ILE A 134 2.10 8.16 2.09
N ASN A 135 1.15 8.07 3.01
CA ASN A 135 1.40 8.45 4.40
C ASN A 135 2.60 7.71 4.97
N ILE A 136 2.74 6.43 4.61
CA ILE A 136 3.86 5.62 5.08
C ILE A 136 5.03 5.64 4.09
N TYR A 137 4.74 5.74 2.80
CA TYR A 137 5.78 5.80 1.79
C TYR A 137 6.58 7.09 1.91
N LYS A 138 5.88 8.19 2.15
CA LYS A 138 6.52 9.49 2.28
C LYS A 138 6.63 9.86 3.76
N GLU A 22 18.08 8.68 -17.07
CA GLU A 22 18.03 7.23 -16.89
C GLU A 22 18.12 6.87 -15.41
N ALA A 23 18.15 5.58 -15.12
CA ALA A 23 18.23 5.11 -13.75
C ALA A 23 19.66 4.68 -13.41
N ALA A 24 20.06 4.90 -12.16
CA ALA A 24 21.41 4.54 -11.73
C ALA A 24 21.39 4.00 -10.31
N ALA A 25 22.43 3.23 -9.96
CA ALA A 25 22.52 2.65 -8.62
C ALA A 25 22.53 3.74 -7.56
N ALA A 26 22.00 3.42 -6.39
CA ALA A 26 21.93 4.39 -5.29
C ALA A 26 22.26 3.71 -3.97
N ALA A 27 22.50 4.53 -2.93
CA ALA A 27 22.82 4.01 -1.61
C ALA A 27 21.75 3.02 -1.13
N ARG A 28 22.14 2.12 -0.24
CA ARG A 28 21.22 1.10 0.25
C ARG A 28 19.95 1.72 0.81
N ASP A 29 20.10 2.83 1.51
CA ASP A 29 18.95 3.52 2.08
C ASP A 29 18.02 4.01 0.97
N GLU A 30 18.60 4.58 -0.07
CA GLU A 30 17.82 5.08 -1.21
C GLU A 30 17.25 3.93 -2.02
N SER A 31 18.03 2.86 -2.18
CA SER A 31 17.62 1.73 -3.00
C SER A 31 16.29 1.16 -2.52
N ALA A 32 16.12 1.10 -1.21
CA ALA A 32 14.89 0.55 -0.63
C ALA A 32 13.69 1.45 -0.97
N TYR A 33 13.90 2.76 -0.91
CA TYR A 33 12.81 3.69 -1.17
C TYR A 33 12.38 3.66 -2.63
N LEU A 34 13.34 3.58 -3.54
CA LEU A 34 13.03 3.61 -4.96
C LEU A 34 12.17 2.41 -5.37
N LYS A 35 12.51 1.24 -4.86
CA LYS A 35 11.75 0.03 -5.19
C LYS A 35 10.30 0.17 -4.73
N LEU A 36 10.11 0.70 -3.53
CA LEU A 36 8.77 0.93 -3.02
C LEU A 36 8.04 1.97 -3.86
N GLN A 37 8.76 3.01 -4.27
CA GLN A 37 8.17 4.06 -5.10
C GLN A 37 7.75 3.50 -6.45
N GLU A 38 8.62 2.70 -7.06
CA GLU A 38 8.30 2.07 -8.35
C GLU A 38 7.21 1.03 -8.17
N GLN A 39 7.29 0.26 -7.10
CA GLN A 39 6.28 -0.76 -6.82
C GLN A 39 4.90 -0.13 -6.65
N MET A 40 4.85 1.03 -6.01
CA MET A 40 3.57 1.71 -5.79
C MET A 40 2.84 1.94 -7.11
N ARG A 41 3.59 2.30 -8.14
CA ARG A 41 2.99 2.52 -9.46
C ARG A 41 2.29 1.25 -9.95
N LYS A 42 2.92 0.10 -9.70
CA LYS A 42 2.32 -1.17 -10.07
C LYS A 42 0.96 -1.34 -9.38
N ILE A 43 0.90 -0.96 -8.11
CA ILE A 43 -0.35 -1.04 -7.37
C ILE A 43 -1.40 -0.14 -8.03
N ASP A 44 -0.98 1.08 -8.37
CA ASP A 44 -1.88 2.03 -9.02
C ASP A 44 -2.35 1.48 -10.36
N ALA A 45 -1.44 0.85 -11.10
CA ALA A 45 -1.79 0.30 -12.40
C ALA A 45 -2.81 -0.82 -12.25
N ASP A 46 -2.60 -1.69 -11.26
CA ASP A 46 -3.53 -2.78 -11.00
C ASP A 46 -4.89 -2.23 -10.60
N ALA A 47 -4.89 -1.20 -9.76
CA ALA A 47 -6.13 -0.60 -9.31
C ALA A 47 -6.87 0.03 -10.48
N ALA A 48 -6.14 0.73 -11.33
CA ALA A 48 -6.73 1.35 -12.51
C ALA A 48 -7.26 0.29 -13.48
N ALA A 49 -6.52 -0.80 -13.62
CA ALA A 49 -6.91 -1.86 -14.54
C ALA A 49 -8.21 -2.53 -14.09
N LEU A 50 -8.27 -2.90 -12.81
CA LEU A 50 -9.45 -3.57 -12.28
C LEU A 50 -10.61 -2.60 -12.10
N SER A 51 -10.31 -1.35 -11.76
CA SER A 51 -11.36 -0.36 -11.54
C SER A 51 -12.18 -0.11 -12.81
N GLU A 52 -11.50 -0.17 -13.97
CA GLU A 52 -12.19 0.07 -15.23
C GLU A 52 -13.28 -0.98 -15.46
N THR A 53 -12.95 -2.23 -15.15
CA THR A 53 -13.90 -3.33 -15.32
C THR A 53 -14.81 -3.51 -14.09
N ARG A 54 -14.33 -3.09 -12.92
CA ARG A 54 -15.09 -3.26 -11.68
C ARG A 54 -15.39 -4.74 -11.46
N THR A 55 -14.34 -5.56 -11.45
CA THR A 55 -14.50 -7.00 -11.23
C THR A 55 -13.71 -7.45 -10.02
N ILE A 56 -14.36 -8.24 -9.16
CA ILE A 56 -13.74 -8.72 -7.93
C ILE A 56 -12.63 -9.75 -8.20
N GLU A 57 -12.72 -10.48 -9.31
CA GLU A 57 -11.79 -11.55 -9.59
C GLU A 57 -10.35 -11.04 -9.59
N GLU A 58 -10.14 -9.87 -10.19
CA GLU A 58 -8.81 -9.26 -10.21
C GLU A 58 -8.44 -8.73 -8.82
N LEU A 59 -9.42 -8.24 -8.08
CA LEU A 59 -9.18 -7.67 -6.76
C LEU A 59 -8.43 -8.65 -5.86
N ASP A 60 -8.75 -9.94 -5.99
CA ASP A 60 -8.15 -10.95 -5.13
C ASP A 60 -6.63 -10.89 -5.19
N THR A 61 -6.09 -10.67 -6.39
CA THR A 61 -4.64 -10.57 -6.56
C THR A 61 -4.10 -9.30 -5.90
N PHE A 62 -4.86 -8.21 -5.98
CA PHE A 62 -4.43 -6.95 -5.38
C PHE A 62 -4.25 -7.11 -3.88
N LYS A 63 -5.21 -7.74 -3.21
CA LYS A 63 -5.14 -7.90 -1.77
C LYS A 63 -3.86 -8.63 -1.37
N LEU A 64 -3.51 -9.66 -2.14
CA LEU A 64 -2.27 -10.39 -1.89
C LEU A 64 -1.05 -9.51 -2.21
N ASP A 65 -1.16 -8.72 -3.27
CA ASP A 65 -0.06 -7.84 -3.68
C ASP A 65 0.31 -6.88 -2.55
N VAL A 66 -0.71 -6.35 -1.87
CA VAL A 66 -0.47 -5.44 -0.75
C VAL A 66 0.26 -6.18 0.37
N ALA A 67 -0.12 -7.44 0.62
CA ALA A 67 0.49 -8.21 1.69
C ALA A 67 2.00 -8.28 1.50
N ASP A 68 2.44 -8.47 0.27
CA ASP A 68 3.87 -8.46 -0.05
C ASP A 68 4.47 -7.07 0.21
N PHE A 69 3.70 -6.03 -0.11
CA PHE A 69 4.16 -4.66 0.10
C PHE A 69 4.26 -4.33 1.59
N VAL A 70 3.24 -4.72 2.34
CA VAL A 70 3.19 -4.37 3.76
C VAL A 70 4.42 -4.93 4.49
N THR A 71 4.71 -6.20 4.28
CA THR A 71 5.83 -6.83 4.99
C THR A 71 7.14 -6.07 4.74
N THR A 72 7.32 -5.60 3.51
CA THR A 72 8.54 -4.87 3.17
C THR A 72 8.64 -3.57 3.96
N VAL A 73 7.52 -2.86 4.07
CA VAL A 73 7.54 -1.55 4.71
C VAL A 73 7.45 -1.63 6.24
N VAL A 74 6.74 -2.62 6.75
CA VAL A 74 6.57 -2.75 8.20
C VAL A 74 7.93 -2.93 8.87
N GLN A 75 8.69 -3.93 8.43
CA GLN A 75 10.01 -4.17 8.98
C GLN A 75 10.90 -2.94 8.79
N LEU A 76 10.76 -2.27 7.66
CA LEU A 76 11.52 -1.04 7.39
C LEU A 76 11.21 0.01 8.45
N ALA A 77 9.94 0.13 8.82
CA ALA A 77 9.50 1.05 9.86
C ALA A 77 10.04 0.62 11.23
N GLU A 78 10.06 -0.69 11.48
CA GLU A 78 10.49 -1.21 12.76
C GLU A 78 11.99 -1.03 13.00
N GLU A 79 12.79 -1.17 11.93
CA GLU A 79 14.25 -1.24 12.10
C GLU A 79 14.97 -0.02 11.50
N LEU A 80 15.27 -0.04 10.20
CA LEU A 80 16.17 0.96 9.61
C LEU A 80 15.69 2.38 9.92
N GLU A 81 14.39 2.62 9.80
CA GLU A 81 13.85 3.94 10.04
C GLU A 81 13.98 4.33 11.52
N HIS A 82 13.80 3.36 12.40
CA HIS A 82 13.81 3.62 13.85
C HIS A 82 15.22 3.74 14.40
N ARG A 83 16.07 2.75 14.12
CA ARG A 83 17.39 2.69 14.72
C ARG A 83 18.18 3.97 14.43
N PHE A 84 18.15 4.42 13.18
CA PHE A 84 18.81 5.67 12.82
C PHE A 84 18.16 6.87 13.51
N GLY A 85 16.87 6.77 13.84
CA GLY A 85 16.15 7.88 14.45
C GLY A 85 15.31 8.69 13.45
N ARG A 86 15.28 8.28 12.19
CA ARG A 86 14.49 8.97 11.18
C ARG A 86 13.00 9.00 11.57
N ASN A 87 12.53 7.90 12.15
CA ASN A 87 11.12 7.79 12.52
C ASN A 87 10.94 7.92 14.03
N ARG A 88 10.04 8.81 14.43
CA ARG A 88 9.75 9.02 15.86
C ARG A 88 8.40 8.41 16.28
N ARG A 89 7.82 7.55 15.44
CA ARG A 89 6.55 6.92 15.79
C ARG A 89 6.79 5.64 16.57
N GLY A 90 5.81 5.25 17.38
CA GLY A 90 5.95 4.10 18.25
C GLY A 90 5.79 2.78 17.49
N ARG A 91 6.17 1.69 18.14
CA ARG A 91 6.06 0.37 17.55
C ARG A 91 4.61 0.07 17.16
N THR A 92 3.70 0.33 18.09
CA THR A 92 2.28 0.06 17.86
C THR A 92 1.74 0.86 16.69
N GLU A 93 2.21 2.09 16.53
CA GLU A 93 1.71 2.97 15.49
C GLU A 93 1.92 2.37 14.09
N ILE A 94 3.00 1.60 13.91
CA ILE A 94 3.22 0.91 12.64
C ILE A 94 2.02 -0.01 12.35
N TYR A 95 1.74 -0.91 13.28
CA TYR A 95 0.70 -1.92 13.05
C TYR A 95 -0.68 -1.31 12.93
N LYS A 96 -0.95 -0.23 13.67
CA LYS A 96 -2.26 0.40 13.64
C LYS A 96 -2.61 0.83 12.22
N ILE A 97 -1.63 1.37 11.51
CA ILE A 97 -1.84 1.77 10.11
C ILE A 97 -2.24 0.56 9.27
N VAL A 98 -1.62 -0.59 9.54
CA VAL A 98 -1.90 -1.81 8.78
C VAL A 98 -3.39 -2.14 8.90
N LYS A 99 -3.93 -2.03 10.10
CA LYS A 99 -5.36 -2.25 10.30
C LYS A 99 -6.18 -1.26 9.48
N GLU A 100 -5.72 -0.01 9.44
CA GLU A 100 -6.42 1.02 8.66
C GLU A 100 -6.38 0.68 7.17
N VAL A 101 -5.23 0.21 6.70
CA VAL A 101 -5.08 -0.15 5.30
C VAL A 101 -5.99 -1.33 4.96
N ASP A 102 -6.03 -2.32 5.85
CA ASP A 102 -6.83 -3.51 5.61
C ASP A 102 -8.30 -3.15 5.45
N ARG A 103 -8.78 -2.24 6.29
CA ARG A 103 -10.19 -1.85 6.24
C ARG A 103 -10.56 -1.28 4.87
N LYS A 104 -9.69 -0.42 4.35
CA LYS A 104 -9.94 0.18 3.05
C LYS A 104 -10.01 -0.90 1.96
N LEU A 105 -9.13 -1.88 2.06
CA LEU A 105 -9.15 -2.99 1.10
C LEU A 105 -10.44 -3.80 1.24
N LEU A 106 -10.86 -4.02 2.48
CA LEU A 106 -12.11 -4.73 2.73
C LEU A 106 -13.29 -3.90 2.21
N ASP A 107 -13.26 -2.61 2.50
CA ASP A 107 -14.29 -1.71 2.01
C ASP A 107 -14.27 -1.64 0.48
N LEU A 108 -13.08 -1.66 -0.10
CA LEU A 108 -12.94 -1.62 -1.55
C LEU A 108 -13.69 -2.79 -2.19
N THR A 109 -13.60 -3.96 -1.56
CA THR A 109 -14.32 -5.13 -2.05
C THR A 109 -15.83 -4.88 -1.99
N ASP A 110 -16.28 -4.27 -0.90
CA ASP A 110 -17.70 -3.96 -0.75
C ASP A 110 -18.18 -3.05 -1.87
N ALA A 111 -17.34 -2.10 -2.27
CA ALA A 111 -17.72 -1.18 -3.34
C ALA A 111 -17.98 -1.94 -4.63
N VAL A 112 -17.12 -2.92 -4.92
CA VAL A 112 -17.30 -3.76 -6.11
C VAL A 112 -18.57 -4.59 -5.97
N LEU A 113 -18.78 -5.15 -4.78
CA LEU A 113 -19.97 -5.95 -4.51
C LEU A 113 -21.25 -5.10 -4.53
N ALA A 114 -21.13 -3.81 -4.20
CA ALA A 114 -22.29 -2.92 -4.12
C ALA A 114 -23.18 -3.03 -5.35
N LYS A 115 -24.48 -2.88 -5.14
CA LYS A 115 -25.44 -3.01 -6.24
C LYS A 115 -25.11 -2.03 -7.36
N GLU A 116 -25.00 -0.76 -7.01
CA GLU A 116 -24.68 0.28 -7.98
C GLU A 116 -23.20 0.25 -8.41
N LYS A 117 -22.33 -0.25 -7.52
CA LYS A 117 -20.88 -0.29 -7.78
C LYS A 117 -20.36 0.99 -8.45
N LYS A 118 -20.78 2.12 -7.88
CA LYS A 118 -20.45 3.44 -8.42
C LYS A 118 -18.94 3.58 -8.63
N GLY A 119 -18.56 4.08 -9.80
CA GLY A 119 -17.15 4.16 -10.17
C GLY A 119 -16.33 5.01 -9.22
N GLU A 120 -16.87 6.16 -8.80
CA GLU A 120 -16.12 7.08 -7.96
C GLU A 120 -15.75 6.43 -6.63
N ASP A 121 -16.63 5.58 -6.10
CA ASP A 121 -16.36 4.90 -4.84
C ASP A 121 -15.08 4.08 -4.93
N ILE A 122 -14.87 3.42 -6.07
CA ILE A 122 -13.68 2.60 -6.26
C ILE A 122 -12.42 3.45 -6.11
N LEU A 123 -12.37 4.56 -6.84
CA LEU A 123 -11.17 5.41 -6.85
C LEU A 123 -10.91 6.03 -5.50
N ASN A 124 -11.97 6.48 -4.82
CA ASN A 124 -11.81 7.19 -3.56
C ASN A 124 -11.12 6.32 -2.52
N MET A 125 -11.54 5.07 -2.43
CA MET A 125 -10.98 4.15 -1.43
C MET A 125 -9.53 3.79 -1.79
N VAL A 126 -9.26 3.61 -3.08
CA VAL A 126 -7.92 3.27 -3.53
C VAL A 126 -6.95 4.41 -3.20
N ALA A 127 -7.41 5.65 -3.34
CA ALA A 127 -6.55 6.80 -3.06
C ALA A 127 -5.99 6.73 -1.63
N GLU A 128 -6.82 6.27 -0.69
CA GLU A 128 -6.38 6.13 0.69
C GLU A 128 -5.24 5.11 0.80
N ILE A 129 -5.31 4.05 0.01
CA ILE A 129 -4.29 3.01 0.06
C ILE A 129 -2.90 3.61 -0.20
N LYS A 130 -2.79 4.40 -1.26
CA LYS A 130 -1.51 5.01 -1.62
C LYS A 130 -1.01 5.92 -0.50
N ALA A 131 -1.92 6.65 0.12
CA ALA A 131 -1.54 7.58 1.18
C ALA A 131 -1.06 6.84 2.42
N LEU A 132 -1.76 5.75 2.76
CA LEU A 132 -1.42 4.99 3.96
C LEU A 132 -0.09 4.23 3.78
N LEU A 133 0.13 3.68 2.59
CA LEU A 133 1.33 2.89 2.34
C LEU A 133 2.59 3.74 2.40
N ILE A 134 2.52 4.96 1.87
CA ILE A 134 3.68 5.85 1.89
C ILE A 134 3.95 6.39 3.31
N ASN A 135 2.87 6.63 4.06
CA ASN A 135 3.00 7.21 5.40
C ASN A 135 3.68 6.25 6.38
N ILE A 136 3.42 4.95 6.22
CA ILE A 136 3.91 3.97 7.19
C ILE A 136 5.43 4.03 7.34
N TYR A 137 6.14 4.38 6.27
CA TYR A 137 7.60 4.49 6.32
C TYR A 137 8.09 5.91 6.00
N LYS A 138 7.25 6.92 6.29
CA LYS A 138 7.63 8.31 6.02
C LYS A 138 6.72 9.26 6.79
N GLU A 22 32.94 -4.71 -10.86
CA GLU A 22 32.04 -5.63 -10.17
C GLU A 22 30.58 -5.17 -10.31
N ALA A 23 29.66 -6.04 -9.93
CA ALA A 23 28.24 -5.71 -10.02
C ALA A 23 27.90 -4.53 -9.13
N ALA A 24 26.98 -3.69 -9.59
CA ALA A 24 26.56 -2.53 -8.81
C ALA A 24 25.89 -2.96 -7.52
N ALA A 25 26.03 -2.14 -6.48
CA ALA A 25 25.43 -2.44 -5.19
C ALA A 25 24.83 -1.18 -4.56
N ALA A 26 23.83 -1.37 -3.71
CA ALA A 26 23.17 -0.24 -3.05
C ALA A 26 22.75 -0.62 -1.64
N ALA A 27 22.60 0.39 -0.78
CA ALA A 27 22.19 0.15 0.60
C ALA A 27 20.81 -0.50 0.65
N ARG A 28 20.56 -1.29 1.69
CA ARG A 28 19.28 -1.97 1.84
C ARG A 28 18.13 -0.97 1.80
N ASP A 29 18.33 0.19 2.43
CA ASP A 29 17.29 1.22 2.45
C ASP A 29 17.03 1.74 1.05
N GLU A 30 18.09 1.90 0.26
CA GLU A 30 17.95 2.39 -1.11
C GLU A 30 17.22 1.37 -1.98
N SER A 31 17.52 0.09 -1.78
CA SER A 31 16.88 -0.97 -2.56
C SER A 31 15.38 -0.99 -2.33
N ALA A 32 14.97 -0.77 -1.09
CA ALA A 32 13.55 -0.72 -0.75
C ALA A 32 12.88 0.51 -1.35
N TYR A 33 13.59 1.63 -1.36
CA TYR A 33 13.07 2.87 -1.93
C TYR A 33 12.68 2.66 -3.38
N LEU A 34 13.53 1.96 -4.12
CA LEU A 34 13.26 1.66 -5.52
C LEU A 34 12.06 0.71 -5.66
N LYS A 35 11.94 -0.24 -4.74
CA LYS A 35 10.85 -1.21 -4.80
C LYS A 35 9.50 -0.53 -4.73
N LEU A 36 9.34 0.38 -3.77
CA LEU A 36 8.08 1.11 -3.63
C LEU A 36 7.85 2.03 -4.83
N GLN A 37 8.91 2.68 -5.28
CA GLN A 37 8.78 3.72 -6.30
C GLN A 37 8.14 3.15 -7.55
N GLU A 38 8.61 1.97 -7.96
CA GLU A 38 8.05 1.31 -9.14
C GLU A 38 6.65 0.79 -8.86
N GLN A 39 6.45 0.23 -7.67
CA GLN A 39 5.19 -0.40 -7.31
C GLN A 39 4.04 0.61 -7.25
N MET A 40 4.34 1.84 -6.80
CA MET A 40 3.30 2.87 -6.72
C MET A 40 2.58 3.04 -8.04
N ARG A 41 3.34 3.01 -9.13
CA ARG A 41 2.75 3.05 -10.47
C ARG A 41 1.83 1.86 -10.68
N LYS A 42 2.27 0.68 -10.22
CA LYS A 42 1.53 -0.55 -10.42
C LYS A 42 0.15 -0.49 -9.74
N ILE A 43 0.10 0.05 -8.51
CA ILE A 43 -1.16 0.06 -7.77
C ILE A 43 -2.19 0.88 -8.55
N ASP A 44 -1.78 2.07 -8.97
CA ASP A 44 -2.66 2.96 -9.72
C ASP A 44 -3.01 2.38 -11.08
N ALA A 45 -2.02 1.77 -11.74
CA ALA A 45 -2.23 1.23 -13.07
C ALA A 45 -3.30 0.14 -13.04
N ASP A 46 -3.13 -0.81 -12.14
CA ASP A 46 -4.11 -1.88 -11.97
C ASP A 46 -5.44 -1.32 -11.45
N ALA A 47 -5.35 -0.36 -10.53
CA ALA A 47 -6.55 0.22 -9.94
C ALA A 47 -7.41 0.92 -11.00
N ALA A 48 -6.75 1.55 -11.97
CA ALA A 48 -7.48 2.24 -13.03
C ALA A 48 -8.35 1.26 -13.80
N ALA A 49 -7.77 0.13 -14.16
CA ALA A 49 -8.51 -0.92 -14.86
C ALA A 49 -9.49 -1.61 -13.92
N LEU A 50 -9.07 -1.84 -12.68
CA LEU A 50 -9.93 -2.50 -11.70
C LEU A 50 -11.18 -1.67 -11.44
N SER A 51 -11.03 -0.35 -11.38
CA SER A 51 -12.16 0.52 -11.11
C SER A 51 -13.21 0.42 -12.21
N GLU A 52 -12.76 0.30 -13.46
CA GLU A 52 -13.68 0.21 -14.59
C GLU A 52 -14.14 -1.23 -14.81
N THR A 53 -13.19 -2.16 -14.83
CA THR A 53 -13.52 -3.56 -15.05
C THR A 53 -14.35 -4.10 -13.88
N ARG A 54 -13.90 -3.80 -12.66
CA ARG A 54 -14.67 -4.18 -11.47
C ARG A 54 -14.95 -5.68 -11.46
N THR A 55 -13.88 -6.47 -11.58
CA THR A 55 -14.01 -7.93 -11.59
C THR A 55 -13.33 -8.54 -10.38
N ILE A 56 -13.94 -9.58 -9.81
CA ILE A 56 -13.42 -10.21 -8.61
C ILE A 56 -12.09 -10.93 -8.87
N GLU A 57 -11.94 -11.49 -10.06
CA GLU A 57 -10.75 -12.29 -10.36
C GLU A 57 -9.48 -11.45 -10.23
N GLU A 58 -9.53 -10.23 -10.76
CA GLU A 58 -8.39 -9.33 -10.69
C GLU A 58 -8.13 -8.83 -9.27
N LEU A 59 -9.19 -8.71 -8.46
CA LEU A 59 -9.06 -8.19 -7.11
C LEU A 59 -8.02 -8.97 -6.32
N ASP A 60 -7.97 -10.28 -6.52
CA ASP A 60 -7.04 -11.12 -5.77
C ASP A 60 -5.60 -10.64 -5.96
N THR A 61 -5.26 -10.25 -7.18
CA THR A 61 -3.91 -9.78 -7.46
C THR A 61 -3.62 -8.49 -6.72
N PHE A 62 -4.60 -7.58 -6.69
CA PHE A 62 -4.42 -6.29 -6.04
C PHE A 62 -4.12 -6.46 -4.55
N LYS A 63 -4.82 -7.39 -3.91
CA LYS A 63 -4.61 -7.64 -2.48
C LYS A 63 -3.15 -8.00 -2.21
N LEU A 64 -2.57 -8.79 -3.10
CA LEU A 64 -1.16 -9.16 -2.97
C LEU A 64 -0.26 -7.93 -3.12
N ASP A 65 -0.62 -7.05 -4.04
CA ASP A 65 0.16 -5.83 -4.26
C ASP A 65 0.20 -4.97 -3.01
N VAL A 66 -0.96 -4.80 -2.38
CA VAL A 66 -1.03 -4.02 -1.14
C VAL A 66 -0.25 -4.73 -0.04
N ALA A 67 -0.36 -6.05 0.02
CA ALA A 67 0.37 -6.82 1.02
C ALA A 67 1.87 -6.60 0.84
N ASP A 68 2.32 -6.67 -0.40
CA ASP A 68 3.72 -6.40 -0.72
C ASP A 68 4.07 -4.94 -0.44
N PHE A 69 3.16 -4.05 -0.81
CA PHE A 69 3.38 -2.63 -0.60
C PHE A 69 3.50 -2.29 0.88
N VAL A 70 2.57 -2.83 1.69
CA VAL A 70 2.56 -2.54 3.11
C VAL A 70 3.77 -3.17 3.79
N THR A 71 3.99 -4.46 3.54
CA THR A 71 5.05 -5.19 4.22
C THR A 71 6.39 -4.51 4.02
N THR A 72 6.68 -4.08 2.80
CA THR A 72 7.93 -3.41 2.50
C THR A 72 8.10 -2.17 3.38
N VAL A 73 7.02 -1.44 3.57
CA VAL A 73 7.06 -0.23 4.38
C VAL A 73 7.39 -0.59 5.83
N VAL A 74 6.79 -1.67 6.32
CA VAL A 74 6.95 -2.05 7.73
C VAL A 74 8.43 -2.25 8.07
N GLN A 75 9.14 -2.97 7.21
CA GLN A 75 10.56 -3.22 7.44
C GLN A 75 11.34 -1.91 7.53
N LEU A 76 10.99 -0.96 6.67
CA LEU A 76 11.65 0.33 6.67
C LEU A 76 11.33 1.11 7.94
N ALA A 77 10.07 1.06 8.37
CA ALA A 77 9.62 1.85 9.50
C ALA A 77 10.12 1.27 10.83
N GLU A 78 9.93 -0.03 11.02
CA GLU A 78 10.22 -0.66 12.29
C GLU A 78 11.72 -0.70 12.59
N GLU A 79 12.53 -1.00 11.59
CA GLU A 79 13.97 -1.21 11.81
C GLU A 79 14.84 -0.14 11.15
N LEU A 80 14.95 -0.18 9.82
CA LEU A 80 15.91 0.66 9.11
C LEU A 80 15.76 2.13 9.49
N GLU A 81 14.56 2.68 9.28
CA GLU A 81 14.32 4.10 9.56
C GLU A 81 14.36 4.38 11.06
N HIS A 82 13.87 3.44 11.87
CA HIS A 82 13.78 3.65 13.30
C HIS A 82 15.16 3.91 13.91
N ARG A 83 16.13 3.09 13.53
CA ARG A 83 17.49 3.23 14.06
C ARG A 83 18.11 4.55 13.62
N PHE A 84 17.96 4.88 12.34
CA PHE A 84 18.47 6.15 11.82
C PHE A 84 17.78 7.33 12.48
N GLY A 85 16.50 7.18 12.81
CA GLY A 85 15.73 8.28 13.39
C GLY A 85 14.82 8.99 12.36
N ARG A 86 14.89 8.59 11.09
CA ARG A 86 14.04 9.19 10.06
C ARG A 86 12.57 9.01 10.40
N ASN A 87 12.22 7.84 10.92
CA ASN A 87 10.84 7.55 11.31
C ASN A 87 10.73 7.49 12.83
N ARG A 88 9.95 8.41 13.39
CA ARG A 88 9.78 8.47 14.85
C ARG A 88 8.54 7.71 15.34
N ARG A 89 7.80 7.06 14.45
CA ARG A 89 6.62 6.29 14.86
C ARG A 89 7.02 5.11 15.73
N GLY A 90 6.21 4.83 16.74
CA GLY A 90 6.45 3.66 17.60
C GLY A 90 5.85 2.42 16.97
N ARG A 91 6.41 1.26 17.30
CA ARG A 91 5.95 0.01 16.69
C ARG A 91 4.45 -0.19 16.87
N THR A 92 3.93 0.18 18.04
CA THR A 92 2.51 0.04 18.32
C THR A 92 1.69 0.86 17.33
N GLU A 93 2.13 2.08 17.05
CA GLU A 93 1.39 2.97 16.17
C GLU A 93 1.42 2.45 14.72
N ILE A 94 2.57 1.94 14.30
CA ILE A 94 2.73 1.44 12.95
C ILE A 94 1.76 0.28 12.70
N TYR A 95 1.64 -0.61 13.68
CA TYR A 95 0.76 -1.77 13.54
C TYR A 95 -0.69 -1.33 13.31
N LYS A 96 -1.10 -0.26 13.97
CA LYS A 96 -2.46 0.25 13.81
C LYS A 96 -2.71 0.62 12.36
N ILE A 97 -1.73 1.26 11.73
CA ILE A 97 -1.87 1.68 10.35
C ILE A 97 -2.01 0.48 9.42
N VAL A 98 -1.28 -0.59 9.71
CA VAL A 98 -1.32 -1.79 8.88
C VAL A 98 -2.74 -2.34 8.83
N LYS A 99 -3.40 -2.39 9.98
CA LYS A 99 -4.77 -2.89 10.05
C LYS A 99 -5.70 -2.01 9.22
N GLU A 100 -5.48 -0.70 9.27
CA GLU A 100 -6.33 0.23 8.53
C GLU A 100 -6.19 0.02 7.02
N VAL A 101 -4.96 -0.19 6.56
CA VAL A 101 -4.73 -0.38 5.13
C VAL A 101 -5.50 -1.60 4.65
N ASP A 102 -5.40 -2.68 5.42
CA ASP A 102 -6.17 -3.89 5.10
C ASP A 102 -7.67 -3.61 5.16
N ARG A 103 -8.08 -2.82 6.14
CA ARG A 103 -9.50 -2.52 6.34
C ARG A 103 -10.09 -1.87 5.11
N LYS A 104 -9.39 -0.87 4.55
CA LYS A 104 -9.87 -0.19 3.36
C LYS A 104 -9.96 -1.16 2.19
N LEU A 105 -8.95 -2.01 2.04
CA LEU A 105 -8.97 -3.01 0.98
C LEU A 105 -10.10 -4.02 1.22
N LEU A 106 -10.29 -4.41 2.48
CA LEU A 106 -11.37 -5.32 2.83
C LEU A 106 -12.72 -4.70 2.51
N ASP A 107 -12.86 -3.41 2.84
CA ASP A 107 -14.08 -2.68 2.51
C ASP A 107 -14.29 -2.63 1.00
N LEU A 108 -13.20 -2.42 0.26
CA LEU A 108 -13.27 -2.40 -1.19
C LEU A 108 -13.82 -3.72 -1.71
N THR A 109 -13.35 -4.82 -1.14
CA THR A 109 -13.85 -6.14 -1.51
C THR A 109 -15.35 -6.23 -1.23
N ASP A 110 -15.76 -5.70 -0.09
CA ASP A 110 -17.18 -5.68 0.27
C ASP A 110 -17.98 -4.91 -0.77
N ALA A 111 -17.42 -3.79 -1.24
CA ALA A 111 -18.09 -2.97 -2.24
C ALA A 111 -18.24 -3.74 -3.55
N VAL A 112 -17.16 -4.37 -4.00
CA VAL A 112 -17.20 -5.15 -5.23
C VAL A 112 -18.25 -6.25 -5.11
N LEU A 113 -18.29 -6.90 -3.95
CA LEU A 113 -19.31 -7.91 -3.68
C LEU A 113 -20.71 -7.30 -3.82
N ALA A 114 -20.86 -6.07 -3.34
CA ALA A 114 -22.13 -5.35 -3.46
C ALA A 114 -22.45 -4.94 -4.91
N LYS A 115 -21.49 -5.08 -5.82
CA LYS A 115 -21.71 -4.74 -7.23
C LYS A 115 -21.95 -3.24 -7.39
N GLU A 116 -20.99 -2.44 -6.92
CA GLU A 116 -21.09 -0.98 -7.04
C GLU A 116 -21.25 -0.58 -8.50
N LYS A 117 -22.12 0.39 -8.75
CA LYS A 117 -22.34 0.88 -10.11
C LYS A 117 -21.46 2.09 -10.47
N LYS A 118 -20.60 2.55 -9.54
CA LYS A 118 -19.73 3.68 -9.80
C LYS A 118 -18.31 3.38 -9.35
N GLY A 119 -17.34 4.05 -9.96
CA GLY A 119 -15.94 3.82 -9.63
C GLY A 119 -15.38 4.85 -8.64
N GLU A 120 -15.99 6.03 -8.58
CA GLU A 120 -15.48 7.10 -7.73
C GLU A 120 -15.36 6.64 -6.27
N ASP A 121 -16.29 5.81 -5.82
CA ASP A 121 -16.24 5.28 -4.47
C ASP A 121 -14.98 4.44 -4.28
N ILE A 122 -14.65 3.63 -5.28
CA ILE A 122 -13.49 2.76 -5.21
C ILE A 122 -12.20 3.56 -5.27
N LEU A 123 -12.16 4.54 -6.18
CA LEU A 123 -10.94 5.30 -6.42
C LEU A 123 -10.48 6.06 -5.19
N ASN A 124 -11.41 6.69 -4.47
CA ASN A 124 -11.03 7.46 -3.28
C ASN A 124 -10.43 6.57 -2.20
N MET A 125 -10.87 5.32 -2.12
CA MET A 125 -10.30 4.37 -1.18
C MET A 125 -8.84 4.08 -1.54
N VAL A 126 -8.54 4.00 -2.84
CA VAL A 126 -7.18 3.76 -3.29
C VAL A 126 -6.24 4.86 -2.77
N ALA A 127 -6.72 6.10 -2.78
CA ALA A 127 -5.92 7.21 -2.26
C ALA A 127 -5.55 6.96 -0.80
N GLU A 128 -6.50 6.44 -0.02
CA GLU A 128 -6.24 6.13 1.38
C GLU A 128 -5.21 5.00 1.49
N ILE A 129 -5.35 3.99 0.63
CA ILE A 129 -4.37 2.90 0.60
C ILE A 129 -2.98 3.46 0.33
N LYS A 130 -2.89 4.40 -0.61
CA LYS A 130 -1.61 5.02 -0.94
C LYS A 130 -1.13 5.95 0.18
N ALA A 131 -2.02 6.81 0.65
CA ALA A 131 -1.62 7.88 1.57
C ALA A 131 -1.12 7.34 2.91
N LEU A 132 -1.79 6.32 3.43
CA LEU A 132 -1.49 5.83 4.77
C LEU A 132 -0.01 5.46 4.94
N LEU A 133 0.53 4.72 3.98
CA LEU A 133 1.91 4.25 4.08
C LEU A 133 2.87 5.39 3.79
N ILE A 134 2.65 6.08 2.68
CA ILE A 134 3.52 7.17 2.28
C ILE A 134 3.59 8.24 3.38
N ASN A 135 2.44 8.50 4.01
CA ASN A 135 2.39 9.49 5.10
C ASN A 135 2.67 8.88 6.48
N ILE A 136 3.22 7.67 6.51
CA ILE A 136 3.50 7.00 7.79
C ILE A 136 4.39 7.87 8.70
N TYR A 137 5.24 8.71 8.11
CA TYR A 137 6.15 9.54 8.89
C TYR A 137 5.40 10.34 9.95
N LYS A 138 6.12 10.73 11.00
CA LYS A 138 5.51 11.48 12.09
C LYS A 138 5.86 12.97 11.97
N GLU A 22 14.46 0.09 -11.17
CA GLU A 22 15.16 0.73 -10.06
C GLU A 22 16.43 1.41 -10.56
N ALA A 23 16.36 2.73 -10.76
CA ALA A 23 17.51 3.49 -11.20
C ALA A 23 18.60 3.45 -10.15
N ALA A 24 19.85 3.41 -10.58
CA ALA A 24 20.97 3.36 -9.64
C ALA A 24 21.00 4.62 -8.79
N ALA A 25 21.42 4.46 -7.53
CA ALA A 25 21.51 5.59 -6.61
C ALA A 25 22.77 5.47 -5.75
N ALA A 26 23.31 6.63 -5.35
CA ALA A 26 24.52 6.65 -4.56
C ALA A 26 24.30 6.02 -3.19
N ALA A 27 23.15 6.29 -2.58
CA ALA A 27 22.84 5.77 -1.25
C ALA A 27 21.83 4.64 -1.33
N ARG A 28 22.06 3.58 -0.56
CA ARG A 28 21.17 2.43 -0.55
C ARG A 28 19.78 2.81 -0.04
N ASP A 29 19.73 3.69 0.96
CA ASP A 29 18.46 4.08 1.55
C ASP A 29 17.54 4.70 0.51
N GLU A 30 18.11 5.51 -0.38
CA GLU A 30 17.33 6.10 -1.46
C GLU A 30 16.89 5.02 -2.46
N SER A 31 17.79 4.09 -2.75
CA SER A 31 17.48 3.00 -3.67
C SER A 31 16.30 2.17 -3.15
N ALA A 32 16.27 1.95 -1.84
CA ALA A 32 15.19 1.17 -1.24
C ALA A 32 13.85 1.88 -1.44
N TYR A 33 13.85 3.20 -1.30
CA TYR A 33 12.64 3.98 -1.48
C TYR A 33 12.09 3.80 -2.90
N LEU A 34 12.97 3.87 -3.88
CA LEU A 34 12.56 3.75 -5.28
C LEU A 34 11.87 2.42 -5.53
N LYS A 35 12.38 1.36 -4.91
CA LYS A 35 11.77 0.04 -5.07
C LYS A 35 10.32 0.05 -4.60
N LEU A 36 10.07 0.72 -3.48
CA LEU A 36 8.72 0.83 -2.96
C LEU A 36 7.83 1.63 -3.91
N GLN A 37 8.38 2.70 -4.48
CA GLN A 37 7.61 3.54 -5.39
C GLN A 37 7.13 2.73 -6.59
N GLU A 38 7.98 1.85 -7.10
CA GLU A 38 7.61 1.00 -8.23
C GLU A 38 6.51 0.02 -7.82
N GLN A 39 6.56 -0.47 -6.59
CA GLN A 39 5.59 -1.46 -6.12
C GLN A 39 4.18 -0.90 -6.17
N MET A 40 4.02 0.36 -5.80
CA MET A 40 2.70 0.99 -5.84
C MET A 40 2.14 0.98 -7.26
N ARG A 41 3.00 1.17 -8.26
CA ARG A 41 2.57 1.11 -9.65
C ARG A 41 1.88 -0.22 -9.95
N LYS A 42 2.38 -1.30 -9.36
CA LYS A 42 1.72 -2.59 -9.50
C LYS A 42 0.31 -2.53 -8.90
N ILE A 43 0.21 -1.91 -7.72
CA ILE A 43 -1.09 -1.76 -7.07
C ILE A 43 -2.00 -0.89 -7.93
N ASP A 44 -1.46 0.22 -8.42
CA ASP A 44 -2.23 1.14 -9.25
C ASP A 44 -2.61 0.49 -10.58
N ALA A 45 -1.68 -0.26 -11.17
CA ALA A 45 -1.93 -0.91 -12.44
C ALA A 45 -3.03 -1.96 -12.30
N ASP A 46 -2.92 -2.78 -11.27
CA ASP A 46 -3.96 -3.78 -10.99
C ASP A 46 -5.28 -3.08 -10.72
N ALA A 47 -5.23 -1.98 -9.97
CA ALA A 47 -6.43 -1.20 -9.69
C ALA A 47 -7.01 -0.63 -10.97
N ALA A 48 -6.13 -0.13 -11.84
CA ALA A 48 -6.57 0.41 -13.13
C ALA A 48 -7.20 -0.69 -13.99
N ALA A 49 -6.61 -1.89 -13.93
CA ALA A 49 -7.12 -3.00 -14.73
C ALA A 49 -8.50 -3.43 -14.24
N LEU A 50 -8.66 -3.57 -12.93
CA LEU A 50 -9.94 -4.00 -12.38
C LEU A 50 -10.96 -2.86 -12.33
N SER A 51 -10.48 -1.62 -12.15
CA SER A 51 -11.39 -0.47 -12.07
C SER A 51 -12.29 -0.39 -13.29
N GLU A 52 -11.76 -0.76 -14.46
CA GLU A 52 -12.54 -0.68 -15.69
C GLU A 52 -13.74 -1.63 -15.65
N THR A 53 -13.53 -2.83 -15.10
CA THR A 53 -14.59 -3.84 -15.05
C THR A 53 -15.41 -3.74 -13.77
N ARG A 54 -14.77 -3.32 -12.68
CA ARG A 54 -15.43 -3.27 -11.38
C ARG A 54 -15.97 -4.64 -11.00
N THR A 55 -15.07 -5.59 -10.78
CA THR A 55 -15.46 -6.95 -10.43
C THR A 55 -14.67 -7.48 -9.23
N ILE A 56 -15.33 -8.26 -8.40
CA ILE A 56 -14.71 -8.85 -7.21
C ILE A 56 -13.80 -10.05 -7.54
N GLU A 57 -13.95 -10.62 -8.72
CA GLU A 57 -13.25 -11.88 -9.04
C GLU A 57 -11.74 -11.74 -8.85
N GLU A 58 -11.18 -10.60 -9.25
CA GLU A 58 -9.74 -10.39 -9.16
C GLU A 58 -9.34 -9.46 -8.00
N LEU A 59 -10.25 -9.21 -7.07
CA LEU A 59 -9.94 -8.37 -5.91
C LEU A 59 -8.83 -8.98 -5.06
N ASP A 60 -8.85 -10.31 -4.94
CA ASP A 60 -7.87 -11.00 -4.12
C ASP A 60 -6.44 -10.68 -4.57
N THR A 61 -6.25 -10.58 -5.88
CA THR A 61 -4.92 -10.28 -6.41
C THR A 61 -4.45 -8.91 -5.94
N PHE A 62 -5.37 -7.96 -5.86
CA PHE A 62 -5.05 -6.63 -5.35
C PHE A 62 -4.58 -6.73 -3.90
N LYS A 63 -5.41 -7.30 -3.05
CA LYS A 63 -5.11 -7.35 -1.62
C LYS A 63 -3.78 -8.05 -1.37
N LEU A 64 -3.49 -9.09 -2.15
CA LEU A 64 -2.22 -9.79 -2.02
C LEU A 64 -1.05 -8.84 -2.29
N ASP A 65 -1.22 -7.99 -3.30
CA ASP A 65 -0.19 -7.00 -3.62
C ASP A 65 -0.06 -5.99 -2.49
N VAL A 66 -1.18 -5.58 -1.91
CA VAL A 66 -1.17 -4.65 -0.80
C VAL A 66 -0.44 -5.26 0.39
N ALA A 67 -0.69 -6.54 0.64
CA ALA A 67 -0.08 -7.22 1.77
C ALA A 67 1.44 -7.14 1.68
N ASP A 68 1.97 -7.36 0.48
CA ASP A 68 3.40 -7.19 0.25
C ASP A 68 3.81 -5.74 0.43
N PHE A 69 2.98 -4.83 -0.08
CA PHE A 69 3.26 -3.40 0.03
C PHE A 69 3.39 -3.00 1.49
N VAL A 70 2.47 -3.47 2.33
CA VAL A 70 2.55 -3.20 3.76
C VAL A 70 3.78 -3.88 4.35
N THR A 71 4.01 -5.13 3.97
CA THR A 71 5.14 -5.89 4.50
C THR A 71 6.45 -5.15 4.21
N THR A 72 6.59 -4.63 3.00
CA THR A 72 7.79 -3.90 2.63
C THR A 72 7.97 -2.67 3.51
N VAL A 73 6.87 -1.96 3.75
CA VAL A 73 6.91 -0.76 4.57
C VAL A 73 7.21 -1.12 6.03
N VAL A 74 6.52 -2.15 6.53
CA VAL A 74 6.71 -2.58 7.90
C VAL A 74 8.14 -3.09 8.09
N GLN A 75 8.61 -3.90 7.15
CA GLN A 75 9.98 -4.39 7.19
C GLN A 75 10.97 -3.23 7.17
N LEU A 76 10.67 -2.22 6.35
CA LEU A 76 11.50 -1.03 6.27
C LEU A 76 11.58 -0.33 7.62
N ALA A 77 10.48 -0.33 8.37
CA ALA A 77 10.43 0.31 9.68
C ALA A 77 11.47 -0.28 10.63
N GLU A 78 11.57 -1.61 10.64
CA GLU A 78 12.44 -2.29 11.59
C GLU A 78 13.92 -2.16 11.24
N GLU A 79 14.25 -2.23 9.95
CA GLU A 79 15.65 -2.34 9.55
C GLU A 79 16.32 -0.98 9.33
N LEU A 80 16.25 -0.42 8.12
CA LEU A 80 17.04 0.74 7.76
C LEU A 80 16.65 1.98 8.55
N GLU A 81 15.35 2.20 8.70
CA GLU A 81 14.86 3.43 9.33
C GLU A 81 15.27 3.51 10.80
N HIS A 82 15.28 2.38 11.48
CA HIS A 82 15.58 2.36 12.91
C HIS A 82 16.98 2.91 13.18
N ARG A 83 17.98 2.39 12.47
CA ARG A 83 19.35 2.84 12.67
C ARG A 83 19.50 4.32 12.33
N PHE A 84 18.86 4.75 11.26
CA PHE A 84 18.90 6.16 10.86
C PHE A 84 18.29 7.06 11.95
N GLY A 85 17.31 6.53 12.68
CA GLY A 85 16.63 7.32 13.71
C GLY A 85 15.31 7.93 13.24
N ARG A 86 15.03 7.89 11.93
CA ARG A 86 13.78 8.43 11.40
C ARG A 86 12.57 7.76 12.03
N ASN A 87 12.68 6.45 12.28
CA ASN A 87 11.56 5.70 12.84
C ASN A 87 11.72 5.52 14.35
N ARG A 88 10.90 6.24 15.11
CA ARG A 88 10.88 6.10 16.57
C ARG A 88 9.62 5.36 17.06
N ARG A 89 8.69 5.02 16.17
CA ARG A 89 7.47 4.32 16.57
C ARG A 89 7.81 2.90 17.03
N GLY A 90 7.05 2.39 17.99
CA GLY A 90 7.25 1.03 18.48
C GLY A 90 6.53 0.03 17.57
N ARG A 91 6.82 -1.24 17.77
CA ARG A 91 6.20 -2.29 16.95
C ARG A 91 4.68 -2.24 17.09
N THR A 92 4.20 -2.01 18.30
CA THR A 92 2.76 -1.98 18.54
C THR A 92 2.09 -0.87 17.76
N GLU A 93 2.72 0.29 17.72
CA GLU A 93 2.15 1.44 17.02
C GLU A 93 2.06 1.17 15.52
N ILE A 94 3.08 0.52 14.97
CA ILE A 94 3.09 0.19 13.56
C ILE A 94 1.98 -0.82 13.23
N TYR A 95 1.74 -1.76 14.14
CA TYR A 95 0.75 -2.81 13.89
C TYR A 95 -0.67 -2.25 13.81
N LYS A 96 -1.02 -1.35 14.73
CA LYS A 96 -2.39 -0.86 14.82
C LYS A 96 -2.81 -0.19 13.52
N ILE A 97 -1.94 0.67 12.99
CA ILE A 97 -2.25 1.39 11.76
C ILE A 97 -2.49 0.40 10.61
N VAL A 98 -1.70 -0.67 10.56
CA VAL A 98 -1.84 -1.68 9.53
C VAL A 98 -3.27 -2.26 9.57
N LYS A 99 -3.76 -2.53 10.78
CA LYS A 99 -5.11 -3.04 10.94
C LYS A 99 -6.12 -2.08 10.34
N GLU A 100 -5.91 -0.78 10.56
CA GLU A 100 -6.80 0.23 9.99
C GLU A 100 -6.75 0.22 8.47
N VAL A 101 -5.55 0.03 7.92
CA VAL A 101 -5.38 -0.02 6.47
C VAL A 101 -6.15 -1.20 5.90
N ASP A 102 -6.09 -2.33 6.58
CA ASP A 102 -6.79 -3.53 6.13
C ASP A 102 -8.29 -3.25 5.98
N ARG A 103 -8.85 -2.52 6.94
CA ARG A 103 -10.26 -2.16 6.88
C ARG A 103 -10.55 -1.35 5.63
N LYS A 104 -9.65 -0.43 5.29
CA LYS A 104 -9.84 0.40 4.10
C LYS A 104 -9.90 -0.47 2.86
N LEU A 105 -9.04 -1.49 2.80
CA LEU A 105 -9.09 -2.44 1.69
C LEU A 105 -10.43 -3.16 1.66
N LEU A 106 -10.95 -3.50 2.84
CA LEU A 106 -12.27 -4.11 2.93
C LEU A 106 -13.36 -3.14 2.51
N ASP A 107 -13.18 -1.86 2.84
CA ASP A 107 -14.16 -0.85 2.43
C ASP A 107 -14.31 -0.84 0.92
N LEU A 108 -13.20 -0.99 0.20
CA LEU A 108 -13.25 -1.10 -1.26
C LEU A 108 -14.04 -2.35 -1.65
N THR A 109 -13.84 -3.44 -0.92
CA THR A 109 -14.57 -4.67 -1.20
C THR A 109 -16.07 -4.45 -1.11
N ASP A 110 -16.48 -3.68 -0.11
CA ASP A 110 -17.90 -3.35 0.05
C ASP A 110 -18.42 -2.63 -1.19
N ALA A 111 -17.62 -1.74 -1.74
CA ALA A 111 -18.01 -1.01 -2.94
C ALA A 111 -18.07 -1.95 -4.13
N VAL A 112 -17.07 -2.80 -4.26
CA VAL A 112 -17.04 -3.78 -5.35
C VAL A 112 -18.23 -4.74 -5.21
N LEU A 113 -18.48 -5.19 -3.99
CA LEU A 113 -19.61 -6.06 -3.72
C LEU A 113 -20.92 -5.38 -4.11
N ALA A 114 -21.01 -4.08 -3.85
CA ALA A 114 -22.19 -3.30 -4.24
C ALA A 114 -22.34 -3.22 -5.77
N LYS A 115 -21.28 -3.48 -6.52
CA LYS A 115 -21.31 -3.43 -7.98
C LYS A 115 -21.55 -2.00 -8.45
N GLU A 116 -20.77 -1.07 -7.91
CA GLU A 116 -20.86 0.33 -8.32
C GLU A 116 -20.55 0.44 -9.81
N LYS A 117 -21.27 1.31 -10.51
CA LYS A 117 -21.10 1.44 -11.96
C LYS A 117 -20.27 2.67 -12.35
N LYS A 118 -19.39 3.10 -11.45
CA LYS A 118 -18.49 4.23 -11.75
C LYS A 118 -17.04 3.83 -11.48
N GLY A 119 -16.14 4.27 -12.35
CA GLY A 119 -14.75 3.84 -12.28
C GLY A 119 -13.89 4.82 -11.48
N GLU A 120 -14.07 6.11 -11.71
CA GLU A 120 -13.24 7.12 -11.06
C GLU A 120 -13.35 7.01 -9.54
N ASP A 121 -14.54 6.69 -9.05
CA ASP A 121 -14.74 6.51 -7.60
C ASP A 121 -13.86 5.38 -7.07
N ILE A 122 -13.70 4.32 -7.86
CA ILE A 122 -12.88 3.19 -7.44
C ILE A 122 -11.46 3.66 -7.14
N LEU A 123 -10.87 4.41 -8.08
CA LEU A 123 -9.52 4.91 -7.91
C LEU A 123 -9.44 5.92 -6.76
N ASN A 124 -10.49 6.73 -6.60
CA ASN A 124 -10.50 7.75 -5.56
C ASN A 124 -10.26 7.12 -4.19
N MET A 125 -10.92 6.00 -3.92
CA MET A 125 -10.74 5.30 -2.66
C MET A 125 -9.33 4.73 -2.55
N VAL A 126 -8.81 4.22 -3.66
CA VAL A 126 -7.47 3.63 -3.68
C VAL A 126 -6.43 4.66 -3.22
N ALA A 127 -6.61 5.91 -3.63
CA ALA A 127 -5.68 6.96 -3.26
C ALA A 127 -5.58 7.06 -1.73
N GLU A 128 -6.70 6.94 -1.05
CA GLU A 128 -6.71 6.98 0.41
C GLU A 128 -5.98 5.77 0.98
N ILE A 129 -6.16 4.61 0.36
CA ILE A 129 -5.50 3.39 0.80
C ILE A 129 -3.99 3.58 0.82
N LYS A 130 -3.46 4.13 -0.28
CA LYS A 130 -2.02 4.39 -0.39
C LYS A 130 -1.59 5.45 0.63
N ALA A 131 -2.43 6.47 0.82
CA ALA A 131 -2.08 7.58 1.68
C ALA A 131 -1.89 7.13 3.13
N LEU A 132 -2.77 6.26 3.60
CA LEU A 132 -2.66 5.75 4.96
C LEU A 132 -1.52 4.76 5.09
N LEU A 133 -1.33 3.93 4.07
CA LEU A 133 -0.37 2.83 4.13
C LEU A 133 1.07 3.33 4.29
N ILE A 134 1.41 4.44 3.64
CA ILE A 134 2.76 4.97 3.72
C ILE A 134 3.07 5.54 5.10
N ASN A 135 2.04 6.03 5.81
CA ASN A 135 2.25 6.71 7.09
C ASN A 135 2.20 5.76 8.29
N ILE A 136 2.22 4.44 8.06
CA ILE A 136 2.16 3.49 9.17
C ILE A 136 3.28 3.75 10.18
N TYR A 137 4.49 4.00 9.68
CA TYR A 137 5.63 4.19 10.58
C TYR A 137 5.92 5.68 10.88
N LYS A 138 4.95 6.55 10.64
CA LYS A 138 5.12 7.97 10.91
C LYS A 138 4.33 8.39 12.14
N GLU A 22 18.80 0.97 -15.30
CA GLU A 22 19.39 2.30 -15.26
C GLU A 22 20.25 2.47 -14.02
N ALA A 23 20.87 3.65 -13.88
CA ALA A 23 21.73 3.93 -12.74
C ALA A 23 20.94 3.88 -11.44
N ALA A 24 21.58 3.39 -10.38
CA ALA A 24 20.92 3.31 -9.08
C ALA A 24 21.93 3.55 -7.96
N ALA A 25 21.44 4.06 -6.83
CA ALA A 25 22.31 4.33 -5.69
C ALA A 25 22.80 3.03 -5.06
N ALA A 26 24.07 3.01 -4.68
CA ALA A 26 24.66 1.82 -4.05
C ALA A 26 24.04 1.56 -2.68
N ALA A 27 23.75 2.63 -1.94
CA ALA A 27 23.20 2.49 -0.60
C ALA A 27 21.87 1.76 -0.62
N ARG A 28 21.69 0.82 0.30
CA ARG A 28 20.46 0.04 0.37
C ARG A 28 19.27 0.94 0.69
N ASP A 29 19.48 1.91 1.57
CA ASP A 29 18.40 2.79 1.98
C ASP A 29 17.81 3.54 0.77
N GLU A 30 18.69 4.07 -0.07
CA GLU A 30 18.25 4.75 -1.27
C GLU A 30 17.72 3.77 -2.30
N SER A 31 18.39 2.63 -2.42
CA SER A 31 17.97 1.59 -3.37
C SER A 31 16.57 1.08 -3.03
N ALA A 32 16.30 0.92 -1.74
CA ALA A 32 15.00 0.41 -1.30
C ALA A 32 13.89 1.39 -1.68
N TYR A 33 14.17 2.68 -1.51
CA TYR A 33 13.16 3.70 -1.82
C TYR A 33 12.73 3.62 -3.28
N LEU A 34 13.70 3.41 -4.17
CA LEU A 34 13.39 3.34 -5.60
C LEU A 34 12.43 2.19 -5.90
N LYS A 35 12.67 1.05 -5.27
CA LYS A 35 11.82 -0.13 -5.50
C LYS A 35 10.39 0.15 -5.05
N LEU A 36 10.25 0.80 -3.90
CA LEU A 36 8.92 1.11 -3.37
C LEU A 36 8.20 2.07 -4.30
N GLN A 37 8.92 3.03 -4.87
CA GLN A 37 8.33 3.99 -5.79
C GLN A 37 7.78 3.28 -7.03
N GLU A 38 8.53 2.30 -7.53
CA GLU A 38 8.09 1.54 -8.69
C GLU A 38 6.80 0.77 -8.39
N GLN A 39 6.69 0.25 -7.17
CA GLN A 39 5.49 -0.47 -6.77
C GLN A 39 4.26 0.43 -6.84
N MET A 40 4.42 1.69 -6.41
CA MET A 40 3.33 2.65 -6.46
C MET A 40 2.76 2.77 -7.87
N ARG A 41 3.64 2.80 -8.86
CA ARG A 41 3.21 2.91 -10.24
C ARG A 41 2.28 1.76 -10.61
N LYS A 42 2.54 0.58 -10.06
CA LYS A 42 1.72 -0.59 -10.33
C LYS A 42 0.35 -0.48 -9.66
N ILE A 43 0.30 0.09 -8.45
CA ILE A 43 -0.95 0.16 -7.71
C ILE A 43 -2.01 0.91 -8.52
N ASP A 44 -1.59 2.02 -9.13
CA ASP A 44 -2.49 2.81 -9.96
C ASP A 44 -3.02 1.99 -11.12
N ALA A 45 -2.16 1.17 -11.71
CA ALA A 45 -2.56 0.32 -12.83
C ALA A 45 -3.64 -0.66 -12.39
N ASP A 46 -3.45 -1.24 -11.20
CA ASP A 46 -4.43 -2.16 -10.65
C ASP A 46 -5.78 -1.46 -10.45
N ALA A 47 -5.72 -0.21 -9.99
CA ALA A 47 -6.94 0.56 -9.75
C ALA A 47 -7.72 0.76 -11.05
N ALA A 48 -7.01 1.01 -12.14
CA ALA A 48 -7.65 1.22 -13.43
C ALA A 48 -8.40 -0.05 -13.86
N ALA A 49 -7.76 -1.19 -13.68
CA ALA A 49 -8.38 -2.47 -14.02
C ALA A 49 -9.55 -2.77 -13.08
N LEU A 50 -9.35 -2.50 -11.79
CA LEU A 50 -10.39 -2.74 -10.80
C LEU A 50 -11.65 -1.93 -11.11
N SER A 51 -11.45 -0.69 -11.54
CA SER A 51 -12.58 0.19 -11.86
C SER A 51 -13.39 -0.36 -13.04
N GLU A 52 -12.70 -0.98 -14.00
CA GLU A 52 -13.37 -1.51 -15.18
C GLU A 52 -14.02 -2.86 -14.89
N THR A 53 -13.23 -3.80 -14.38
CA THR A 53 -13.74 -5.14 -14.11
C THR A 53 -14.65 -5.16 -12.88
N ARG A 54 -14.20 -4.49 -11.82
CA ARG A 54 -14.95 -4.45 -10.56
C ARG A 54 -15.30 -5.86 -10.09
N THR A 55 -14.29 -6.71 -9.99
CA THR A 55 -14.49 -8.09 -9.55
C THR A 55 -13.51 -8.45 -8.44
N ILE A 56 -13.92 -9.39 -7.59
CA ILE A 56 -13.10 -9.81 -6.46
C ILE A 56 -11.78 -10.42 -6.90
N GLU A 57 -11.77 -11.08 -8.06
CA GLU A 57 -10.55 -11.75 -8.54
C GLU A 57 -9.40 -10.76 -8.65
N GLU A 58 -9.68 -9.58 -9.20
CA GLU A 58 -8.66 -8.54 -9.32
C GLU A 58 -8.32 -7.96 -7.95
N LEU A 59 -9.35 -7.78 -7.13
CA LEU A 59 -9.15 -7.22 -5.79
C LEU A 59 -8.25 -8.11 -4.95
N ASP A 60 -8.41 -9.42 -5.09
CA ASP A 60 -7.63 -10.36 -4.30
C ASP A 60 -6.14 -10.14 -4.52
N THR A 61 -5.76 -9.88 -5.77
CA THR A 61 -4.36 -9.63 -6.08
C THR A 61 -3.90 -8.28 -5.54
N PHE A 62 -4.80 -7.29 -5.58
CA PHE A 62 -4.46 -5.94 -5.12
C PHE A 62 -4.05 -5.96 -3.65
N LYS A 63 -4.80 -6.69 -2.83
CA LYS A 63 -4.51 -6.77 -1.41
C LYS A 63 -3.12 -7.36 -1.18
N LEU A 64 -2.79 -8.39 -1.95
CA LEU A 64 -1.49 -9.03 -1.83
C LEU A 64 -0.37 -8.07 -2.24
N ASP A 65 -0.62 -7.30 -3.30
CA ASP A 65 0.37 -6.33 -3.77
C ASP A 65 0.65 -5.29 -2.69
N VAL A 66 -0.41 -4.82 -2.05
CA VAL A 66 -0.28 -3.85 -0.97
C VAL A 66 0.40 -4.50 0.24
N ALA A 67 0.03 -5.74 0.53
CA ALA A 67 0.61 -6.45 1.68
C ALA A 67 2.12 -6.53 1.55
N ASP A 68 2.59 -6.96 0.38
CA ASP A 68 4.03 -6.98 0.10
C ASP A 68 4.61 -5.56 0.17
N PHE A 69 3.85 -4.59 -0.34
CA PHE A 69 4.31 -3.20 -0.35
C PHE A 69 4.52 -2.68 1.07
N VAL A 70 3.55 -2.92 1.95
CA VAL A 70 3.62 -2.39 3.31
C VAL A 70 4.64 -3.16 4.15
N THR A 71 4.75 -4.47 3.92
CA THR A 71 5.68 -5.29 4.69
C THR A 71 7.11 -4.74 4.57
N THR A 72 7.50 -4.41 3.35
CA THR A 72 8.83 -3.88 3.11
C THR A 72 9.03 -2.58 3.88
N VAL A 73 8.00 -1.73 3.90
CA VAL A 73 8.09 -0.45 4.58
C VAL A 73 8.22 -0.63 6.09
N VAL A 74 7.32 -1.40 6.68
CA VAL A 74 7.36 -1.62 8.13
C VAL A 74 8.62 -2.38 8.54
N GLN A 75 9.02 -3.34 7.72
CA GLN A 75 10.29 -4.02 7.95
C GLN A 75 11.46 -3.03 7.97
N LEU A 76 11.41 -2.04 7.08
CA LEU A 76 12.44 -1.01 7.02
C LEU A 76 12.45 -0.21 8.33
N ALA A 77 11.27 0.07 8.86
CA ALA A 77 11.16 0.84 10.10
C ALA A 77 11.83 0.09 11.24
N GLU A 78 11.61 -1.22 11.29
CA GLU A 78 12.23 -2.06 12.33
C GLU A 78 13.75 -2.06 12.17
N GLU A 79 14.22 -2.11 10.92
CA GLU A 79 15.65 -2.15 10.65
C GLU A 79 16.35 -0.90 11.19
N LEU A 80 15.70 0.25 11.05
CA LEU A 80 16.28 1.51 11.49
C LEU A 80 16.54 1.49 13.00
N GLU A 81 15.63 0.88 13.75
CA GLU A 81 15.77 0.82 15.21
C GLU A 81 17.01 0.03 15.59
N HIS A 82 17.27 -1.06 14.87
CA HIS A 82 18.44 -1.89 15.16
C HIS A 82 19.72 -1.11 14.93
N ARG A 83 19.85 -0.49 13.76
CA ARG A 83 21.04 0.26 13.42
C ARG A 83 21.15 1.55 14.23
N PHE A 84 20.05 2.28 14.33
CA PHE A 84 20.04 3.55 15.05
C PHE A 84 19.65 3.36 16.51
N GLY A 85 18.42 2.92 16.76
CA GLY A 85 17.94 2.73 18.13
C GLY A 85 16.48 3.10 18.26
N ARG A 86 16.13 4.32 17.82
CA ARG A 86 14.76 4.80 17.95
C ARG A 86 14.20 5.23 16.60
N ASN A 87 12.88 5.11 16.44
CA ASN A 87 12.21 5.54 15.21
C ASN A 87 11.22 6.67 15.52
N ARG A 88 11.09 7.59 14.57
CA ARG A 88 10.12 8.67 14.69
C ARG A 88 8.71 8.13 14.95
N ARG A 89 8.41 6.94 14.42
CA ARG A 89 7.15 6.25 14.73
C ARG A 89 7.45 4.88 15.32
N GLY A 90 6.65 4.48 16.31
CA GLY A 90 6.87 3.21 16.99
C GLY A 90 6.28 2.05 16.19
N ARG A 91 6.54 0.83 16.66
CA ARG A 91 6.06 -0.36 15.97
C ARG A 91 4.54 -0.34 15.87
N THR A 92 3.88 0.03 16.96
CA THR A 92 2.42 0.01 17.01
C THR A 92 1.81 1.08 16.11
N GLU A 93 2.47 2.24 16.04
CA GLU A 93 1.94 3.35 15.25
C GLU A 93 1.93 3.00 13.77
N ILE A 94 2.98 2.33 13.30
CA ILE A 94 3.07 1.96 11.89
C ILE A 94 2.00 0.93 11.53
N TYR A 95 1.76 -0.02 12.42
CA TYR A 95 0.80 -1.08 12.14
C TYR A 95 -0.62 -0.52 11.97
N LYS A 96 -0.95 0.52 12.72
CA LYS A 96 -2.29 1.07 12.70
C LYS A 96 -2.71 1.44 11.28
N ILE A 97 -1.79 2.05 10.54
CA ILE A 97 -2.08 2.41 9.15
C ILE A 97 -2.30 1.16 8.31
N VAL A 98 -1.54 0.10 8.59
CA VAL A 98 -1.63 -1.13 7.81
C VAL A 98 -3.04 -1.70 7.86
N LYS A 99 -3.62 -1.77 9.07
CA LYS A 99 -4.94 -2.34 9.23
C LYS A 99 -6.04 -1.38 8.75
N GLU A 100 -5.88 -0.09 9.04
CA GLU A 100 -6.86 0.89 8.59
C GLU A 100 -6.97 0.91 7.07
N VAL A 101 -5.84 0.74 6.39
CA VAL A 101 -5.86 0.64 4.93
C VAL A 101 -6.62 -0.63 4.51
N ASP A 102 -6.40 -1.72 5.23
CA ASP A 102 -7.10 -2.96 4.92
C ASP A 102 -8.60 -2.76 4.98
N ARG A 103 -9.07 -1.99 5.96
CA ARG A 103 -10.49 -1.69 6.08
C ARG A 103 -10.99 -1.02 4.81
N LYS A 104 -10.19 -0.09 4.27
CA LYS A 104 -10.52 0.54 3.01
C LYS A 104 -10.59 -0.50 1.89
N LEU A 105 -9.63 -1.44 1.90
CA LEU A 105 -9.64 -2.52 0.92
C LEU A 105 -10.87 -3.40 1.11
N LEU A 106 -11.26 -3.63 2.36
CA LEU A 106 -12.48 -4.39 2.64
C LEU A 106 -13.70 -3.65 2.09
N ASP A 107 -13.71 -2.33 2.20
CA ASP A 107 -14.80 -1.53 1.64
C ASP A 107 -14.90 -1.78 0.13
N LEU A 108 -13.76 -1.88 -0.53
CA LEU A 108 -13.74 -2.22 -1.96
C LEU A 108 -14.38 -3.60 -2.16
N THR A 109 -14.03 -4.54 -1.28
CA THR A 109 -14.65 -5.87 -1.33
C THR A 109 -16.15 -5.75 -1.14
N ASP A 110 -16.55 -4.93 -0.17
CA ASP A 110 -17.98 -4.70 0.09
C ASP A 110 -18.67 -4.19 -1.18
N ALA A 111 -17.99 -3.32 -1.91
CA ALA A 111 -18.53 -2.83 -3.18
C ALA A 111 -18.70 -3.97 -4.18
N VAL A 112 -17.73 -4.90 -4.18
CA VAL A 112 -17.80 -6.05 -5.07
C VAL A 112 -19.02 -6.89 -4.73
N LEU A 113 -19.22 -7.13 -3.43
CA LEU A 113 -20.41 -7.85 -2.98
C LEU A 113 -21.67 -7.02 -3.26
N ALA A 114 -21.56 -5.71 -3.09
CA ALA A 114 -22.67 -4.80 -3.40
C ALA A 114 -23.06 -4.84 -4.88
N LYS A 115 -22.12 -5.21 -5.75
CA LYS A 115 -22.38 -5.29 -7.19
C LYS A 115 -22.71 -3.91 -7.75
N GLU A 116 -21.95 -2.90 -7.32
CA GLU A 116 -22.14 -1.54 -7.79
C GLU A 116 -21.99 -1.48 -9.31
N LYS A 117 -22.81 -0.66 -9.95
CA LYS A 117 -22.76 -0.52 -11.41
C LYS A 117 -21.79 0.56 -11.89
N LYS A 118 -21.18 1.32 -10.96
CA LYS A 118 -20.26 2.38 -11.35
C LYS A 118 -18.97 2.30 -10.52
N GLY A 119 -17.85 2.60 -11.17
CA GLY A 119 -16.55 2.55 -10.49
C GLY A 119 -16.05 3.92 -10.03
N GLU A 120 -16.83 4.98 -10.21
CA GLU A 120 -16.42 6.31 -9.79
C GLU A 120 -16.18 6.35 -8.29
N ASP A 121 -17.07 5.70 -7.53
CA ASP A 121 -16.89 5.60 -6.08
C ASP A 121 -15.62 4.82 -5.75
N ILE A 122 -15.37 3.75 -6.50
CA ILE A 122 -14.21 2.91 -6.27
C ILE A 122 -12.92 3.70 -6.47
N LEU A 123 -12.91 4.57 -7.49
CA LEU A 123 -11.70 5.29 -7.86
C LEU A 123 -11.18 6.14 -6.70
N ASN A 124 -12.09 6.84 -6.02
CA ASN A 124 -11.67 7.71 -4.91
C ASN A 124 -11.25 6.90 -3.69
N MET A 125 -11.87 5.75 -3.48
CA MET A 125 -11.48 4.87 -2.38
C MET A 125 -10.02 4.45 -2.51
N VAL A 126 -9.58 4.21 -3.74
CA VAL A 126 -8.17 3.90 -3.99
C VAL A 126 -7.28 5.05 -3.53
N ALA A 127 -7.74 6.29 -3.76
CA ALA A 127 -7.00 7.46 -3.32
C ALA A 127 -6.72 7.41 -1.83
N GLU A 128 -7.67 6.90 -1.06
CA GLU A 128 -7.49 6.74 0.38
C GLU A 128 -6.35 5.75 0.66
N ILE A 129 -6.26 4.69 -0.15
CA ILE A 129 -5.17 3.74 0.00
C ILE A 129 -3.83 4.44 -0.18
N LYS A 130 -3.71 5.16 -1.29
CA LYS A 130 -2.49 5.90 -1.58
C LYS A 130 -2.23 6.97 -0.53
N ALA A 131 -3.30 7.63 -0.07
CA ALA A 131 -3.15 8.73 0.87
C ALA A 131 -2.43 8.26 2.13
N LEU A 132 -2.95 7.21 2.74
CA LEU A 132 -2.33 6.66 3.96
C LEU A 132 -0.99 6.00 3.64
N LEU A 133 -0.91 5.33 2.50
CA LEU A 133 0.24 4.51 2.16
C LEU A 133 1.52 5.33 1.96
N ILE A 134 1.41 6.43 1.22
CA ILE A 134 2.58 7.29 0.97
C ILE A 134 3.03 7.99 2.25
N ASN A 135 2.08 8.49 3.04
CA ASN A 135 2.41 9.22 4.26
C ASN A 135 2.26 8.35 5.51
N ILE A 136 2.43 7.05 5.37
CA ILE A 136 2.30 6.13 6.50
C ILE A 136 3.27 6.48 7.62
N TYR A 137 4.44 7.02 7.27
CA TYR A 137 5.47 7.34 8.26
C TYR A 137 5.60 8.83 8.50
N LYS A 138 4.49 9.57 8.34
CA LYS A 138 4.50 11.01 8.60
C LYS A 138 3.50 11.36 9.68
#